data_6CQH
#
_entry.id   6CQH
#
_cell.length_a   92.492
_cell.length_b   96.560
_cell.length_c   193.395
_cell.angle_alpha   90.00
_cell.angle_beta   90.00
_cell.angle_gamma   90.00
#
_symmetry.space_group_name_H-M   'P 21 21 21'
#
loop_
_entity.id
_entity.type
_entity.pdbx_description
1 polymer 'Serine/threonine-protein kinase VRK1'
2 non-polymer (7R)-2-[(3,5-difluoro-4-hydroxyphenyl)amino]-8-ethyl-7-methyl-5-(prop-2-yn-1-yl)-7,8-dihydropteridin-6(5H)-one
3 non-polymer 'SULFATE ION'
4 non-polymer 'ACETATE ION'
5 non-polymer GLYCEROL
6 non-polymer 'CHLORIDE ION'
7 water water
#
_entity_poly.entity_id   1
_entity_poly.type   'polypeptide(L)'
_entity_poly.pdbx_seq_one_letter_code
;SMRVKAAQAGRQSSAKRHLAEQFAVGEIITDMAAAAWKVGLPIGQGGFGCIYLADMNSSESVGSDAPCVVKVEPSDNGPL
FTELKFYQRAAKPEQIQKWIRTRKLKYLGVPKYWGSGLHDKNGKSYRFMIMDRFGSDLQKIYEANAKRFSRKTVLQLSLR
ILDILEYIHEHEYVHGDIKASNLLLNYKNPDQVYLVDYGLAYRYCPEGVHKAYAADPKRCHDGTIEFTSIDAHNGVAPSR
RGDLEILGYCMIQWLTGHLPWEDNLKDPKYVRDSKIRYRENIASLMDKCFPAANAPGEIAKYMETVKLLDYTEKPLYENL
RDILLQGLKAIGSKDDGKLDLSVVENGGLKAKTITKKRAAEIEE
;
_entity_poly.pdbx_strand_id   A,B,C,D
#
loop_
_chem_comp.id
_chem_comp.type
_chem_comp.name
_chem_comp.formula
ACT non-polymer 'ACETATE ION' 'C2 H3 O2 -1'
CL non-polymer 'CHLORIDE ION' 'Cl -1'
F8Y non-polymer (7R)-2-[(3,5-difluoro-4-hydroxyphenyl)amino]-8-ethyl-7-methyl-5-(prop-2-yn-1-yl)-7,8-dihydropteridin-6(5H)-one 'C18 H17 F2 N5 O2'
GOL non-polymer GLYCEROL 'C3 H8 O3'
SO4 non-polymer 'SULFATE ION' 'O4 S -2'
#
# COMPACT_ATOMS: atom_id res chain seq x y z
N ALA A 20 37.72 -11.52 43.95
CA ALA A 20 38.78 -12.07 43.04
C ALA A 20 39.26 -11.06 41.98
N GLU A 21 40.30 -10.27 42.34
CA GLU A 21 40.90 -9.22 41.46
C GLU A 21 41.06 -9.66 39.99
N GLN A 22 40.49 -8.90 39.07
CA GLN A 22 40.64 -9.22 37.66
C GLN A 22 41.87 -8.58 37.00
N PHE A 23 42.36 -7.48 37.57
CA PHE A 23 43.51 -6.74 37.05
C PHE A 23 44.55 -6.49 38.14
N ALA A 24 45.79 -6.24 37.69
CA ALA A 24 46.82 -5.61 38.50
C ALA A 24 46.70 -4.15 38.14
N VAL A 25 46.61 -3.29 39.15
CA VAL A 25 46.36 -1.87 38.94
C VAL A 25 47.51 -1.24 38.16
N GLY A 26 47.15 -0.46 37.14
CA GLY A 26 48.13 0.16 36.25
C GLY A 26 48.62 -0.69 35.09
N GLU A 27 48.09 -1.92 34.94
CA GLU A 27 48.53 -2.75 33.83
C GLU A 27 47.92 -2.27 32.53
N ILE A 28 48.60 -2.62 31.45
CA ILE A 28 48.20 -2.26 30.11
C ILE A 28 47.47 -3.43 29.49
N ILE A 29 46.28 -3.21 28.97
CA ILE A 29 45.53 -4.27 28.32
C ILE A 29 45.29 -3.87 26.85
N THR A 30 45.37 -4.83 25.95
CA THR A 30 45.24 -4.56 24.53
C THR A 30 43.92 -5.18 24.05
N ASP A 31 43.09 -4.38 23.37
CA ASP A 31 41.80 -4.86 22.86
C ASP A 31 41.96 -5.57 21.50
N MET A 32 40.84 -6.06 20.94
CA MET A 32 40.85 -6.88 19.74
C MET A 32 41.37 -6.15 18.48
N ALA A 33 41.25 -4.82 18.48
CA ALA A 33 41.75 -3.96 17.40
C ALA A 33 43.12 -3.37 17.71
N ALA A 34 43.83 -3.98 18.68
CA ALA A 34 45.19 -3.63 19.09
C ALA A 34 45.37 -2.22 19.69
N ALA A 35 44.27 -1.59 20.09
CA ALA A 35 44.35 -0.36 20.87
C ALA A 35 44.73 -0.73 22.32
N ALA A 36 45.65 0.06 22.88
CA ALA A 36 46.19 -0.15 24.22
C ALA A 36 45.53 0.76 25.26
N TRP A 37 45.18 0.19 26.41
CA TRP A 37 44.56 0.89 27.53
C TRP A 37 45.24 0.54 28.82
N LYS A 38 45.14 1.44 29.78
CA LYS A 38 45.69 1.24 31.11
C LYS A 38 44.52 1.21 32.07
N VAL A 39 44.62 0.37 33.10
CA VAL A 39 43.56 0.21 34.11
C VAL A 39 43.89 0.99 35.37
N GLY A 40 42.86 1.57 35.97
CA GLY A 40 42.98 2.31 37.21
C GLY A 40 42.07 1.74 38.29
N LEU A 41 41.69 2.59 39.24
CA LEU A 41 40.93 2.20 40.42
C LEU A 41 39.44 1.95 40.10
N PRO A 42 38.74 1.21 40.99
CA PRO A 42 37.31 1.05 40.75
C PRO A 42 36.53 2.35 41.01
N ILE A 43 35.42 2.49 40.31
CA ILE A 43 34.59 3.68 40.46
C ILE A 43 33.56 3.53 41.59
N GLY A 44 33.37 4.61 42.35
CA GLY A 44 32.34 4.67 43.36
C GLY A 44 32.28 3.56 44.45
N GLN A 45 33.42 3.09 44.87
CA GLN A 45 33.49 2.03 45.88
C GLN A 45 32.57 0.81 45.65
N PHE A 48 28.63 -0.44 42.54
CA PHE A 48 28.51 -0.49 41.08
C PHE A 48 29.34 -1.58 40.37
N GLY A 49 29.67 -2.69 41.07
CA GLY A 49 30.25 -3.90 40.43
C GLY A 49 31.62 -3.72 39.78
N CYS A 50 32.02 -4.67 38.93
CA CYS A 50 33.41 -4.71 38.39
C CYS A 50 33.65 -3.73 37.23
N ILE A 51 33.79 -2.46 37.58
CA ILE A 51 34.01 -1.40 36.62
C ILE A 51 35.14 -0.56 37.19
N TYR A 52 36.13 -0.28 36.36
CA TYR A 52 37.29 0.49 36.77
C TYR A 52 37.60 1.66 35.86
N LEU A 53 38.17 2.72 36.42
CA LEU A 53 38.63 3.83 35.59
C LEU A 53 39.63 3.29 34.57
N ALA A 54 39.67 3.91 33.39
CA ALA A 54 40.55 3.50 32.31
C ALA A 54 40.93 4.70 31.43
N ASP A 55 42.14 4.66 30.89
CA ASP A 55 42.60 5.68 29.94
C ASP A 55 43.40 5.00 28.85
N MET A 56 43.69 5.77 27.80
CA MET A 56 44.69 5.40 26.80
C MET A 56 45.99 5.09 27.49
N ASN A 57 46.71 4.11 26.96
CA ASN A 57 48.06 3.80 27.41
C ASN A 57 48.94 5.04 27.28
N SER A 58 49.68 5.34 28.33
CA SER A 58 50.66 6.43 28.35
C SER A 58 51.60 6.14 29.52
N SER A 59 52.58 7.01 29.74
CA SER A 59 53.44 6.90 30.90
C SER A 59 52.75 7.32 32.22
N GLU A 60 51.71 8.15 32.16
CA GLU A 60 50.99 8.60 33.37
C GLU A 60 50.08 7.48 33.93
N SER A 61 49.79 7.52 35.23
CA SER A 61 48.80 6.64 35.84
C SER A 61 47.41 7.06 35.40
N VAL A 62 46.48 6.12 35.44
CA VAL A 62 45.07 6.43 35.23
C VAL A 62 44.57 7.27 36.41
N GLY A 63 44.14 8.50 36.13
CA GLY A 63 43.73 9.45 37.18
C GLY A 63 42.24 9.37 37.50
N SER A 64 41.81 10.09 38.54
CA SER A 64 40.40 10.09 38.96
C SER A 64 39.48 10.89 38.02
N ASP A 65 40.10 11.70 37.14
CA ASP A 65 39.41 12.37 36.04
C ASP A 65 39.50 11.55 34.71
N ALA A 66 39.78 10.25 34.79
CA ALA A 66 39.87 9.42 33.60
C ALA A 66 38.60 9.49 32.73
N PRO A 67 38.76 9.47 31.40
CA PRO A 67 37.61 9.65 30.51
C PRO A 67 36.92 8.34 30.08
N CYS A 68 37.47 7.20 30.45
CA CYS A 68 36.87 5.91 30.09
C CYS A 68 36.74 5.03 31.32
N VAL A 69 35.93 3.99 31.19
CA VAL A 69 35.88 2.92 32.15
C VAL A 69 36.06 1.61 31.41
N VAL A 70 36.57 0.63 32.14
CA VAL A 70 36.59 -0.74 31.67
C VAL A 70 35.64 -1.56 32.55
N LYS A 71 34.74 -2.28 31.88
CA LYS A 71 33.84 -3.24 32.49
C LYS A 71 34.43 -4.62 32.24
N VAL A 72 34.43 -5.46 33.27
CA VAL A 72 35.07 -6.79 33.17
C VAL A 72 34.21 -7.82 33.91
N GLU A 73 33.89 -8.91 33.22
CA GLU A 73 33.12 -10.01 33.78
C GLU A 73 33.68 -11.31 33.22
N PRO A 74 33.40 -12.44 33.88
CA PRO A 74 33.83 -13.69 33.25
C PRO A 74 33.28 -13.83 31.84
N SER A 75 34.03 -14.50 30.97
CA SER A 75 33.66 -14.65 29.59
C SER A 75 32.37 -15.45 29.38
N ASP A 76 32.01 -16.30 30.34
CA ASP A 76 30.69 -16.96 30.31
C ASP A 76 29.51 -16.09 30.87
N ASN A 77 29.76 -14.82 31.19
CA ASN A 77 28.71 -13.91 31.66
C ASN A 77 27.81 -13.51 30.47
N GLY A 78 26.56 -14.00 30.52
CA GLY A 78 25.57 -13.69 29.49
C GLY A 78 25.32 -12.20 29.26
N PRO A 79 25.04 -11.44 30.34
CA PRO A 79 24.73 -10.02 30.15
C PRO A 79 25.83 -9.18 29.51
N LEU A 80 27.09 -9.43 29.86
CA LEU A 80 28.17 -8.63 29.26
C LEU A 80 28.28 -8.90 27.76
N PHE A 81 28.14 -10.17 27.36
CA PHE A 81 28.12 -10.52 25.93
C PHE A 81 26.95 -9.81 25.20
N THR A 82 25.77 -9.85 25.80
CA THR A 82 24.59 -9.19 25.22
C THR A 82 24.81 -7.68 25.05
N GLU A 83 25.34 -7.04 26.09
CA GLU A 83 25.65 -5.62 26.09
C GLU A 83 26.73 -5.27 25.06
N LEU A 84 27.78 -6.09 25.00
CA LEU A 84 28.86 -5.89 24.02
C LEU A 84 28.31 -5.96 22.58
N LYS A 85 27.44 -6.95 22.33
CA LYS A 85 26.82 -7.10 21.02
C LYS A 85 25.98 -5.88 20.66
N PHE A 86 25.26 -5.32 21.63
CA PHE A 86 24.49 -4.09 21.39
C PHE A 86 25.45 -2.94 21.01
N TYR A 87 26.47 -2.75 21.82
CA TYR A 87 27.43 -1.66 21.57
C TYR A 87 28.13 -1.79 20.19
N GLN A 88 28.57 -2.98 19.82
CA GLN A 88 29.18 -3.23 18.51
C GLN A 88 28.22 -3.02 17.34
N ARG A 89 26.95 -3.35 17.52
CA ARG A 89 25.97 -3.25 16.42
C ARG A 89 25.36 -1.86 16.26
N ALA A 90 25.18 -1.15 17.37
CA ALA A 90 24.46 0.11 17.38
C ALA A 90 25.19 1.32 17.96
N ALA A 91 26.30 1.14 18.67
CA ALA A 91 26.92 2.27 19.37
C ALA A 91 28.37 2.61 18.94
N LYS A 92 28.67 2.41 17.67
CA LYS A 92 30.00 2.72 17.16
C LYS A 92 30.13 4.25 16.97
N PRO A 93 31.24 4.87 17.44
CA PRO A 93 31.33 6.35 17.45
C PRO A 93 30.81 7.05 16.19
N GLU A 94 31.13 6.50 15.02
CA GLU A 94 30.71 7.04 13.70
C GLU A 94 29.24 6.86 13.37
N GLN A 95 28.67 5.75 13.84
CA GLN A 95 27.27 5.38 13.62
C GLN A 95 26.36 6.39 14.33
N ILE A 96 26.74 6.68 15.57
CA ILE A 96 26.13 7.71 16.40
C ILE A 96 26.28 9.11 15.80
N GLN A 97 27.51 9.53 15.48
CA GLN A 97 27.75 10.87 14.94
C GLN A 97 27.02 11.06 13.61
N LYS A 98 27.01 10.03 12.78
CA LYS A 98 26.21 10.05 11.53
C LYS A 98 24.74 10.37 11.81
N TRP A 99 24.16 9.73 12.83
CA TRP A 99 22.75 9.94 13.22
C TRP A 99 22.50 11.35 13.76
N ILE A 100 23.41 11.84 14.59
CA ILE A 100 23.32 13.21 15.15
C ILE A 100 23.19 14.27 14.04
N ARG A 101 24.04 14.17 13.01
CA ARG A 101 24.01 15.14 11.91
C ARG A 101 22.70 15.02 11.10
N THR A 102 22.34 13.81 10.71
CA THR A 102 21.16 13.60 9.83
C THR A 102 19.82 13.96 10.49
N ARG A 103 19.67 13.68 11.78
N ARG A 103 19.67 13.68 11.78
CA ARG A 103 18.49 14.11 12.55
CA ARG A 103 18.49 14.08 12.54
C ARG A 103 18.59 15.53 13.12
C ARG A 103 18.67 15.43 13.29
N LYS A 104 19.77 16.15 13.04
CA LYS A 104 20.01 17.50 13.60
C LYS A 104 19.81 17.58 15.13
N LEU A 105 20.55 16.75 15.86
CA LEU A 105 20.50 16.72 17.33
C LEU A 105 21.70 17.52 17.86
N LYS A 106 21.57 18.03 19.08
CA LYS A 106 22.72 18.57 19.83
C LYS A 106 23.73 17.46 20.20
N TYR A 107 23.19 16.29 20.55
CA TYR A 107 23.96 15.11 20.93
C TYR A 107 23.01 13.92 20.93
N LEU A 108 23.54 12.73 21.17
CA LEU A 108 22.70 11.57 21.40
C LEU A 108 23.21 10.77 22.59
N GLY A 109 22.34 10.53 23.55
CA GLY A 109 22.73 9.89 24.80
C GLY A 109 22.83 8.38 24.78
N VAL A 110 23.39 7.82 23.70
CA VAL A 110 23.86 6.44 23.68
C VAL A 110 25.35 6.45 23.99
N PRO A 111 25.80 5.74 25.03
CA PRO A 111 27.23 5.77 25.37
C PRO A 111 28.10 5.24 24.25
N LYS A 112 29.28 5.83 24.08
CA LYS A 112 30.21 5.35 23.06
C LYS A 112 31.00 4.14 23.53
N TYR A 113 31.15 3.21 22.59
CA TYR A 113 31.96 2.01 22.67
C TYR A 113 33.35 2.23 22.05
N TRP A 114 34.40 2.01 22.85
CA TRP A 114 35.80 2.24 22.43
C TRP A 114 36.59 0.99 22.07
N GLY A 115 36.10 -0.16 22.50
CA GLY A 115 36.81 -1.41 22.21
C GLY A 115 36.49 -2.47 23.24
N SER A 116 36.95 -3.68 22.93
CA SER A 116 36.74 -4.83 23.78
C SER A 116 37.75 -5.92 23.46
N GLY A 117 37.83 -6.90 24.36
CA GLY A 117 38.75 -8.01 24.21
C GLY A 117 38.60 -9.11 25.25
N LEU A 118 39.60 -9.97 25.31
CA LEU A 118 39.62 -11.12 26.20
C LEU A 118 40.86 -11.01 27.05
N HIS A 119 40.68 -11.22 28.35
CA HIS A 119 41.75 -11.06 29.34
C HIS A 119 41.76 -12.27 30.26
N ASP A 120 42.88 -12.98 30.29
CA ASP A 120 43.06 -14.10 31.21
C ASP A 120 43.66 -13.62 32.53
N LYS A 121 43.22 -14.25 33.61
CA LYS A 121 43.88 -14.12 34.91
C LYS A 121 43.64 -15.36 35.77
N ASN A 122 44.71 -15.84 36.41
CA ASN A 122 44.65 -17.00 37.31
C ASN A 122 43.96 -18.23 36.66
N GLY A 123 44.25 -18.44 35.37
CA GLY A 123 43.62 -19.50 34.58
C GLY A 123 42.14 -19.39 34.30
N LYS A 124 41.54 -18.22 34.56
CA LYS A 124 40.13 -17.95 34.23
C LYS A 124 40.09 -16.95 33.06
N SER A 125 39.07 -17.07 32.21
CA SER A 125 38.87 -16.17 31.05
CA SER A 125 38.87 -16.18 31.06
C SER A 125 37.86 -15.09 31.39
N TYR A 126 38.20 -13.84 31.07
CA TYR A 126 37.34 -12.69 31.29
C TYR A 126 37.13 -11.93 29.99
N ARG A 127 36.01 -11.23 29.91
CA ARG A 127 35.68 -10.36 28.81
C ARG A 127 35.74 -8.93 29.31
N PHE A 128 36.31 -8.01 28.52
CA PHE A 128 36.31 -6.60 28.91
C PHE A 128 35.83 -5.67 27.80
N MET A 129 35.31 -4.52 28.21
CA MET A 129 34.73 -3.56 27.30
C MET A 129 35.10 -2.16 27.77
N ILE A 130 35.58 -1.32 26.86
CA ILE A 130 35.98 0.04 27.19
C ILE A 130 34.87 0.99 26.75
N MET A 131 34.37 1.79 27.70
CA MET A 131 33.27 2.73 27.46
C MET A 131 33.61 4.13 27.91
N ASP A 132 32.82 5.11 27.48
CA ASP A 132 32.81 6.44 28.06
C ASP A 132 32.66 6.39 29.60
N ARG A 133 33.38 7.27 30.28
CA ARG A 133 33.18 7.53 31.70
C ARG A 133 32.18 8.68 31.87
N PHE A 134 31.20 8.51 32.75
CA PHE A 134 30.19 9.54 33.03
C PHE A 134 30.34 10.15 34.43
N GLY A 135 29.58 11.19 34.72
CA GLY A 135 29.42 11.66 36.08
C GLY A 135 28.30 10.92 36.81
N SER A 136 27.50 11.67 37.54
CA SER A 136 26.54 11.08 38.48
C SER A 136 25.33 10.47 37.77
N ASP A 137 24.77 9.42 38.36
CA ASP A 137 23.46 8.90 37.91
C ASP A 137 22.32 9.82 38.37
N LEU A 138 21.18 9.77 37.68
CA LEU A 138 20.04 10.63 38.04
C LEU A 138 19.37 10.28 39.36
N GLN A 139 19.42 9.01 39.77
CA GLN A 139 18.78 8.58 41.03
C GLN A 139 19.42 9.28 42.21
N LYS A 140 20.76 9.37 42.23
CA LYS A 140 21.47 10.09 43.30
C LYS A 140 21.04 11.56 43.40
N ILE A 141 20.94 12.23 42.26
CA ILE A 141 20.56 13.65 42.21
C ILE A 141 19.09 13.82 42.62
N TYR A 142 18.24 12.91 42.15
CA TYR A 142 16.82 12.86 42.50
C TYR A 142 16.59 12.79 44.03
N GLU A 143 17.29 11.88 44.70
CA GLU A 143 17.16 11.72 46.14
C GLU A 143 17.68 12.95 46.90
N ALA A 144 18.75 13.55 46.39
CA ALA A 144 19.30 14.78 46.98
C ALA A 144 18.37 15.98 46.80
N ASN A 145 17.53 15.97 45.76
CA ASN A 145 16.46 16.98 45.61
C ASN A 145 15.11 16.53 46.22
N ALA A 146 15.15 15.65 47.24
CA ALA A 146 13.97 15.16 47.97
C ALA A 146 12.95 14.43 47.10
N LYS A 147 13.45 13.57 46.21
CA LYS A 147 12.65 12.78 45.26
C LYS A 147 11.63 13.59 44.43
N ARG A 148 12.06 14.74 43.92
CA ARG A 148 11.29 15.52 42.93
C ARG A 148 12.23 16.03 41.83
N PHE A 149 11.74 15.98 40.60
CA PHE A 149 12.30 16.79 39.52
C PHE A 149 11.21 17.74 39.07
N SER A 150 11.63 18.95 38.69
CA SER A 150 10.76 19.97 38.17
C SER A 150 10.13 19.53 36.86
N ARG A 151 9.00 20.16 36.53
CA ARG A 151 8.34 19.93 35.26
C ARG A 151 9.30 20.22 34.08
N LYS A 152 10.07 21.31 34.17
CA LYS A 152 11.11 21.63 33.19
C LYS A 152 12.13 20.48 33.08
N THR A 153 12.77 20.09 34.17
CA THR A 153 13.71 18.97 34.15
C THR A 153 13.11 17.70 33.50
N VAL A 154 11.91 17.32 33.93
CA VAL A 154 11.30 16.08 33.47
C VAL A 154 11.02 16.11 31.96
N LEU A 155 10.53 17.23 31.45
CA LEU A 155 10.29 17.35 30.00
C LEU A 155 11.60 17.29 29.20
N GLN A 156 12.62 18.00 29.67
CA GLN A 156 13.93 18.03 28.99
C GLN A 156 14.63 16.67 29.03
N LEU A 157 14.56 15.97 30.17
CA LEU A 157 15.05 14.57 30.24
C LEU A 157 14.30 13.69 29.25
N SER A 158 12.98 13.84 29.22
CA SER A 158 12.15 12.93 28.47
C SER A 158 12.31 13.11 26.97
N LEU A 159 12.50 14.35 26.54
CA LEU A 159 12.81 14.64 25.13
C LEU A 159 14.07 13.90 24.70
N ARG A 160 15.10 13.95 25.54
CA ARG A 160 16.39 13.34 25.21
C ARG A 160 16.33 11.83 25.27
N ILE A 161 15.53 11.31 26.19
CA ILE A 161 15.28 9.86 26.27
C ILE A 161 14.49 9.37 25.04
N LEU A 162 13.59 10.20 24.52
CA LEU A 162 12.83 9.85 23.32
C LEU A 162 13.78 9.74 22.13
N ASP A 163 14.74 10.65 22.03
CA ASP A 163 15.79 10.59 21.00
C ASP A 163 16.56 9.28 21.09
N ILE A 164 16.97 8.91 22.31
CA ILE A 164 17.71 7.66 22.55
C ILE A 164 16.87 6.42 22.18
N LEU A 165 15.59 6.39 22.58
CA LEU A 165 14.76 5.20 22.34
C LEU A 165 14.51 5.04 20.85
N GLU A 166 14.22 6.14 20.17
CA GLU A 166 14.05 6.08 18.72
C GLU A 166 15.29 5.48 18.08
N TYR A 167 16.46 5.94 18.51
CA TYR A 167 17.70 5.44 17.95
C TYR A 167 17.84 3.95 18.17
N ILE A 168 17.78 3.51 19.41
CA ILE A 168 17.98 2.08 19.68
C ILE A 168 16.91 1.23 19.01
N HIS A 169 15.66 1.74 18.96
CA HIS A 169 14.54 1.00 18.33
C HIS A 169 14.75 0.83 16.83
N GLU A 170 15.21 1.90 16.18
CA GLU A 170 15.57 1.86 14.75
C GLU A 170 16.78 0.98 14.45
N HIS A 171 17.59 0.71 15.48
CA HIS A 171 18.69 -0.26 15.44
C HIS A 171 18.37 -1.65 16.06
N GLU A 172 17.09 -1.98 16.08
CA GLU A 172 16.55 -3.34 16.37
C GLU A 172 16.53 -3.73 17.86
N TYR A 173 16.73 -2.78 18.77
CA TYR A 173 16.76 -3.07 20.21
C TYR A 173 15.77 -2.27 21.00
N VAL A 174 15.28 -2.88 22.09
CA VAL A 174 14.57 -2.18 23.14
C VAL A 174 15.34 -2.31 24.44
N HIS A 175 15.20 -1.33 25.32
CA HIS A 175 15.93 -1.28 26.59
C HIS A 175 15.24 -2.08 27.68
N GLY A 176 13.94 -1.81 27.90
CA GLY A 176 13.16 -2.55 28.88
C GLY A 176 13.37 -2.18 30.35
N ASP A 177 14.21 -1.18 30.61
CA ASP A 177 14.57 -0.88 32.01
C ASP A 177 15.04 0.54 32.22
N ILE A 178 14.33 1.47 31.60
CA ILE A 178 14.61 2.89 31.73
C ILE A 178 14.25 3.27 33.16
N LYS A 179 15.19 3.95 33.84
CA LYS A 179 14.99 4.48 35.18
C LYS A 179 16.15 5.39 35.57
N ALA A 180 15.95 6.17 36.63
CA ALA A 180 16.91 7.22 37.01
C ALA A 180 18.32 6.70 37.25
N SER A 181 18.45 5.53 37.88
CA SER A 181 19.77 4.91 38.12
C SER A 181 20.51 4.43 36.86
N ASN A 182 19.80 4.26 35.72
CA ASN A 182 20.44 3.95 34.42
C ASN A 182 20.56 5.18 33.52
N LEU A 183 20.43 6.36 34.10
CA LEU A 183 20.60 7.60 33.38
C LEU A 183 21.76 8.34 34.01
N LEU A 184 22.81 8.56 33.22
CA LEU A 184 24.04 9.16 33.71
C LEU A 184 24.29 10.47 32.99
N LEU A 185 24.90 11.41 33.69
CA LEU A 185 25.23 12.72 33.12
C LEU A 185 26.58 12.64 32.44
N ASN A 186 26.74 13.38 31.36
CA ASN A 186 28.04 13.57 30.77
C ASN A 186 29.00 14.13 31.85
N TYR A 187 30.20 13.55 31.93
CA TYR A 187 31.20 13.93 32.94
C TYR A 187 31.54 15.43 32.87
N LYS A 188 31.64 15.97 31.65
CA LYS A 188 32.02 17.37 31.45
C LYS A 188 30.84 18.31 31.13
N ASN A 189 29.64 17.76 30.93
CA ASN A 189 28.44 18.55 30.56
C ASN A 189 27.20 18.05 31.34
N PRO A 190 26.80 18.77 32.42
CA PRO A 190 25.62 18.35 33.19
C PRO A 190 24.24 18.53 32.52
N ASP A 191 24.16 19.00 31.28
CA ASP A 191 22.90 19.08 30.54
C ASP A 191 22.70 17.94 29.55
N GLN A 192 23.66 17.02 29.48
CA GLN A 192 23.53 15.87 28.57
C GLN A 192 23.38 14.59 29.37
N VAL A 193 22.30 13.85 29.09
CA VAL A 193 21.98 12.61 29.78
C VAL A 193 22.10 11.44 28.83
N TYR A 194 22.57 10.32 29.39
CA TYR A 194 22.85 9.09 28.65
C TYR A 194 22.12 7.91 29.30
N LEU A 195 21.58 7.01 28.50
CA LEU A 195 20.97 5.76 28.98
C LEU A 195 21.98 4.62 28.92
N VAL A 196 22.29 4.01 30.07
CA VAL A 196 23.24 2.87 30.15
C VAL A 196 22.52 1.57 30.52
N ASP A 197 23.31 0.48 30.57
CA ASP A 197 22.88 -0.88 30.89
C ASP A 197 22.06 -1.51 29.76
N TYR A 198 22.76 -2.22 28.88
CA TYR A 198 22.12 -3.01 27.83
C TYR A 198 22.32 -4.51 28.02
N GLY A 199 22.65 -4.94 29.25
CA GLY A 199 22.88 -6.35 29.55
C GLY A 199 21.70 -7.28 29.39
N LEU A 200 20.51 -6.74 29.63
CA LEU A 200 19.24 -7.42 29.33
C LEU A 200 18.42 -6.67 28.26
N ALA A 201 19.11 -5.92 27.39
CA ALA A 201 18.45 -5.32 26.23
C ALA A 201 17.97 -6.45 25.35
N TYR A 202 16.99 -6.16 24.51
CA TYR A 202 16.37 -7.18 23.74
C TYR A 202 16.29 -6.74 22.31
N ARG A 203 16.79 -7.59 21.44
CA ARG A 203 16.74 -7.35 20.02
C ARG A 203 15.36 -7.80 19.51
N TYR A 204 14.41 -6.87 19.52
CA TYR A 204 13.01 -7.18 19.15
C TYR A 204 12.78 -7.37 17.65
N CYS A 205 13.73 -6.92 16.82
CA CYS A 205 13.52 -6.81 15.39
C CYS A 205 14.76 -7.25 14.58
N PRO A 206 15.31 -8.46 14.86
CA PRO A 206 16.52 -8.95 14.17
C PRO A 206 16.31 -9.12 12.67
N GLU A 207 17.13 -8.45 11.87
CA GLU A 207 16.99 -8.40 10.41
C GLU A 207 15.64 -7.87 9.96
N GLY A 208 15.07 -6.93 10.72
CA GLY A 208 13.75 -6.33 10.39
C GLY A 208 12.47 -7.16 10.60
N VAL A 209 12.60 -8.34 11.20
CA VAL A 209 11.46 -9.23 11.46
C VAL A 209 11.06 -9.16 12.94
N HIS A 210 9.90 -8.57 13.20
CA HIS A 210 9.42 -8.33 14.57
C HIS A 210 9.14 -9.67 15.28
N LYS A 211 9.50 -9.77 16.56
CA LYS A 211 9.23 -10.99 17.33
C LYS A 211 7.74 -11.08 17.62
N ALA A 212 7.21 -12.30 17.72
CA ALA A 212 5.79 -12.53 17.98
C ALA A 212 5.39 -12.15 19.40
N TYR A 213 4.08 -11.93 19.59
CA TYR A 213 3.50 -11.67 20.89
C TYR A 213 3.59 -12.97 21.68
N ALA A 214 4.69 -13.13 22.40
CA ALA A 214 5.03 -14.39 23.08
C ALA A 214 6.23 -14.19 24.01
N ALA A 215 6.45 -15.16 24.90
CA ALA A 215 7.64 -15.17 25.77
C ALA A 215 8.94 -15.40 24.97
N ASP A 216 10.08 -15.16 25.64
CA ASP A 216 11.39 -15.51 25.10
C ASP A 216 12.17 -16.40 26.10
N PRO A 217 12.80 -17.50 25.62
CA PRO A 217 13.63 -18.36 26.47
C PRO A 217 15.10 -17.92 26.55
N ASP A 222 12.38 -9.07 32.88
CA ASP A 222 11.20 -8.46 33.51
C ASP A 222 11.33 -6.96 33.80
N GLY A 223 12.56 -6.43 33.80
CA GLY A 223 12.79 -5.01 34.05
C GLY A 223 12.69 -4.76 35.56
N THR A 224 12.34 -3.53 35.95
CA THR A 224 12.20 -3.14 37.35
C THR A 224 10.70 -3.02 37.59
N ILE A 225 10.23 -3.68 38.66
CA ILE A 225 8.82 -3.97 38.84
C ILE A 225 7.95 -2.71 38.85
N GLU A 226 8.35 -1.68 39.59
CA GLU A 226 7.54 -0.47 39.65
C GLU A 226 7.38 0.29 38.33
N PHE A 227 8.34 0.13 37.41
CA PHE A 227 8.36 0.86 36.14
C PHE A 227 8.05 -0.01 34.91
N THR A 228 8.13 -1.33 35.05
CA THR A 228 8.05 -2.17 33.85
C THR A 228 6.70 -2.09 33.15
N SER A 229 6.67 -2.60 31.92
CA SER A 229 5.48 -2.53 31.09
C SER A 229 4.45 -3.63 31.37
N ILE A 230 3.22 -3.34 30.99
CA ILE A 230 2.13 -4.31 31.03
C ILE A 230 2.51 -5.55 30.24
N ASP A 231 3.10 -5.39 29.05
CA ASP A 231 3.59 -6.54 28.25
C ASP A 231 4.53 -7.47 29.04
N ALA A 232 5.55 -6.86 29.64
CA ALA A 232 6.48 -7.58 30.52
C ALA A 232 5.75 -8.28 31.66
N HIS A 233 4.78 -7.61 32.28
CA HIS A 233 3.98 -8.25 33.33
C HIS A 233 3.19 -9.45 32.83
N ASN A 234 2.74 -9.40 31.58
CA ASN A 234 2.01 -10.50 30.94
C ASN A 234 2.91 -11.64 30.44
N GLY A 235 4.22 -11.52 30.65
CA GLY A 235 5.17 -12.58 30.35
C GLY A 235 5.50 -12.69 28.88
N VAL A 236 5.43 -11.59 28.15
CA VAL A 236 5.87 -11.59 26.74
C VAL A 236 7.09 -10.70 26.65
N ALA A 237 7.87 -10.91 25.59
CA ALA A 237 9.07 -10.12 25.37
C ALA A 237 8.74 -8.63 25.21
N PRO A 238 9.65 -7.75 25.67
CA PRO A 238 9.38 -6.33 25.54
C PRO A 238 9.43 -5.86 24.09
N SER A 239 8.67 -4.81 23.78
CA SER A 239 8.68 -4.19 22.46
C SER A 239 8.72 -2.69 22.64
N ARG A 240 8.52 -1.95 21.56
CA ARG A 240 8.75 -0.51 21.54
C ARG A 240 7.78 0.26 22.40
N ARG A 241 6.50 -0.13 22.35
CA ARG A 241 5.52 0.51 23.20
C ARG A 241 5.86 0.37 24.69
N GLY A 242 6.39 -0.79 25.09
CA GLY A 242 6.77 -1.02 26.50
C GLY A 242 7.79 0.00 27.01
N ASP A 243 8.82 0.27 26.20
CA ASP A 243 9.83 1.29 26.52
C ASP A 243 9.19 2.65 26.78
N LEU A 244 8.25 3.03 25.91
CA LEU A 244 7.58 4.31 26.03
C LEU A 244 6.73 4.37 27.29
N GLU A 245 6.04 3.28 27.55
CA GLU A 245 5.21 3.10 28.75
C GLU A 245 6.07 3.21 30.03
N ILE A 246 7.25 2.57 30.02
CA ILE A 246 8.18 2.64 31.15
C ILE A 246 8.58 4.10 31.39
N LEU A 247 8.89 4.81 30.32
CA LEU A 247 9.25 6.22 30.43
C LEU A 247 8.10 7.00 31.07
N GLY A 248 6.87 6.62 30.71
CA GLY A 248 5.68 7.24 31.25
C GLY A 248 5.63 7.17 32.76
N TYR A 249 5.83 5.97 33.31
CA TYR A 249 5.83 5.78 34.75
C TYR A 249 6.99 6.53 35.43
N CYS A 250 8.15 6.58 34.78
CA CYS A 250 9.27 7.37 35.27
C CYS A 250 8.92 8.84 35.43
N MET A 251 8.22 9.41 34.45
CA MET A 251 7.84 10.82 34.51
C MET A 251 6.96 11.13 35.72
N ILE A 252 5.99 10.27 36.01
CA ILE A 252 5.13 10.48 37.17
C ILE A 252 5.93 10.35 38.47
N GLN A 253 6.79 9.33 38.56
CA GLN A 253 7.68 9.16 39.72
C GLN A 253 8.54 10.41 39.94
N TRP A 254 9.10 10.93 38.85
CA TRP A 254 9.96 12.09 38.94
C TRP A 254 9.19 13.37 39.32
N LEU A 255 8.00 13.55 38.76
CA LEU A 255 7.21 14.74 39.03
C LEU A 255 6.63 14.80 40.45
N THR A 256 6.22 13.65 40.98
CA THR A 256 5.44 13.55 42.20
C THR A 256 6.13 12.84 43.37
N GLY A 257 7.20 12.10 43.11
CA GLY A 257 7.87 11.31 44.12
C GLY A 257 7.26 9.95 44.44
N HIS A 258 6.21 9.56 43.71
CA HIS A 258 5.44 8.37 44.02
C HIS A 258 4.86 7.72 42.76
N LEU A 259 4.50 6.44 42.89
CA LEU A 259 3.56 5.77 41.98
C LEU A 259 2.54 5.05 42.87
N PRO A 260 1.28 4.90 42.40
CA PRO A 260 0.20 4.28 43.21
C PRO A 260 0.47 2.89 43.80
N TRP A 261 1.26 2.10 43.08
CA TRP A 261 1.50 0.70 43.41
C TRP A 261 2.79 0.47 44.21
N GLU A 262 3.42 1.55 44.67
CA GLU A 262 4.77 1.47 45.29
C GLU A 262 4.84 0.74 46.61
N ASP A 263 3.71 0.60 47.31
CA ASP A 263 3.67 -0.19 48.55
C ASP A 263 3.33 -1.68 48.32
N ASN A 264 3.22 -2.11 47.07
CA ASN A 264 2.84 -3.49 46.77
C ASN A 264 3.81 -4.20 45.82
N LEU A 265 5.08 -3.80 45.85
CA LEU A 265 6.04 -4.27 44.82
C LEU A 265 6.52 -5.71 45.03
N LYS A 266 6.25 -6.28 46.20
CA LYS A 266 6.46 -7.73 46.40
C LYS A 266 5.34 -8.56 45.76
N ASP A 267 4.28 -7.91 45.25
CA ASP A 267 3.14 -8.60 44.64
C ASP A 267 2.93 -8.14 43.18
N PRO A 268 3.62 -8.80 42.23
CA PRO A 268 3.53 -8.45 40.82
C PRO A 268 2.12 -8.38 40.25
N LYS A 269 1.26 -9.32 40.62
CA LYS A 269 -0.13 -9.31 40.09
C LYS A 269 -0.93 -8.09 40.52
N TYR A 270 -0.66 -7.59 41.72
CA TYR A 270 -1.21 -6.30 42.16
C TYR A 270 -0.71 -5.16 41.29
N VAL A 271 0.61 -5.15 41.04
CA VAL A 271 1.22 -4.10 40.25
C VAL A 271 0.67 -4.16 38.82
N ARG A 272 0.54 -5.35 38.25
CA ARG A 272 -0.03 -5.46 36.90
C ARG A 272 -1.47 -4.97 36.87
N ASP A 273 -2.25 -5.39 37.86
CA ASP A 273 -3.67 -5.02 37.95
C ASP A 273 -3.87 -3.51 38.00
N SER A 274 -3.11 -2.84 38.87
CA SER A 274 -3.12 -1.38 38.96
C SER A 274 -2.74 -0.73 37.62
N LYS A 275 -1.67 -1.23 37.01
CA LYS A 275 -1.24 -0.68 35.73
C LYS A 275 -2.29 -0.87 34.66
N ILE A 276 -2.88 -2.06 34.56
CA ILE A 276 -3.94 -2.29 33.57
C ILE A 276 -5.15 -1.36 33.74
N ARG A 277 -5.64 -1.26 34.98
CA ARG A 277 -6.78 -0.41 35.33
C ARG A 277 -6.52 1.07 35.09
N TYR A 278 -5.33 1.54 35.43
CA TYR A 278 -4.98 2.94 35.21
C TYR A 278 -4.71 3.26 33.75
N ARG A 279 -4.27 2.28 32.95
CA ARG A 279 -4.15 2.44 31.50
C ARG A 279 -5.53 2.60 30.86
N GLU A 280 -6.47 1.79 31.32
CA GLU A 280 -7.84 1.86 30.81
C GLU A 280 -8.59 3.17 31.22
N ASN A 281 -8.21 3.78 32.36
CA ASN A 281 -8.76 5.07 32.82
C ASN A 281 -7.61 6.02 33.19
N ILE A 282 -7.02 6.66 32.20
CA ILE A 282 -5.87 7.54 32.44
C ILE A 282 -6.23 8.76 33.30
N ALA A 283 -7.44 9.28 33.15
CA ALA A 283 -7.92 10.38 33.98
C ALA A 283 -7.87 10.03 35.48
N SER A 284 -8.20 8.78 35.86
CA SER A 284 -8.11 8.38 37.27
C SER A 284 -6.66 8.29 37.76
N LEU A 285 -5.72 7.92 36.87
CA LEU A 285 -4.29 7.98 37.21
C LEU A 285 -3.83 9.42 37.49
N MET A 286 -4.24 10.36 36.64
CA MET A 286 -3.94 11.76 36.86
C MET A 286 -4.52 12.24 38.21
N ASP A 287 -5.77 11.86 38.50
CA ASP A 287 -6.43 12.16 39.78
C ASP A 287 -5.67 11.58 40.98
N LYS A 288 -5.25 10.33 40.86
CA LYS A 288 -4.52 9.66 41.94
C LYS A 288 -3.11 10.28 42.20
N CYS A 289 -2.38 10.56 41.14
CA CYS A 289 -0.95 10.96 41.24
C CYS A 289 -0.68 12.45 41.44
N PHE A 290 -1.60 13.30 40.96
CA PHE A 290 -1.46 14.72 41.07
C PHE A 290 -2.58 15.26 41.93
N PRO A 291 -2.38 16.41 42.57
CA PRO A 291 -3.51 16.93 43.32
C PRO A 291 -4.68 17.35 42.41
N ALA A 292 -5.85 17.51 43.03
CA ALA A 292 -6.87 18.39 42.51
C ALA A 292 -7.28 18.07 41.06
N ALA A 293 -7.53 19.12 40.27
CA ALA A 293 -7.46 19.07 38.82
C ALA A 293 -6.31 20.01 38.48
N ASN A 294 -5.10 19.58 38.85
CA ASN A 294 -3.89 20.29 38.51
C ASN A 294 -2.86 19.27 38.08
N ALA A 295 -3.24 18.46 37.08
CA ALA A 295 -2.36 17.47 36.47
C ALA A 295 -1.73 18.06 35.20
N PRO A 296 -0.41 17.87 35.01
CA PRO A 296 0.20 18.32 33.75
C PRO A 296 -0.38 17.59 32.53
N GLY A 297 -1.01 18.36 31.64
CA GLY A 297 -1.78 17.82 30.53
C GLY A 297 -0.99 17.01 29.53
N GLU A 298 0.27 17.37 29.34
CA GLU A 298 1.13 16.65 28.41
C GLU A 298 1.36 15.22 28.88
N ILE A 299 1.42 15.00 30.18
CA ILE A 299 1.62 13.66 30.68
C ILE A 299 0.46 12.74 30.33
N ALA A 300 -0.76 13.24 30.49
CA ALA A 300 -1.93 12.45 30.15
C ALA A 300 -1.94 12.17 28.66
N LYS A 301 -1.62 13.18 27.87
CA LYS A 301 -1.58 13.05 26.43
C LYS A 301 -0.53 12.03 25.97
N TYR A 302 0.61 12.02 26.63
CA TYR A 302 1.68 11.08 26.30
C TYR A 302 1.19 9.66 26.53
N MET A 303 0.52 9.47 27.65
N MET A 303 0.50 9.45 27.67
CA MET A 303 -0.02 8.19 28.03
CA MET A 303 -0.05 8.14 28.05
C MET A 303 -1.11 7.70 27.09
C MET A 303 -1.08 7.70 27.03
N GLU A 304 -1.96 8.62 26.63
CA GLU A 304 -3.01 8.24 25.69
C GLU A 304 -2.38 7.81 24.37
N THR A 305 -1.39 8.54 23.91
CA THR A 305 -0.75 8.19 22.65
C THR A 305 -0.11 6.82 22.74
N VAL A 306 0.61 6.54 23.81
CA VAL A 306 1.23 5.23 23.95
C VAL A 306 0.18 4.12 24.01
N LYS A 307 -0.92 4.40 24.68
CA LYS A 307 -2.03 3.46 24.80
C LYS A 307 -2.55 2.98 23.43
N LEU A 308 -2.50 3.84 22.42
CA LEU A 308 -2.96 3.50 21.06
C LEU A 308 -2.06 2.51 20.30
N LEU A 309 -0.82 2.29 20.76
CA LEU A 309 0.14 1.48 20.02
C LEU A 309 -0.15 0.00 20.11
N ASP A 310 -0.14 -0.68 18.97
CA ASP A 310 -0.15 -2.16 18.98
C ASP A 310 1.24 -2.70 19.35
N TYR A 311 1.29 -3.98 19.70
CA TYR A 311 2.52 -4.62 20.14
C TYR A 311 3.66 -4.45 19.14
N THR A 312 3.35 -4.67 17.85
CA THR A 312 4.37 -4.58 16.79
C THR A 312 4.53 -3.20 16.15
N GLU A 313 3.76 -2.21 16.59
CA GLU A 313 3.63 -0.95 15.85
C GLU A 313 4.79 0.00 16.07
N LYS A 314 5.25 0.65 15.01
CA LYS A 314 6.25 1.72 15.11
C LYS A 314 5.63 2.98 15.74
N PRO A 315 6.16 3.40 16.90
CA PRO A 315 5.67 4.65 17.47
C PRO A 315 5.91 5.84 16.56
N LEU A 316 5.05 6.85 16.64
CA LEU A 316 5.30 8.13 16.00
C LEU A 316 6.03 9.04 17.01
N TYR A 317 7.36 8.95 17.00
CA TYR A 317 8.21 9.55 18.03
C TYR A 317 8.12 11.07 18.01
N GLU A 318 8.02 11.65 16.82
CA GLU A 318 7.94 13.12 16.68
C GLU A 318 6.67 13.70 17.29
N ASN A 319 5.55 12.96 17.19
CA ASN A 319 4.28 13.33 17.86
C ASN A 319 4.38 13.27 19.39
N LEU A 320 5.18 12.34 19.90
CA LEU A 320 5.40 12.23 21.34
C LEU A 320 6.26 13.41 21.79
N ARG A 321 7.33 13.71 21.06
CA ARG A 321 8.14 14.89 21.36
C ARG A 321 7.30 16.19 21.27
N ASP A 322 6.45 16.31 20.25
CA ASP A 322 5.52 17.46 20.14
C ASP A 322 4.64 17.65 21.38
N ILE A 323 4.11 16.54 21.90
CA ILE A 323 3.31 16.58 23.10
C ILE A 323 4.13 17.14 24.26
N LEU A 324 5.38 16.70 24.39
CA LEU A 324 6.25 17.21 25.45
C LEU A 324 6.60 18.68 25.22
N LEU A 325 6.89 19.02 23.97
CA LEU A 325 7.17 20.42 23.59
C LEU A 325 6.00 21.36 23.92
N GLN A 326 4.75 20.89 23.77
CA GLN A 326 3.57 21.68 24.16
C GLN A 326 3.57 21.98 25.66
N GLY A 327 4.05 21.03 26.46
CA GLY A 327 4.24 21.25 27.90
C GLY A 327 5.26 22.31 28.25
N LEU A 328 6.39 22.31 27.54
CA LEU A 328 7.39 23.36 27.72
C LEU A 328 6.80 24.72 27.39
N LYS A 329 6.08 24.85 26.28
CA LYS A 329 5.37 26.10 25.92
C LYS A 329 4.39 26.55 27.01
N ALA A 330 3.66 25.60 27.58
CA ALA A 330 2.68 25.89 28.66
C ALA A 330 3.28 26.50 29.92
N ILE A 331 4.53 26.15 30.23
CA ILE A 331 5.24 26.76 31.37
C ILE A 331 6.16 27.93 30.99
N GLY A 332 5.97 28.47 29.77
CA GLY A 332 6.76 29.59 29.29
C GLY A 332 8.22 29.28 29.01
N SER A 333 8.52 28.05 28.58
CA SER A 333 9.89 27.67 28.27
C SER A 333 9.97 27.15 26.83
N LYS A 334 11.10 26.52 26.48
CA LYS A 334 11.37 25.99 25.15
C LYS A 334 12.44 24.93 25.27
N ASP A 335 12.60 24.10 24.24
CA ASP A 335 13.68 23.12 24.22
C ASP A 335 15.02 23.83 24.01
N ASP A 336 15.55 24.36 25.12
CA ASP A 336 16.84 25.02 25.15
C ASP A 336 17.94 24.06 25.66
N GLY A 337 17.63 22.77 25.78
CA GLY A 337 18.57 21.76 26.25
C GLY A 337 18.99 21.81 27.71
N LYS A 338 18.37 22.66 28.53
CA LYS A 338 18.80 22.84 29.91
C LYS A 338 18.04 21.90 30.85
N LEU A 339 18.73 20.89 31.40
CA LEU A 339 18.13 19.90 32.31
C LEU A 339 17.81 20.48 33.68
N ASP A 340 18.51 21.55 34.05
CA ASP A 340 18.14 22.37 35.20
C ASP A 340 18.25 21.63 36.55
N LEU A 341 19.33 20.84 36.68
CA LEU A 341 19.61 20.07 37.89
C LEU A 341 20.60 20.83 38.77
N GLN B 22 -42.75 25.91 7.46
CA GLN B 22 -42.30 25.07 6.30
C GLN B 22 -41.59 25.93 5.25
N PHE B 23 -40.27 25.79 5.18
CA PHE B 23 -39.42 26.49 4.19
C PHE B 23 -39.81 26.16 2.75
N ALA B 24 -39.78 27.17 1.88
CA ALA B 24 -40.17 27.02 0.47
C ALA B 24 -39.03 26.43 -0.36
N VAL B 25 -39.38 25.68 -1.41
CA VAL B 25 -38.39 25.19 -2.37
C VAL B 25 -37.75 26.39 -3.05
N GLY B 26 -36.43 26.52 -2.96
CA GLY B 26 -35.70 27.67 -3.47
C GLY B 26 -35.37 28.78 -2.47
N GLU B 27 -35.89 28.71 -1.24
CA GLU B 27 -35.64 29.74 -0.21
C GLU B 27 -34.17 29.80 0.21
N ILE B 28 -33.67 31.01 0.50
CA ILE B 28 -32.25 31.25 0.79
C ILE B 28 -32.05 31.58 2.27
N ILE B 29 -31.21 30.78 2.95
CA ILE B 29 -30.94 30.92 4.39
C ILE B 29 -29.46 31.18 4.66
N THR B 30 -29.17 31.90 5.74
CA THR B 30 -27.80 32.30 6.10
C THR B 30 -27.39 31.67 7.44
N ASP B 31 -26.26 30.94 7.45
CA ASP B 31 -25.76 30.31 8.69
C ASP B 31 -24.96 31.30 9.59
N MET B 32 -24.29 30.78 10.63
CA MET B 32 -23.53 31.62 11.58
C MET B 32 -22.16 32.05 11.07
N ALA B 33 -21.66 31.40 10.01
CA ALA B 33 -20.43 31.79 9.33
C ALA B 33 -20.69 32.70 8.12
N ALA B 34 -21.90 33.29 8.04
CA ALA B 34 -22.33 34.15 6.92
C ALA B 34 -22.38 33.44 5.55
N ALA B 35 -22.41 32.11 5.55
CA ALA B 35 -22.48 31.33 4.32
C ALA B 35 -23.96 31.07 3.99
N ALA B 36 -24.31 31.32 2.74
CA ALA B 36 -25.69 31.23 2.26
C ALA B 36 -25.98 29.85 1.68
N TRP B 37 -27.17 29.32 1.98
CA TRP B 37 -27.60 27.99 1.52
C TRP B 37 -28.97 28.10 0.86
N LYS B 38 -29.17 27.37 -0.25
CA LYS B 38 -30.49 27.28 -0.91
C LYS B 38 -31.17 25.96 -0.51
N VAL B 39 -32.46 26.06 -0.21
CA VAL B 39 -33.28 24.93 0.23
C VAL B 39 -33.91 24.24 -0.99
N GLY B 40 -33.97 22.90 -0.95
CA GLY B 40 -34.58 22.08 -2.03
C GLY B 40 -35.87 21.39 -1.58
N LEU B 41 -36.21 20.28 -2.23
CA LEU B 41 -37.46 19.58 -1.92
C LEU B 41 -37.38 18.89 -0.57
N PRO B 42 -38.53 18.72 0.13
CA PRO B 42 -38.53 17.92 1.37
C PRO B 42 -38.26 16.43 1.09
N ILE B 43 -37.75 15.72 2.10
CA ILE B 43 -37.44 14.28 1.97
C ILE B 43 -38.22 13.42 2.99
N GLY B 44 -38.23 13.84 4.25
CA GLY B 44 -38.97 13.13 5.31
C GLY B 44 -39.37 14.04 6.46
N GLN B 45 -40.67 14.11 6.75
CA GLN B 45 -41.20 14.90 7.86
C GLN B 45 -41.14 14.06 9.14
N GLY B 46 -40.39 14.53 10.13
CA GLY B 46 -40.22 13.81 11.39
C GLY B 46 -41.42 13.86 12.32
N GLY B 47 -42.03 15.04 12.44
CA GLY B 47 -43.07 15.29 13.45
C GLY B 47 -42.60 16.35 14.44
N PHE B 48 -41.33 16.25 14.85
CA PHE B 48 -40.66 17.32 15.59
C PHE B 48 -40.40 18.52 14.67
N GLY B 49 -39.91 18.25 13.46
CA GLY B 49 -39.67 19.28 12.44
C GLY B 49 -39.80 18.74 11.02
N CYS B 50 -38.89 19.14 10.13
CA CYS B 50 -38.85 18.64 8.76
C CYS B 50 -37.42 18.68 8.22
N ILE B 51 -37.14 17.83 7.22
CA ILE B 51 -35.80 17.76 6.60
C ILE B 51 -35.90 17.98 5.08
N TYR B 52 -35.00 18.80 4.53
CA TYR B 52 -34.98 19.16 3.11
C TYR B 52 -33.60 18.91 2.51
N LEU B 53 -33.52 18.76 1.18
CA LEU B 53 -32.23 18.82 0.49
C LEU B 53 -31.68 20.25 0.55
N ALA B 54 -30.37 20.40 0.37
CA ALA B 54 -29.74 21.71 0.48
C ALA B 54 -28.40 21.74 -0.23
N ASP B 55 -27.99 22.94 -0.65
CA ASP B 55 -26.68 23.14 -1.27
C ASP B 55 -26.19 24.58 -1.09
N MET B 56 -24.86 24.76 -1.17
CA MET B 56 -24.25 26.10 -1.17
C MET B 56 -24.88 26.93 -2.26
N ASN B 57 -25.37 28.11 -1.89
CA ASN B 57 -26.21 28.95 -2.77
C ASN B 57 -25.58 29.18 -4.13
N SER B 58 -26.42 29.11 -5.15
CA SER B 58 -26.08 29.56 -6.49
C SER B 58 -27.36 29.90 -7.23
N SER B 59 -27.18 30.47 -8.42
CA SER B 59 -28.27 30.62 -9.38
C SER B 59 -28.79 29.27 -9.88
N GLU B 60 -27.89 28.26 -9.95
CA GLU B 60 -28.20 26.94 -10.53
C GLU B 60 -29.29 26.13 -9.80
N SER B 61 -29.49 26.38 -8.50
CA SER B 61 -30.55 25.75 -7.69
C SER B 61 -30.34 24.25 -7.39
N VAL B 62 -30.82 23.85 -6.22
CA VAL B 62 -30.42 22.57 -5.61
C VAL B 62 -31.15 21.37 -6.20
N GLY B 63 -30.38 20.38 -6.68
CA GLY B 63 -30.92 19.24 -7.42
C GLY B 63 -31.22 18.01 -6.59
N SER B 64 -31.64 16.94 -7.27
CA SER B 64 -31.97 15.68 -6.61
C SER B 64 -30.75 14.98 -5.97
N ASP B 65 -29.55 15.32 -6.46
CA ASP B 65 -28.27 14.76 -5.98
C ASP B 65 -27.50 15.74 -5.09
N ALA B 66 -28.22 16.52 -4.29
CA ALA B 66 -27.61 17.54 -3.44
C ALA B 66 -26.70 16.91 -2.38
N PRO B 67 -25.55 17.56 -2.09
CA PRO B 67 -24.62 16.97 -1.14
C PRO B 67 -24.98 17.19 0.34
N CYS B 68 -26.00 18.00 0.64
CA CYS B 68 -26.39 18.31 2.03
C CYS B 68 -27.88 18.24 2.27
N VAL B 69 -28.24 18.26 3.55
CA VAL B 69 -29.62 18.43 3.95
C VAL B 69 -29.70 19.55 4.95
N VAL B 70 -30.90 20.11 5.11
CA VAL B 70 -31.17 21.06 6.17
C VAL B 70 -32.30 20.54 7.07
N LYS B 71 -32.02 20.50 8.38
CA LYS B 71 -33.00 20.11 9.39
C LYS B 71 -33.57 21.39 10.01
N VAL B 72 -34.89 21.46 10.17
CA VAL B 72 -35.57 22.69 10.62
C VAL B 72 -36.64 22.38 11.67
N GLU B 73 -36.61 23.13 12.77
CA GLU B 73 -37.63 23.12 13.82
C GLU B 73 -37.98 24.57 14.16
N PRO B 74 -39.03 24.79 14.97
CA PRO B 74 -39.18 26.09 15.62
C PRO B 74 -38.13 26.28 16.73
N SER B 75 -37.88 27.54 17.07
CA SER B 75 -36.81 27.91 18.00
C SER B 75 -36.99 27.30 19.40
N ASP B 76 -38.19 27.43 19.98
CA ASP B 76 -38.55 26.77 21.25
C ASP B 76 -37.98 25.34 21.22
N ASN B 77 -36.97 25.12 22.06
CA ASN B 77 -35.91 24.15 21.81
C ASN B 77 -36.33 22.70 22.05
N GLY B 78 -36.80 22.07 20.99
CA GLY B 78 -37.08 20.64 20.99
C GLY B 78 -35.81 19.82 20.77
N PRO B 79 -35.90 18.74 19.97
CA PRO B 79 -34.75 17.88 19.68
C PRO B 79 -33.53 18.56 19.01
N LEU B 80 -33.76 19.59 18.18
CA LEU B 80 -32.71 20.15 17.34
C LEU B 80 -31.70 20.93 18.14
N PHE B 81 -32.13 21.62 19.19
CA PHE B 81 -31.23 22.30 20.11
C PHE B 81 -30.29 21.31 20.80
N THR B 82 -30.83 20.18 21.28
CA THR B 82 -30.03 19.08 21.88
C THR B 82 -28.99 18.54 20.86
N GLU B 83 -29.46 18.30 19.63
CA GLU B 83 -28.61 17.81 18.55
C GLU B 83 -27.49 18.82 18.18
N LEU B 84 -27.82 20.10 18.12
CA LEU B 84 -26.87 21.15 17.79
C LEU B 84 -25.77 21.27 18.87
N LYS B 85 -26.17 21.23 20.14
CA LYS B 85 -25.22 21.23 21.27
C LYS B 85 -24.26 20.04 21.23
N PHE B 86 -24.75 18.86 20.86
CA PHE B 86 -23.89 17.68 20.66
C PHE B 86 -22.87 17.94 19.56
N TYR B 87 -23.31 18.38 18.39
CA TYR B 87 -22.39 18.60 17.27
C TYR B 87 -21.31 19.66 17.59
N GLN B 88 -21.71 20.75 18.22
CA GLN B 88 -20.81 21.81 18.63
C GLN B 88 -19.73 21.40 19.62
N ARG B 89 -20.04 20.53 20.59
CA ARG B 89 -19.03 20.19 21.59
C ARG B 89 -18.32 18.86 21.31
N ALA B 90 -19.01 17.90 20.71
CA ALA B 90 -18.51 16.52 20.60
C ALA B 90 -18.20 16.03 19.19
N ALA B 91 -18.77 16.64 18.15
CA ALA B 91 -18.64 16.09 16.79
C ALA B 91 -18.35 17.13 15.72
N LYS B 92 -17.43 18.03 16.03
CA LYS B 92 -16.91 18.95 15.04
C LYS B 92 -16.05 18.16 14.04
N PRO B 93 -15.99 18.60 12.76
CA PRO B 93 -15.11 18.00 11.76
C PRO B 93 -13.69 17.73 12.24
N GLU B 94 -13.08 18.72 12.90
CA GLU B 94 -11.73 18.60 13.47
C GLU B 94 -11.61 17.39 14.43
N GLN B 95 -12.61 17.20 15.29
CA GLN B 95 -12.59 16.11 16.29
C GLN B 95 -12.75 14.74 15.62
N ILE B 96 -13.58 14.68 14.59
CA ILE B 96 -13.81 13.42 13.88
C ILE B 96 -12.56 12.97 13.11
N GLN B 97 -11.93 13.89 12.38
CA GLN B 97 -10.73 13.56 11.61
C GLN B 97 -9.58 13.19 12.53
N LYS B 98 -9.48 13.84 13.68
CA LYS B 98 -8.45 13.49 14.69
C LYS B 98 -8.61 12.04 15.18
N TRP B 99 -9.85 11.64 15.44
CA TRP B 99 -10.16 10.29 15.84
C TRP B 99 -9.88 9.27 14.72
N ILE B 100 -10.29 9.57 13.49
CA ILE B 100 -10.02 8.70 12.33
C ILE B 100 -8.49 8.45 12.15
N ARG B 101 -7.70 9.51 12.31
CA ARG B 101 -6.23 9.44 12.20
C ARG B 101 -5.61 8.60 13.34
N THR B 102 -5.87 9.01 14.58
CA THR B 102 -5.26 8.36 15.75
C THR B 102 -5.68 6.89 15.94
N ARG B 103 -6.94 6.55 15.61
CA ARG B 103 -7.44 5.17 15.75
CA ARG B 103 -7.46 5.17 15.74
C ARG B 103 -7.30 4.35 14.46
N LYS B 104 -6.71 4.95 13.42
CA LYS B 104 -6.40 4.25 12.17
C LYS B 104 -7.64 3.61 11.52
N LEU B 105 -8.72 4.40 11.44
CA LEU B 105 -9.98 3.94 10.84
C LEU B 105 -10.00 4.26 9.35
N LYS B 106 -10.75 3.45 8.59
CA LYS B 106 -11.07 3.76 7.19
C LYS B 106 -12.03 4.95 7.13
N TYR B 107 -12.99 5.01 8.06
CA TYR B 107 -13.93 6.14 8.18
C TYR B 107 -14.62 6.07 9.58
N LEU B 108 -15.33 7.13 9.97
CA LEU B 108 -16.18 7.09 11.17
C LEU B 108 -17.59 7.55 10.79
N GLY B 109 -18.59 6.73 11.15
CA GLY B 109 -19.99 7.00 10.79
C GLY B 109 -20.71 8.01 11.67
N VAL B 110 -20.06 9.13 11.98
CA VAL B 110 -20.69 10.30 12.56
C VAL B 110 -20.84 11.34 11.43
N PRO B 111 -22.08 11.85 11.19
CA PRO B 111 -22.28 12.81 10.09
C PRO B 111 -21.47 14.10 10.18
N LYS B 112 -21.14 14.67 9.03
CA LYS B 112 -20.52 16.00 8.98
C LYS B 112 -21.57 17.06 9.24
N TYR B 113 -21.29 17.88 10.27
CA TYR B 113 -22.05 19.07 10.57
C TYR B 113 -21.40 20.20 9.75
N TRP B 114 -22.17 20.88 8.89
CA TRP B 114 -21.67 21.94 8.01
C TRP B 114 -21.95 23.38 8.49
N GLY B 115 -22.91 23.55 9.39
CA GLY B 115 -23.31 24.87 9.87
C GLY B 115 -24.73 24.87 10.41
N SER B 116 -25.13 26.01 10.98
CA SER B 116 -26.43 26.17 11.60
C SER B 116 -26.79 27.65 11.73
N GLY B 117 -28.04 27.95 12.09
CA GLY B 117 -28.47 29.33 12.30
C GLY B 117 -29.93 29.51 12.64
N LEU B 118 -30.40 30.75 12.48
CA LEU B 118 -31.82 31.11 12.56
C LEU B 118 -32.27 31.75 11.26
N HIS B 119 -33.52 31.48 10.88
CA HIS B 119 -34.18 32.10 9.73
C HIS B 119 -35.58 32.56 10.19
N ASP B 120 -35.94 33.82 9.93
CA ASP B 120 -37.14 34.44 10.56
C ASP B 120 -38.48 34.20 9.83
N SER B 125 -39.58 32.60 13.56
CA SER B 125 -38.17 32.31 13.81
C SER B 125 -37.89 30.80 13.97
N TYR B 126 -37.07 30.25 13.05
CA TYR B 126 -36.80 28.80 12.95
C TYR B 126 -35.31 28.50 13.11
N ARG B 127 -34.99 27.45 13.87
CA ARG B 127 -33.61 26.97 14.03
C ARG B 127 -33.32 25.94 12.95
N PHE B 128 -32.11 25.96 12.39
CA PHE B 128 -31.75 24.99 11.36
C PHE B 128 -30.33 24.47 11.48
N MET B 129 -30.12 23.23 11.06
CA MET B 129 -28.78 22.63 10.95
C MET B 129 -28.57 22.15 9.51
N ILE B 130 -27.34 22.31 9.00
CA ILE B 130 -26.93 21.76 7.69
C ILE B 130 -26.04 20.54 7.89
N MET B 131 -26.46 19.40 7.36
CA MET B 131 -25.76 18.14 7.57
C MET B 131 -25.45 17.46 6.26
N ASP B 132 -24.60 16.44 6.30
CA ASP B 132 -24.45 15.55 5.13
C ASP B 132 -25.79 15.06 4.59
N ARG B 133 -25.89 14.96 3.26
CA ARG B 133 -26.92 14.16 2.61
C ARG B 133 -26.38 12.72 2.48
N PHE B 134 -27.17 11.75 2.91
CA PHE B 134 -26.84 10.32 2.81
C PHE B 134 -27.66 9.64 1.73
N GLY B 135 -27.41 8.35 1.53
CA GLY B 135 -28.24 7.50 0.68
C GLY B 135 -29.39 6.92 1.48
N SER B 136 -29.68 5.65 1.25
CA SER B 136 -30.80 4.98 1.92
C SER B 136 -30.56 4.74 3.41
N ASP B 137 -31.66 4.63 4.17
CA ASP B 137 -31.57 4.11 5.54
C ASP B 137 -31.55 2.58 5.45
N LEU B 138 -31.06 1.93 6.51
CA LEU B 138 -31.00 0.46 6.54
C LEU B 138 -32.34 -0.26 6.71
N GLN B 139 -33.34 0.39 7.34
CA GLN B 139 -34.68 -0.20 7.54
C GLN B 139 -35.38 -0.52 6.22
N LYS B 140 -35.33 0.42 5.29
CA LYS B 140 -35.91 0.22 3.96
C LYS B 140 -35.26 -0.99 3.28
N ILE B 141 -33.93 -1.09 3.36
CA ILE B 141 -33.18 -2.20 2.74
C ILE B 141 -33.48 -3.53 3.44
N TYR B 142 -33.55 -3.48 4.77
CA TYR B 142 -33.96 -4.60 5.63
C TYR B 142 -35.31 -5.17 5.20
N GLU B 143 -36.30 -4.29 5.07
CA GLU B 143 -37.62 -4.68 4.65
C GLU B 143 -37.62 -5.24 3.22
N ALA B 144 -36.80 -4.66 2.34
CA ALA B 144 -36.65 -5.16 0.97
C ALA B 144 -36.01 -6.55 0.90
N ASN B 145 -35.29 -6.91 1.95
CA ASN B 145 -34.65 -8.21 2.10
C ASN B 145 -35.53 -9.21 2.92
N ALA B 146 -36.84 -8.96 2.99
CA ALA B 146 -37.79 -9.75 3.80
C ALA B 146 -37.41 -9.83 5.29
N LYS B 147 -37.02 -8.67 5.82
CA LYS B 147 -36.64 -8.52 7.24
C LYS B 147 -35.58 -9.51 7.70
N ARG B 148 -34.50 -9.59 6.92
CA ARG B 148 -33.30 -10.36 7.27
C ARG B 148 -32.06 -9.63 6.77
N PHE B 149 -31.04 -9.57 7.63
CA PHE B 149 -29.68 -9.31 7.19
C PHE B 149 -28.89 -10.58 7.50
N SER B 150 -27.91 -10.89 6.63
CA SER B 150 -27.01 -12.02 6.86
C SER B 150 -26.16 -11.81 8.11
N ARG B 151 -25.63 -12.91 8.63
CA ARG B 151 -24.66 -12.86 9.73
C ARG B 151 -23.45 -11.98 9.40
N LYS B 152 -22.90 -12.20 8.21
CA LYS B 152 -21.84 -11.36 7.64
C LYS B 152 -22.15 -9.87 7.80
N THR B 153 -23.30 -9.46 7.27
CA THR B 153 -23.76 -8.06 7.27
C THR B 153 -23.95 -7.48 8.68
N VAL B 154 -24.58 -8.26 9.55
CA VAL B 154 -24.83 -7.83 10.93
C VAL B 154 -23.54 -7.58 11.69
N LEU B 155 -22.54 -8.45 11.50
CA LEU B 155 -21.26 -8.30 12.18
C LEU B 155 -20.53 -7.07 11.64
N GLN B 156 -20.53 -6.91 10.32
CA GLN B 156 -19.90 -5.78 9.67
C GLN B 156 -20.55 -4.47 10.06
N LEU B 157 -21.88 -4.44 10.12
CA LEU B 157 -22.58 -3.25 10.60
C LEU B 157 -22.20 -2.93 12.03
N SER B 158 -22.17 -3.96 12.86
CA SER B 158 -22.02 -3.76 14.30
C SER B 158 -20.61 -3.30 14.68
N LEU B 159 -19.58 -3.81 14.00
CA LEU B 159 -18.21 -3.30 14.18
C LEU B 159 -18.13 -1.79 13.94
N ARG B 160 -18.77 -1.32 12.88
CA ARG B 160 -18.76 0.09 12.55
C ARG B 160 -19.58 0.90 13.55
N ILE B 161 -20.67 0.33 14.03
CA ILE B 161 -21.48 1.00 15.05
C ILE B 161 -20.70 1.05 16.38
N LEU B 162 -19.97 -0.01 16.72
CA LEU B 162 -19.04 0.01 17.85
C LEU B 162 -18.00 1.13 17.76
N ASP B 163 -17.52 1.45 16.56
CA ASP B 163 -16.59 2.59 16.37
C ASP B 163 -17.30 3.91 16.68
N ILE B 164 -18.53 4.07 16.18
CA ILE B 164 -19.30 5.28 16.42
C ILE B 164 -19.60 5.45 17.92
N LEU B 165 -20.03 4.37 18.56
CA LEU B 165 -20.41 4.42 19.94
C LEU B 165 -19.21 4.73 20.85
N GLU B 166 -18.08 4.10 20.59
CA GLU B 166 -16.87 4.40 21.36
C GLU B 166 -16.50 5.88 21.23
N TYR B 167 -16.63 6.42 20.00
CA TYR B 167 -16.33 7.85 19.76
C TYR B 167 -17.23 8.72 20.62
N ILE B 168 -18.54 8.56 20.48
CA ILE B 168 -19.46 9.46 21.16
C ILE B 168 -19.35 9.30 22.68
N HIS B 169 -19.20 8.06 23.15
CA HIS B 169 -18.99 7.78 24.58
C HIS B 169 -17.75 8.45 25.17
N GLU B 170 -16.61 8.40 24.45
CA GLU B 170 -15.40 9.10 24.87
C GLU B 170 -15.49 10.61 24.75
N HIS B 171 -16.51 11.11 24.04
CA HIS B 171 -16.82 12.53 23.98
C HIS B 171 -18.08 12.88 24.81
N GLU B 172 -18.37 12.04 25.81
CA GLU B 172 -19.30 12.31 26.93
C GLU B 172 -20.79 12.17 26.59
N TYR B 173 -21.12 11.53 25.47
CA TYR B 173 -22.50 11.35 25.05
C TYR B 173 -22.84 9.89 24.79
N VAL B 174 -24.11 9.55 25.00
CA VAL B 174 -24.72 8.31 24.52
C VAL B 174 -25.88 8.68 23.58
N HIS B 175 -26.23 7.78 22.66
CA HIS B 175 -27.24 8.05 21.62
C HIS B 175 -28.66 7.68 22.08
N GLY B 176 -28.80 6.47 22.63
CA GLY B 176 -30.07 6.02 23.24
C GLY B 176 -31.14 5.51 22.29
N ASP B 177 -30.83 5.42 20.99
CA ASP B 177 -31.85 5.15 19.97
C ASP B 177 -31.27 4.54 18.67
N ILE B 178 -30.33 3.61 18.83
CA ILE B 178 -29.76 2.92 17.68
C ILE B 178 -30.85 1.99 17.05
N LYS B 179 -31.07 2.14 15.75
CA LYS B 179 -32.00 1.28 15.01
C LYS B 179 -31.77 1.47 13.51
N ALA B 180 -32.25 0.50 12.73
CA ALA B 180 -32.08 0.49 11.28
C ALA B 180 -32.50 1.80 10.60
N SER B 181 -33.57 2.44 11.09
CA SER B 181 -34.06 3.70 10.49
C SER B 181 -33.18 4.92 10.82
N ASN B 182 -32.34 4.81 11.86
CA ASN B 182 -31.31 5.83 12.19
C ASN B 182 -29.90 5.49 11.65
N LEU B 183 -29.83 4.52 10.74
CA LEU B 183 -28.59 4.08 10.17
C LEU B 183 -28.66 4.27 8.67
N LEU B 184 -27.89 5.23 8.15
CA LEU B 184 -27.93 5.61 6.75
C LEU B 184 -26.58 5.36 6.07
N LEU B 185 -26.64 5.03 4.77
CA LEU B 185 -25.43 4.74 4.00
C LEU B 185 -24.83 6.01 3.40
N ASN B 186 -23.51 6.02 3.29
CA ASN B 186 -22.82 7.12 2.65
C ASN B 186 -23.36 7.17 1.23
N TYR B 187 -23.75 8.37 0.78
CA TYR B 187 -24.34 8.56 -0.56
C TYR B 187 -23.38 8.17 -1.70
N LYS B 188 -22.07 8.35 -1.49
CA LYS B 188 -21.05 7.96 -2.48
C LYS B 188 -20.33 6.63 -2.16
N ASN B 189 -20.68 5.97 -1.04
CA ASN B 189 -20.09 4.67 -0.67
C ASN B 189 -21.09 3.79 0.11
N PRO B 190 -21.73 2.83 -0.58
CA PRO B 190 -22.68 1.93 0.11
C PRO B 190 -22.10 0.91 1.14
N ASP B 191 -20.80 0.93 1.42
CA ASP B 191 -20.22 0.11 2.50
C ASP B 191 -19.96 0.89 3.79
N GLN B 192 -20.22 2.20 3.77
CA GLN B 192 -20.03 3.06 4.93
C GLN B 192 -21.38 3.39 5.52
N VAL B 193 -21.59 2.99 6.77
CA VAL B 193 -22.85 3.21 7.50
C VAL B 193 -22.65 4.31 8.55
N TYR B 194 -23.63 5.21 8.63
CA TYR B 194 -23.62 6.37 9.52
C TYR B 194 -24.81 6.29 10.49
N LEU B 195 -24.58 6.66 11.75
CA LEU B 195 -25.64 6.74 12.76
C LEU B 195 -26.10 8.19 12.84
N VAL B 196 -27.39 8.43 12.61
CA VAL B 196 -27.99 9.77 12.64
C VAL B 196 -28.95 9.97 13.83
N ASP B 197 -29.43 11.21 13.95
CA ASP B 197 -30.45 11.64 14.91
C ASP B 197 -29.91 11.56 16.34
N TYR B 198 -29.28 12.65 16.77
CA TYR B 198 -28.80 12.81 18.13
C TYR B 198 -29.73 13.74 18.93
N GLY B 199 -31.02 13.75 18.54
CA GLY B 199 -32.05 14.48 19.27
C GLY B 199 -32.36 13.93 20.66
N LEU B 200 -32.28 12.62 20.86
CA LEU B 200 -32.37 12.02 22.21
C LEU B 200 -31.01 11.81 22.91
N ALA B 201 -29.92 12.27 22.29
CA ALA B 201 -28.60 12.09 22.87
C ALA B 201 -28.52 12.69 24.27
N TYR B 202 -27.80 12.03 25.15
CA TYR B 202 -27.68 12.44 26.53
C TYR B 202 -26.21 12.58 26.90
N ARG B 203 -25.87 13.72 27.50
CA ARG B 203 -24.51 13.96 27.98
C ARG B 203 -24.34 13.30 29.34
N TYR B 204 -24.03 12.01 29.31
CA TYR B 204 -23.97 11.15 30.50
C TYR B 204 -22.80 11.49 31.46
N CYS B 205 -21.80 12.22 30.96
CA CYS B 205 -20.53 12.35 31.65
C CYS B 205 -19.89 13.75 31.60
N PRO B 206 -20.66 14.80 31.94
CA PRO B 206 -20.14 16.17 31.77
C PRO B 206 -18.88 16.41 32.59
N GLU B 207 -17.81 16.82 31.91
CA GLU B 207 -16.50 17.08 32.53
C GLU B 207 -15.95 15.87 33.33
N GLY B 208 -16.11 14.68 32.76
CA GLY B 208 -15.60 13.45 33.34
C GLY B 208 -16.35 12.89 34.54
N VAL B 209 -17.47 13.50 34.94
CA VAL B 209 -18.26 13.07 36.10
C VAL B 209 -19.55 12.35 35.65
N HIS B 210 -19.57 11.03 35.81
CA HIS B 210 -20.71 10.20 35.41
C HIS B 210 -21.97 10.56 36.21
N LYS B 211 -23.07 10.73 35.49
CA LYS B 211 -24.40 10.86 36.07
C LYS B 211 -24.69 9.69 37.05
N ALA B 212 -25.07 10.00 38.29
CA ALA B 212 -25.39 8.95 39.26
C ALA B 212 -26.72 8.25 38.88
N TYR B 213 -26.81 6.96 39.22
CA TYR B 213 -28.02 6.16 38.99
C TYR B 213 -29.19 6.74 39.75
N ALA B 214 -30.33 6.92 39.08
CA ALA B 214 -31.59 7.27 39.75
C ALA B 214 -32.79 7.07 38.82
N ALA B 215 -33.86 6.49 39.35
CA ALA B 215 -35.08 6.25 38.59
C ALA B 215 -35.93 7.51 38.69
N ASP B 216 -36.15 8.17 37.56
CA ASP B 216 -37.00 9.34 37.43
C ASP B 216 -38.23 8.90 36.63
N PRO B 217 -39.45 8.99 37.24
CA PRO B 217 -40.68 8.61 36.52
C PRO B 217 -40.91 9.32 35.18
N LYS B 218 -40.39 10.54 35.03
CA LYS B 218 -40.50 11.28 33.75
C LYS B 218 -39.70 10.64 32.61
N ARG B 219 -38.64 9.89 32.93
CA ARG B 219 -37.79 9.26 31.92
C ARG B 219 -38.25 7.86 31.49
N CYS B 220 -39.23 7.28 32.19
CA CYS B 220 -39.58 5.87 31.97
C CYS B 220 -39.96 5.60 30.51
N HIS B 221 -39.30 4.60 29.92
CA HIS B 221 -39.60 4.07 28.60
C HIS B 221 -39.19 5.01 27.46
N ASP B 222 -38.27 5.93 27.72
CA ASP B 222 -37.67 6.74 26.64
C ASP B 222 -36.92 5.82 25.70
N GLY B 223 -36.86 6.26 24.44
CA GLY B 223 -36.24 5.51 23.34
C GLY B 223 -37.31 4.91 22.44
N THR B 224 -36.90 3.96 21.61
CA THR B 224 -37.82 3.18 20.80
C THR B 224 -38.11 1.90 21.57
N ILE B 225 -39.38 1.74 21.94
CA ILE B 225 -39.79 0.73 22.94
C ILE B 225 -39.24 -0.67 22.68
N GLU B 226 -39.28 -1.15 21.43
CA GLU B 226 -38.82 -2.52 21.15
C GLU B 226 -37.29 -2.72 21.29
N PHE B 227 -36.51 -1.65 21.12
CA PHE B 227 -35.04 -1.69 21.20
C PHE B 227 -34.43 -1.02 22.44
N THR B 228 -35.19 -0.19 23.14
CA THR B 228 -34.62 0.61 24.23
C THR B 228 -34.11 -0.24 25.40
N SER B 229 -33.27 0.37 26.24
CA SER B 229 -32.61 -0.35 27.31
C SER B 229 -33.51 -0.55 28.55
N ILE B 230 -33.16 -1.58 29.33
CA ILE B 230 -33.78 -1.80 30.64
C ILE B 230 -33.65 -0.55 31.52
N ASP B 231 -32.48 0.08 31.54
CA ASP B 231 -32.30 1.33 32.28
C ASP B 231 -33.34 2.38 31.86
N ALA B 232 -33.52 2.56 30.56
CA ALA B 232 -34.47 3.54 30.03
C ALA B 232 -35.92 3.17 30.41
N HIS B 233 -36.26 1.89 30.31
CA HIS B 233 -37.54 1.39 30.82
C HIS B 233 -37.75 1.74 32.29
N ASN B 234 -36.71 1.60 33.11
CA ASN B 234 -36.78 1.97 34.53
C ASN B 234 -36.71 3.48 34.83
N GLY B 235 -36.68 4.32 33.80
CA GLY B 235 -36.59 5.78 34.00
C GLY B 235 -35.22 6.23 34.46
N VAL B 236 -34.21 5.46 34.09
CA VAL B 236 -32.84 5.76 34.46
C VAL B 236 -32.21 6.43 33.26
N ALA B 237 -31.55 7.56 33.45
CA ALA B 237 -30.89 8.26 32.32
C ALA B 237 -30.00 7.31 31.53
N PRO B 238 -30.00 7.38 30.18
CA PRO B 238 -29.23 6.37 29.44
C PRO B 238 -27.75 6.43 29.74
N SER B 239 -27.07 5.28 29.74
CA SER B 239 -25.61 5.26 29.84
C SER B 239 -25.02 4.37 28.76
N ARG B 240 -23.72 4.08 28.86
CA ARG B 240 -23.00 3.32 27.84
C ARG B 240 -23.49 1.89 27.68
N ARG B 241 -23.73 1.19 28.79
CA ARG B 241 -24.24 -0.17 28.69
C ARG B 241 -25.56 -0.22 27.90
N GLY B 242 -26.42 0.78 28.11
CA GLY B 242 -27.69 0.90 27.39
C GLY B 242 -27.54 0.94 25.88
N ASP B 243 -26.60 1.73 25.38
CA ASP B 243 -26.33 1.81 23.93
C ASP B 243 -25.89 0.46 23.39
N LEU B 244 -25.06 -0.23 24.15
CA LEU B 244 -24.59 -1.54 23.72
C LEU B 244 -25.73 -2.56 23.78
N GLU B 245 -26.58 -2.44 24.79
CA GLU B 245 -27.74 -3.30 24.92
C GLU B 245 -28.68 -3.10 23.72
N ILE B 246 -28.92 -1.85 23.37
CA ILE B 246 -29.81 -1.52 22.24
C ILE B 246 -29.27 -2.15 20.95
N LEU B 247 -27.95 -2.05 20.77
CA LEU B 247 -27.32 -2.69 19.62
C LEU B 247 -27.51 -4.21 19.62
N GLY B 248 -27.42 -4.83 20.80
CA GLY B 248 -27.72 -6.25 20.95
C GLY B 248 -29.11 -6.60 20.40
N TYR B 249 -30.14 -5.89 20.83
CA TYR B 249 -31.50 -6.17 20.38
C TYR B 249 -31.64 -5.95 18.87
N CYS B 250 -30.99 -4.92 18.35
CA CYS B 250 -30.95 -4.68 16.90
C CYS B 250 -30.36 -5.85 16.13
N MET B 251 -29.25 -6.40 16.63
CA MET B 251 -28.55 -7.50 15.95
C MET B 251 -29.45 -8.72 15.88
N ILE B 252 -30.14 -9.00 16.97
CA ILE B 252 -31.09 -10.14 17.03
C ILE B 252 -32.24 -9.89 16.03
N GLN B 253 -32.85 -8.71 16.10
CA GLN B 253 -33.91 -8.30 15.14
C GLN B 253 -33.46 -8.53 13.69
N TRP B 254 -32.28 -8.01 13.39
CA TRP B 254 -31.73 -8.07 12.02
C TRP B 254 -31.50 -9.51 11.58
N LEU B 255 -30.93 -10.33 12.47
CA LEU B 255 -30.64 -11.73 12.15
C LEU B 255 -31.88 -12.58 11.94
N THR B 256 -32.89 -12.41 12.79
CA THR B 256 -34.01 -13.36 12.90
C THR B 256 -35.36 -12.85 12.38
N GLY B 257 -35.45 -11.55 12.10
CA GLY B 257 -36.73 -10.92 11.79
C GLY B 257 -37.64 -10.58 12.98
N HIS B 258 -37.23 -10.94 14.20
CA HIS B 258 -38.13 -10.90 15.35
C HIS B 258 -37.43 -10.60 16.68
N LEU B 259 -38.21 -10.09 17.64
CA LEU B 259 -37.85 -10.03 19.05
C LEU B 259 -39.03 -10.62 19.86
N PRO B 260 -38.74 -11.26 21.02
CA PRO B 260 -39.77 -12.00 21.78
C PRO B 260 -40.96 -11.16 22.22
N TRP B 261 -40.72 -9.87 22.45
CA TRP B 261 -41.70 -8.94 23.04
C TRP B 261 -42.46 -8.09 21.98
N GLU B 262 -42.24 -8.35 20.70
CA GLU B 262 -42.77 -7.51 19.61
C GLU B 262 -44.29 -7.51 19.45
N ASP B 263 -44.98 -8.56 19.92
CA ASP B 263 -46.44 -8.57 19.91
C ASP B 263 -47.10 -7.74 21.02
N ASN B 264 -46.32 -7.29 22.00
CA ASN B 264 -46.86 -6.56 23.16
C ASN B 264 -46.25 -5.17 23.36
N LEU B 265 -45.98 -4.43 22.27
CA LEU B 265 -45.31 -3.14 22.38
C LEU B 265 -46.20 -2.04 22.96
N LYS B 266 -47.51 -2.21 22.89
CA LYS B 266 -48.45 -1.30 23.57
C LYS B 266 -48.49 -1.46 25.12
N ASP B 267 -47.72 -2.42 25.67
CA ASP B 267 -47.62 -2.65 27.12
C ASP B 267 -46.16 -2.47 27.56
N PRO B 268 -45.77 -1.24 27.95
CA PRO B 268 -44.37 -0.97 28.30
C PRO B 268 -43.80 -1.77 29.50
N LYS B 269 -44.62 -2.04 30.50
CA LYS B 269 -44.23 -2.87 31.66
C LYS B 269 -43.83 -4.29 31.24
N TYR B 270 -44.65 -4.91 30.38
CA TYR B 270 -44.37 -6.22 29.82
C TYR B 270 -43.09 -6.26 28.99
N VAL B 271 -42.85 -5.22 28.17
CA VAL B 271 -41.59 -5.14 27.41
C VAL B 271 -40.40 -5.03 28.38
N ARG B 272 -40.50 -4.13 29.37
CA ARG B 272 -39.46 -4.02 30.42
C ARG B 272 -39.26 -5.38 31.09
N ASP B 273 -40.33 -5.99 31.54
CA ASP B 273 -40.19 -7.24 32.28
C ASP B 273 -39.65 -8.39 31.43
N SER B 274 -39.99 -8.41 30.14
CA SER B 274 -39.54 -9.45 29.26
C SER B 274 -38.04 -9.31 29.03
N LYS B 275 -37.54 -8.09 28.85
CA LYS B 275 -36.10 -7.85 28.72
C LYS B 275 -35.33 -8.19 30.00
N ILE B 276 -35.88 -7.82 31.16
CA ILE B 276 -35.27 -8.19 32.44
C ILE B 276 -35.17 -9.71 32.55
N ARG B 277 -36.24 -10.41 32.20
CA ARG B 277 -36.27 -11.87 32.23
C ARG B 277 -35.24 -12.50 31.31
N TYR B 278 -35.12 -11.98 30.09
CA TYR B 278 -34.15 -12.50 29.12
C TYR B 278 -32.70 -12.07 29.38
N ARG B 279 -32.49 -11.03 30.21
CA ARG B 279 -31.16 -10.70 30.71
C ARG B 279 -30.74 -11.68 31.83
N GLU B 280 -31.64 -11.94 32.77
CA GLU B 280 -31.42 -12.96 33.83
C GLU B 280 -31.05 -14.32 33.26
N ASN B 281 -31.60 -14.66 32.09
CA ASN B 281 -31.47 -15.98 31.49
C ASN B 281 -31.24 -15.82 29.98
N ILE B 282 -29.98 -15.60 29.63
CA ILE B 282 -29.58 -15.33 28.24
C ILE B 282 -29.74 -16.57 27.38
N ALA B 283 -29.43 -17.75 27.93
CA ALA B 283 -29.68 -19.02 27.23
C ALA B 283 -31.11 -19.14 26.72
N SER B 284 -32.09 -18.71 27.54
CA SER B 284 -33.49 -18.76 27.15
C SER B 284 -33.81 -17.73 26.06
N LEU B 285 -33.10 -16.60 26.01
CA LEU B 285 -33.25 -15.65 24.89
C LEU B 285 -32.78 -16.22 23.55
N MET B 286 -31.62 -16.89 23.58
CA MET B 286 -31.08 -17.55 22.39
C MET B 286 -32.01 -18.67 21.91
N ASP B 287 -32.49 -19.50 22.83
CA ASP B 287 -33.51 -20.52 22.53
C ASP B 287 -34.75 -19.89 21.86
N LYS B 288 -35.27 -18.82 22.45
CA LYS B 288 -36.47 -18.15 21.95
C LYS B 288 -36.29 -17.53 20.57
N CYS B 289 -35.18 -16.80 20.38
CA CYS B 289 -34.92 -16.06 19.15
C CYS B 289 -34.33 -16.88 18.01
N PHE B 290 -33.55 -17.90 18.34
CA PHE B 290 -32.95 -18.79 17.36
C PHE B 290 -33.48 -20.20 17.62
N PRO B 291 -34.81 -20.41 17.43
CA PRO B 291 -35.44 -21.68 17.85
C PRO B 291 -34.93 -22.88 17.07
N ALA B 292 -34.61 -22.66 15.79
CA ALA B 292 -34.23 -23.74 14.91
C ALA B 292 -33.09 -24.57 15.48
N ALA B 293 -32.00 -23.90 15.88
CA ALA B 293 -30.71 -24.57 16.06
C ALA B 293 -29.74 -23.73 16.90
N ASN B 294 -28.43 -23.82 16.62
CA ASN B 294 -27.41 -23.00 17.29
C ASN B 294 -27.62 -21.51 16.99
N ALA B 295 -27.71 -20.72 18.04
CA ALA B 295 -27.60 -19.28 17.92
C ALA B 295 -26.15 -19.00 17.59
N PRO B 296 -25.89 -17.90 16.87
CA PRO B 296 -24.49 -17.53 16.71
C PRO B 296 -23.82 -17.33 18.07
N GLY B 297 -22.76 -18.09 18.34
CA GLY B 297 -21.98 -18.00 19.58
C GLY B 297 -21.59 -16.58 19.96
N GLU B 298 -21.17 -15.79 18.98
CA GLU B 298 -20.79 -14.39 19.21
C GLU B 298 -21.93 -13.51 19.75
N ILE B 299 -23.17 -13.80 19.35
CA ILE B 299 -24.33 -13.02 19.80
C ILE B 299 -24.55 -13.30 21.29
N ALA B 300 -24.45 -14.57 21.69
CA ALA B 300 -24.53 -14.94 23.11
C ALA B 300 -23.43 -14.29 23.96
N LYS B 301 -22.19 -14.33 23.46
CA LYS B 301 -21.07 -13.74 24.20
C LYS B 301 -21.20 -12.24 24.34
N TYR B 302 -21.66 -11.58 23.28
CA TYR B 302 -21.96 -10.14 23.31
C TYR B 302 -22.99 -9.82 24.41
N MET B 303 -24.13 -10.49 24.39
CA MET B 303 -25.17 -10.26 25.38
C MET B 303 -24.68 -10.54 26.81
N GLU B 304 -23.89 -11.60 26.99
CA GLU B 304 -23.27 -11.89 28.30
C GLU B 304 -22.38 -10.74 28.75
N THR B 305 -21.59 -10.22 27.83
CA THR B 305 -20.64 -9.14 28.17
C THR B 305 -21.38 -7.85 28.57
N VAL B 306 -22.40 -7.51 27.82
CA VAL B 306 -23.26 -6.38 28.18
C VAL B 306 -23.93 -6.61 29.57
N LYS B 307 -24.38 -7.82 29.85
CA LYS B 307 -24.98 -8.12 31.17
C LYS B 307 -24.01 -7.81 32.33
N LEU B 308 -22.74 -8.13 32.13
CA LEU B 308 -21.67 -7.86 33.10
C LEU B 308 -21.39 -6.40 33.38
N LEU B 309 -21.82 -5.50 32.51
CA LEU B 309 -21.59 -4.08 32.69
C LEU B 309 -22.51 -3.48 33.73
N ASP B 310 -21.93 -2.72 34.65
CA ASP B 310 -22.67 -1.87 35.56
C ASP B 310 -23.01 -0.51 34.93
N TYR B 311 -23.89 0.23 35.61
CA TYR B 311 -24.43 1.47 35.08
C TYR B 311 -23.36 2.47 34.65
N THR B 312 -22.37 2.68 35.50
CA THR B 312 -21.32 3.69 35.22
C THR B 312 -20.04 3.10 34.59
N GLU B 313 -20.04 1.81 34.28
CA GLU B 313 -18.82 1.12 33.87
C GLU B 313 -18.42 1.47 32.43
N LYS B 314 -17.12 1.69 32.22
CA LYS B 314 -16.58 1.88 30.88
C LYS B 314 -16.50 0.53 30.19
N PRO B 315 -17.20 0.36 29.05
CA PRO B 315 -17.05 -0.89 28.31
C PRO B 315 -15.62 -1.14 27.80
N LEU B 316 -15.25 -2.40 27.73
CA LEU B 316 -14.02 -2.81 27.05
C LEU B 316 -14.36 -3.04 25.58
N TYR B 317 -14.32 -1.97 24.80
CA TYR B 317 -14.78 -1.98 23.42
C TYR B 317 -13.97 -2.94 22.54
N GLU B 318 -12.68 -3.09 22.84
CA GLU B 318 -11.85 -4.07 22.13
C GLU B 318 -12.31 -5.55 22.28
N ASN B 319 -12.68 -5.96 23.48
N ASN B 319 -12.66 -5.94 23.50
CA ASN B 319 -13.20 -7.32 23.67
CA ASN B 319 -13.23 -7.29 23.81
C ASN B 319 -14.48 -7.54 22.89
C ASN B 319 -14.49 -7.55 22.95
N LEU B 320 -15.33 -6.51 22.82
CA LEU B 320 -16.58 -6.60 22.06
C LEU B 320 -16.30 -6.74 20.55
N ARG B 321 -15.33 -5.96 20.07
CA ARG B 321 -14.86 -6.10 18.70
C ARG B 321 -14.33 -7.51 18.42
N ASP B 322 -13.48 -7.97 19.33
CA ASP B 322 -12.92 -9.33 19.25
C ASP B 322 -13.99 -10.40 19.24
N ILE B 323 -15.02 -10.26 20.08
CA ILE B 323 -16.16 -11.17 20.04
C ILE B 323 -16.79 -11.25 18.64
N LEU B 324 -16.98 -10.10 17.99
CA LEU B 324 -17.62 -10.08 16.69
C LEU B 324 -16.67 -10.59 15.59
N LEU B 325 -15.39 -10.20 15.69
CA LEU B 325 -14.35 -10.73 14.77
C LEU B 325 -14.25 -12.25 14.84
N GLN B 326 -14.34 -12.83 16.03
CA GLN B 326 -14.45 -14.29 16.21
C GLN B 326 -15.61 -14.87 15.37
N GLY B 327 -16.74 -14.14 15.33
CA GLY B 327 -17.91 -14.52 14.51
C GLY B 327 -17.64 -14.58 13.01
N LEU B 328 -17.03 -13.54 12.48
CA LEU B 328 -16.58 -13.50 11.09
C LEU B 328 -15.64 -14.66 10.74
N LYS B 329 -14.70 -14.96 11.63
CA LYS B 329 -13.80 -16.10 11.46
C LYS B 329 -14.57 -17.44 11.43
N ALA B 330 -15.57 -17.58 12.31
CA ALA B 330 -16.38 -18.82 12.37
C ALA B 330 -17.08 -19.13 11.04
N ILE B 331 -17.59 -18.09 10.37
CA ILE B 331 -18.29 -18.25 9.08
C ILE B 331 -17.43 -18.18 7.82
N GLY B 332 -16.09 -18.18 7.98
CA GLY B 332 -15.18 -18.22 6.84
C GLY B 332 -14.79 -16.88 6.25
N SER B 333 -15.05 -15.79 6.96
CA SER B 333 -14.84 -14.43 6.44
C SER B 333 -13.83 -13.65 7.31
N LYS B 334 -13.79 -12.33 7.12
CA LYS B 334 -12.94 -11.42 7.90
C LYS B 334 -13.49 -10.00 7.75
N ASP B 335 -12.94 -9.06 8.54
CA ASP B 335 -13.38 -7.66 8.44
C ASP B 335 -12.75 -6.97 7.23
N ASP B 336 -13.37 -7.18 6.07
CA ASP B 336 -13.00 -6.51 4.83
C ASP B 336 -13.84 -5.24 4.56
N GLY B 337 -14.65 -4.83 5.53
CA GLY B 337 -15.53 -3.67 5.37
C GLY B 337 -16.61 -3.75 4.30
N LYS B 338 -16.92 -4.96 3.81
CA LYS B 338 -18.01 -5.17 2.83
C LYS B 338 -19.30 -5.48 3.59
N LEU B 339 -20.32 -4.64 3.43
CA LEU B 339 -21.60 -4.83 4.14
C LEU B 339 -22.49 -5.92 3.54
N ASP B 340 -22.32 -6.21 2.24
CA ASP B 340 -23.10 -7.24 1.52
C ASP B 340 -24.61 -7.03 1.59
N LEU B 341 -25.02 -5.79 1.38
CA LEU B 341 -26.42 -5.45 1.26
C LEU B 341 -26.84 -5.67 -0.19
N GLU C 21 -7.18 -54.33 -25.86
CA GLU C 21 -6.67 -55.53 -25.13
C GLU C 21 -6.57 -55.38 -23.59
N GLN C 22 -6.50 -54.15 -23.08
CA GLN C 22 -6.52 -53.90 -21.61
C GLN C 22 -7.81 -54.33 -20.91
N PHE C 23 -8.93 -54.06 -21.59
CA PHE C 23 -10.25 -54.34 -21.08
C PHE C 23 -11.06 -55.07 -22.17
N ALA C 24 -11.97 -55.94 -21.74
CA ALA C 24 -12.99 -56.50 -22.64
C ALA C 24 -14.08 -55.43 -22.87
N VAL C 25 -14.65 -55.41 -24.08
CA VAL C 25 -15.80 -54.55 -24.40
C VAL C 25 -17.02 -55.09 -23.60
N GLY C 26 -17.42 -54.36 -22.56
CA GLY C 26 -18.43 -54.82 -21.60
C GLY C 26 -17.93 -55.08 -20.18
N GLU C 27 -16.61 -54.99 -19.94
CA GLU C 27 -16.03 -55.23 -18.62
C GLU C 27 -16.37 -54.11 -17.64
N ILE C 28 -16.59 -54.49 -16.39
CA ILE C 28 -16.93 -53.56 -15.32
C ILE C 28 -15.69 -53.29 -14.50
N ILE C 29 -15.35 -52.00 -14.39
CA ILE C 29 -14.19 -51.55 -13.63
C ILE C 29 -14.65 -50.65 -12.49
N THR C 30 -13.94 -50.73 -11.37
CA THR C 30 -14.23 -49.95 -10.19
C THR C 30 -13.04 -49.05 -9.87
N ASP C 31 -13.28 -47.75 -9.74
CA ASP C 31 -12.21 -46.79 -9.47
C ASP C 31 -11.89 -46.72 -7.98
N MET C 32 -10.95 -45.88 -7.60
CA MET C 32 -10.53 -45.74 -6.21
C MET C 32 -11.58 -45.18 -5.27
N ALA C 33 -12.49 -44.37 -5.78
CA ALA C 33 -13.63 -43.87 -5.02
C ALA C 33 -14.79 -44.87 -4.99
N ALA C 34 -14.55 -46.10 -5.44
CA ALA C 34 -15.56 -47.15 -5.54
C ALA C 34 -16.71 -46.87 -6.51
N ALA C 35 -16.54 -45.94 -7.45
CA ALA C 35 -17.53 -45.70 -8.51
C ALA C 35 -17.34 -46.73 -9.64
N ALA C 36 -18.45 -47.33 -10.08
CA ALA C 36 -18.44 -48.39 -11.09
C ALA C 36 -18.64 -47.86 -12.51
N TRP C 37 -17.83 -48.37 -13.44
CA TRP C 37 -17.91 -47.99 -14.86
C TRP C 37 -17.89 -49.22 -15.73
N LYS C 38 -18.46 -49.08 -16.91
CA LYS C 38 -18.43 -50.12 -17.90
C LYS C 38 -17.64 -49.65 -19.11
N VAL C 39 -16.76 -50.53 -19.59
CA VAL C 39 -15.86 -50.25 -20.71
C VAL C 39 -16.54 -50.61 -22.04
N GLY C 40 -16.46 -49.67 -22.99
CA GLY C 40 -16.93 -49.87 -24.35
C GLY C 40 -15.80 -50.17 -25.34
N LEU C 41 -15.98 -49.73 -26.58
CA LEU C 41 -15.02 -50.00 -27.67
C LEU C 41 -13.76 -49.19 -27.52
N PRO C 42 -12.62 -49.69 -28.05
CA PRO C 42 -11.43 -48.83 -28.23
C PRO C 42 -11.69 -47.65 -29.17
N ILE C 43 -11.04 -46.52 -28.92
CA ILE C 43 -10.97 -45.40 -29.89
C ILE C 43 -9.54 -44.85 -29.97
N CYS C 50 -4.05 -45.85 -26.16
CA CYS C 50 -4.92 -46.83 -25.48
C CYS C 50 -6.10 -46.17 -24.73
N ILE C 51 -7.16 -45.87 -25.46
CA ILE C 51 -8.34 -45.16 -24.96
C ILE C 51 -9.57 -45.95 -25.39
N TYR C 52 -10.50 -46.12 -24.44
CA TYR C 52 -11.78 -46.78 -24.68
C TYR C 52 -12.95 -45.85 -24.35
N LEU C 53 -14.07 -46.03 -25.06
CA LEU C 53 -15.33 -45.42 -24.64
C LEU C 53 -15.74 -46.04 -23.30
N ALA C 54 -16.61 -45.34 -22.58
CA ALA C 54 -17.06 -45.80 -21.27
C ALA C 54 -18.27 -45.02 -20.77
N ASP C 55 -19.04 -45.68 -19.90
CA ASP C 55 -20.21 -45.08 -19.26
C ASP C 55 -20.31 -45.60 -17.80
N MET C 56 -21.28 -45.08 -17.07
CA MET C 56 -21.67 -45.64 -15.76
C MET C 56 -22.06 -47.10 -15.93
N ASN C 57 -21.77 -47.91 -14.91
CA ASN C 57 -22.19 -49.28 -14.90
C ASN C 57 -23.73 -49.34 -14.98
N SER C 58 -24.22 -50.20 -15.85
CA SER C 58 -25.64 -50.46 -16.01
C SER C 58 -25.75 -51.83 -16.66
N SER C 59 -26.97 -52.31 -16.84
CA SER C 59 -27.20 -53.58 -17.54
C SER C 59 -27.05 -53.48 -19.05
N GLU C 60 -27.15 -52.26 -19.59
CA GLU C 60 -26.98 -52.01 -21.03
C GLU C 60 -25.51 -51.79 -21.37
N SER C 61 -25.09 -52.26 -22.55
CA SER C 61 -23.71 -52.13 -23.01
C SER C 61 -23.39 -50.71 -23.44
N VAL C 62 -22.11 -50.37 -23.40
CA VAL C 62 -21.65 -49.02 -23.74
C VAL C 62 -21.67 -48.86 -25.27
N GLY C 63 -22.36 -47.82 -25.75
CA GLY C 63 -22.57 -47.63 -27.18
C GLY C 63 -21.64 -46.63 -27.84
N SER C 64 -21.96 -46.34 -29.10
CA SER C 64 -21.29 -45.32 -29.91
C SER C 64 -21.38 -43.91 -29.28
N ASP C 65 -22.48 -43.62 -28.59
CA ASP C 65 -22.72 -42.29 -27.97
C ASP C 65 -22.31 -42.18 -26.48
N ALA C 66 -21.39 -43.02 -26.03
CA ALA C 66 -20.88 -42.97 -24.65
C ALA C 66 -20.42 -41.55 -24.24
N PRO C 67 -20.75 -41.11 -23.02
CA PRO C 67 -20.37 -39.76 -22.59
C PRO C 67 -18.95 -39.66 -21.99
N CYS C 68 -18.26 -40.79 -21.81
CA CYS C 68 -16.92 -40.78 -21.20
C CYS C 68 -15.92 -41.61 -22.00
N VAL C 69 -14.65 -41.41 -21.69
CA VAL C 69 -13.58 -42.29 -22.15
C VAL C 69 -12.77 -42.76 -20.96
N VAL C 70 -12.06 -43.87 -21.13
CA VAL C 70 -11.11 -44.30 -20.11
C VAL C 70 -9.73 -44.42 -20.76
N LYS C 71 -8.78 -43.66 -20.24
CA LYS C 71 -7.38 -43.70 -20.71
C LYS C 71 -6.58 -44.61 -19.80
N VAL C 72 -5.76 -45.47 -20.42
CA VAL C 72 -4.94 -46.46 -19.70
C VAL C 72 -3.48 -46.35 -20.16
N GLU C 73 -2.56 -46.23 -19.20
CA GLU C 73 -1.12 -46.31 -19.47
C GLU C 73 -0.45 -47.14 -18.39
N PRO C 74 0.78 -47.65 -18.63
CA PRO C 74 1.51 -48.25 -17.52
C PRO C 74 1.65 -47.29 -16.35
N SER C 75 1.75 -47.82 -15.13
CA SER C 75 1.99 -47.02 -13.93
C SER C 75 3.28 -46.15 -13.99
N ASP C 76 4.29 -46.64 -14.71
CA ASP C 76 5.55 -45.90 -14.91
C ASP C 76 5.44 -44.69 -15.86
N ASN C 77 4.31 -44.54 -16.57
CA ASN C 77 4.11 -43.42 -17.49
C ASN C 77 4.01 -42.10 -16.72
N GLY C 78 5.00 -41.25 -16.94
CA GLY C 78 5.08 -39.96 -16.27
C GLY C 78 3.99 -39.00 -16.71
N PRO C 79 3.75 -38.90 -18.03
CA PRO C 79 2.72 -38.00 -18.53
C PRO C 79 1.30 -38.26 -18.00
N LEU C 80 0.86 -39.51 -17.97
CA LEU C 80 -0.50 -39.80 -17.44
C LEU C 80 -0.58 -39.42 -15.96
N PHE C 81 0.50 -39.63 -15.21
CA PHE C 81 0.55 -39.14 -13.82
C PHE C 81 0.41 -37.62 -13.74
N THR C 82 1.21 -36.90 -14.53
CA THR C 82 1.15 -35.44 -14.57
C THR C 82 -0.25 -34.94 -14.94
N GLU C 83 -0.83 -35.53 -15.97
CA GLU C 83 -2.19 -35.23 -16.42
C GLU C 83 -3.25 -35.55 -15.35
N LEU C 84 -3.15 -36.73 -14.75
CA LEU C 84 -4.08 -37.10 -13.69
C LEU C 84 -4.04 -36.11 -12.53
N LYS C 85 -2.85 -35.69 -12.10
CA LYS C 85 -2.75 -34.72 -11.03
C LYS C 85 -3.40 -33.40 -11.39
N PHE C 86 -3.22 -32.95 -12.63
CA PHE C 86 -3.92 -31.74 -13.09
C PHE C 86 -5.45 -31.94 -12.94
N TYR C 87 -5.94 -33.04 -13.46
CA TYR C 87 -7.37 -33.31 -13.44
C TYR C 87 -7.95 -33.42 -12.02
N GLN C 88 -7.23 -34.07 -11.11
CA GLN C 88 -7.67 -34.13 -9.72
C GLN C 88 -7.70 -32.77 -9.02
N ARG C 89 -6.72 -31.92 -9.32
CA ARG C 89 -6.59 -30.63 -8.64
C ARG C 89 -7.52 -29.58 -9.18
N ALA C 90 -7.70 -29.57 -10.50
CA ALA C 90 -8.36 -28.47 -11.20
C ALA C 90 -9.58 -28.84 -12.04
N ALA C 91 -9.93 -30.12 -12.16
CA ALA C 91 -11.02 -30.52 -13.03
C ALA C 91 -12.11 -31.31 -12.32
N LYS C 92 -12.31 -31.05 -11.02
CA LYS C 92 -13.38 -31.70 -10.28
C LYS C 92 -14.72 -31.15 -10.83
N PRO C 93 -15.71 -32.03 -11.11
CA PRO C 93 -16.91 -31.52 -11.76
C PRO C 93 -17.57 -30.33 -11.06
N GLU C 94 -17.56 -30.36 -9.72
CA GLU C 94 -18.25 -29.36 -8.91
C GLU C 94 -17.46 -28.06 -8.90
N GLN C 95 -16.13 -28.20 -8.96
CA GLN C 95 -15.19 -27.07 -9.02
C GLN C 95 -15.38 -26.28 -10.32
N ILE C 96 -15.44 -26.99 -11.44
CA ILE C 96 -15.76 -26.39 -12.72
C ILE C 96 -17.14 -25.71 -12.73
N GLN C 97 -18.18 -26.39 -12.21
CA GLN C 97 -19.53 -25.81 -12.18
C GLN C 97 -19.58 -24.52 -11.37
N LYS C 98 -18.95 -24.51 -10.20
CA LYS C 98 -18.90 -23.31 -9.38
C LYS C 98 -18.21 -22.14 -10.08
N TRP C 99 -17.11 -22.41 -10.77
CA TRP C 99 -16.43 -21.39 -11.57
C TRP C 99 -17.32 -20.84 -12.70
N ILE C 100 -18.02 -21.71 -13.42
CA ILE C 100 -18.97 -21.31 -14.48
C ILE C 100 -20.02 -20.33 -13.94
N ARG C 101 -20.54 -20.62 -12.75
CA ARG C 101 -21.53 -19.77 -12.08
C ARG C 101 -20.91 -18.43 -11.65
N THR C 102 -19.78 -18.49 -10.95
CA THR C 102 -19.18 -17.29 -10.32
C THR C 102 -18.55 -16.29 -11.31
N ARG C 103 -17.97 -16.80 -12.40
CA ARG C 103 -17.39 -15.97 -13.48
CA ARG C 103 -17.41 -15.97 -13.48
C ARG C 103 -18.40 -15.74 -14.62
N LYS C 104 -19.68 -16.06 -14.36
CA LYS C 104 -20.80 -15.87 -15.29
C LYS C 104 -20.47 -16.29 -16.72
N LEU C 105 -20.14 -17.58 -16.88
CA LEU C 105 -19.79 -18.18 -18.17
C LEU C 105 -20.93 -19.05 -18.65
N LYS C 106 -20.98 -19.32 -19.95
CA LYS C 106 -21.94 -20.27 -20.53
C LYS C 106 -21.49 -21.70 -20.29
N TYR C 107 -20.18 -21.91 -20.38
CA TYR C 107 -19.55 -23.18 -20.16
C TYR C 107 -18.05 -22.93 -19.88
N LEU C 108 -17.31 -23.96 -19.56
CA LEU C 108 -15.87 -23.85 -19.42
C LEU C 108 -15.24 -25.02 -20.12
N GLY C 109 -14.34 -24.75 -21.08
CA GLY C 109 -13.74 -25.82 -21.87
C GLY C 109 -12.63 -26.64 -21.22
N VAL C 110 -12.72 -26.92 -19.92
CA VAL C 110 -11.81 -27.83 -19.26
C VAL C 110 -12.53 -29.17 -19.15
N PRO C 111 -11.95 -30.26 -19.67
CA PRO C 111 -12.64 -31.56 -19.54
C PRO C 111 -12.87 -31.97 -18.08
N LYS C 112 -14.02 -32.57 -17.76
CA LYS C 112 -14.31 -33.01 -16.39
C LYS C 112 -13.64 -34.34 -16.09
N TYR C 113 -13.12 -34.43 -14.87
CA TYR C 113 -12.47 -35.62 -14.32
C TYR C 113 -13.50 -36.45 -13.55
N TRP C 114 -13.61 -37.74 -13.88
CA TRP C 114 -14.63 -38.63 -13.22
C TRP C 114 -14.08 -39.72 -12.31
N GLY C 115 -12.79 -40.06 -12.43
CA GLY C 115 -12.18 -41.02 -11.52
C GLY C 115 -10.91 -41.64 -12.04
N SER C 116 -10.25 -42.39 -11.17
CA SER C 116 -9.04 -43.13 -11.56
C SER C 116 -8.78 -44.31 -10.65
N GLY C 117 -7.90 -45.19 -11.14
CA GLY C 117 -7.42 -46.30 -10.36
C GLY C 117 -6.18 -46.96 -10.93
N LEU C 118 -5.88 -48.12 -10.37
CA LEU C 118 -4.79 -48.99 -10.81
C LEU C 118 -5.43 -50.30 -11.22
N HIS C 119 -4.84 -50.98 -12.19
CA HIS C 119 -5.42 -52.18 -12.78
C HIS C 119 -4.30 -53.09 -13.34
N ASP C 120 -4.37 -54.38 -13.04
CA ASP C 120 -3.41 -55.36 -13.55
C ASP C 120 -3.91 -56.08 -14.81
N LYS C 121 -3.05 -56.14 -15.84
CA LYS C 121 -3.24 -56.97 -17.03
C LYS C 121 -1.93 -57.71 -17.33
N ASN C 122 -2.02 -59.00 -17.67
CA ASN C 122 -0.87 -59.84 -18.06
C ASN C 122 0.41 -59.65 -17.20
N GLY C 123 0.22 -59.49 -15.89
CA GLY C 123 1.33 -59.33 -14.94
C GLY C 123 1.84 -57.91 -14.66
N LYS C 124 1.54 -56.94 -15.54
CA LYS C 124 2.00 -55.56 -15.37
C LYS C 124 1.01 -54.74 -14.54
N SER C 125 1.40 -53.52 -14.15
CA SER C 125 0.52 -52.57 -13.46
C SER C 125 0.23 -51.36 -14.33
N TYR C 126 -1.05 -51.00 -14.42
CA TYR C 126 -1.52 -49.91 -15.28
C TYR C 126 -2.33 -48.93 -14.47
N ARG C 127 -2.32 -47.68 -14.93
CA ARG C 127 -3.09 -46.60 -14.34
C ARG C 127 -4.21 -46.24 -15.31
N PHE C 128 -5.44 -46.03 -14.80
CA PHE C 128 -6.54 -45.61 -15.68
C PHE C 128 -7.22 -44.36 -15.16
N MET C 129 -7.86 -43.65 -16.09
CA MET C 129 -8.45 -42.35 -15.83
C MET C 129 -9.70 -42.16 -16.67
N ILE C 130 -10.82 -41.82 -16.02
CA ILE C 130 -12.10 -41.60 -16.69
C ILE C 130 -12.34 -40.10 -16.85
N MET C 131 -12.62 -39.67 -18.08
N MET C 131 -12.65 -39.70 -18.09
CA MET C 131 -12.82 -38.25 -18.36
CA MET C 131 -12.75 -38.30 -18.47
C MET C 131 -13.91 -38.12 -19.40
C MET C 131 -13.95 -38.13 -19.39
N ASP C 132 -14.30 -36.87 -19.68
CA ASP C 132 -15.33 -36.56 -20.69
C ASP C 132 -14.91 -37.11 -22.05
N ARG C 133 -15.87 -37.64 -22.80
CA ARG C 133 -15.70 -37.98 -24.21
C ARG C 133 -16.04 -36.74 -25.01
N PHE C 134 -15.35 -36.56 -26.13
CA PHE C 134 -15.59 -35.42 -27.02
C PHE C 134 -15.87 -35.89 -28.47
N GLY C 135 -16.25 -34.93 -29.32
CA GLY C 135 -16.37 -35.16 -30.75
C GLY C 135 -15.07 -34.90 -31.49
N SER C 136 -15.16 -34.21 -32.63
CA SER C 136 -14.00 -33.99 -33.49
C SER C 136 -13.03 -33.00 -32.90
N ASP C 137 -11.75 -33.16 -33.25
CA ASP C 137 -10.73 -32.14 -32.98
C ASP C 137 -10.82 -31.03 -34.05
N LEU C 138 -10.28 -29.85 -33.75
CA LEU C 138 -10.35 -28.71 -34.66
C LEU C 138 -9.46 -28.82 -35.88
N GLN C 139 -8.34 -29.53 -35.76
CA GLN C 139 -7.42 -29.69 -36.89
C GLN C 139 -8.10 -30.40 -38.07
N LYS C 140 -8.92 -31.42 -37.80
CA LYS C 140 -9.65 -32.11 -38.87
C LYS C 140 -10.60 -31.13 -39.55
N ILE C 141 -11.28 -30.31 -38.75
CA ILE C 141 -12.26 -29.36 -39.29
C ILE C 141 -11.58 -28.21 -40.08
N TYR C 142 -10.43 -27.80 -39.57
CA TYR C 142 -9.54 -26.82 -40.21
C TYR C 142 -9.11 -27.28 -41.60
N GLU C 143 -8.61 -28.52 -41.71
CA GLU C 143 -8.14 -29.08 -43.00
C GLU C 143 -9.29 -29.37 -43.98
N ALA C 144 -10.45 -29.76 -43.46
CA ALA C 144 -11.66 -29.92 -44.29
C ALA C 144 -12.15 -28.58 -44.82
N ASN C 145 -11.80 -27.48 -44.16
CA ASN C 145 -12.11 -26.13 -44.65
C ASN C 145 -10.94 -25.47 -45.41
N ALA C 146 -10.09 -26.29 -46.04
CA ALA C 146 -8.89 -25.84 -46.79
C ALA C 146 -7.92 -24.96 -45.96
N LYS C 147 -7.77 -25.31 -44.69
CA LYS C 147 -6.90 -24.63 -43.73
C LYS C 147 -7.18 -23.13 -43.56
N ARG C 148 -8.46 -22.79 -43.41
CA ARG C 148 -8.90 -21.45 -43.01
C ARG C 148 -10.07 -21.53 -42.01
N PHE C 149 -10.04 -20.70 -40.98
CA PHE C 149 -11.22 -20.36 -40.21
C PHE C 149 -11.50 -18.88 -40.45
N SER C 150 -12.79 -18.53 -40.46
CA SER C 150 -13.23 -17.14 -40.58
C SER C 150 -12.86 -16.34 -39.34
N ARG C 151 -12.81 -15.01 -39.50
CA ARG C 151 -12.55 -14.09 -38.39
C ARG C 151 -13.52 -14.32 -37.21
N LYS C 152 -14.81 -14.45 -37.54
CA LYS C 152 -15.85 -14.81 -36.59
C LYS C 152 -15.50 -16.09 -35.80
N THR C 153 -15.16 -17.17 -36.52
CA THR C 153 -14.75 -18.42 -35.88
C THR C 153 -13.52 -18.25 -34.98
N VAL C 154 -12.50 -17.56 -35.48
CA VAL C 154 -11.28 -17.40 -34.71
C VAL C 154 -11.54 -16.63 -33.41
N LEU C 155 -12.26 -15.52 -33.51
CA LEU C 155 -12.55 -14.67 -32.36
C LEU C 155 -13.40 -15.44 -31.34
N GLN C 156 -14.39 -16.18 -31.81
CA GLN C 156 -15.22 -16.98 -30.90
C GLN C 156 -14.43 -18.12 -30.24
N LEU C 157 -13.60 -18.82 -31.01
CA LEU C 157 -12.71 -19.85 -30.44
C LEU C 157 -11.83 -19.23 -29.35
N SER C 158 -11.21 -18.10 -29.69
CA SER C 158 -10.18 -17.51 -28.83
C SER C 158 -10.73 -16.93 -27.54
N LEU C 159 -11.92 -16.34 -27.55
CA LEU C 159 -12.56 -15.86 -26.32
C LEU C 159 -12.71 -17.02 -25.33
N ARG C 160 -13.12 -18.17 -25.82
CA ARG C 160 -13.33 -19.36 -24.96
C ARG C 160 -12.03 -19.99 -24.51
N ILE C 161 -11.00 -19.95 -25.37
CA ILE C 161 -9.66 -20.41 -24.95
C ILE C 161 -9.11 -19.47 -23.88
N LEU C 162 -9.41 -18.18 -23.95
CA LEU C 162 -8.99 -17.26 -22.90
C LEU C 162 -9.67 -17.58 -21.57
N ASP C 163 -10.96 -17.98 -21.61
CA ASP C 163 -11.65 -18.43 -20.39
C ASP C 163 -10.92 -19.65 -19.83
N ILE C 164 -10.54 -20.57 -20.70
CA ILE C 164 -9.87 -21.82 -20.30
C ILE C 164 -8.50 -21.51 -19.68
N LEU C 165 -7.73 -20.67 -20.37
CA LEU C 165 -6.39 -20.31 -19.89
C LEU C 165 -6.43 -19.57 -18.58
N GLU C 166 -7.35 -18.61 -18.45
CA GLU C 166 -7.55 -17.94 -17.18
C GLU C 166 -7.79 -18.97 -16.08
N TYR C 167 -8.64 -19.96 -16.36
CA TYR C 167 -8.95 -20.98 -15.36
C TYR C 167 -7.72 -21.78 -14.92
N ILE C 168 -7.04 -22.42 -15.88
CA ILE C 168 -5.90 -23.27 -15.51
C ILE C 168 -4.76 -22.46 -14.85
N HIS C 169 -4.51 -21.24 -15.33
CA HIS C 169 -3.52 -20.34 -14.70
C HIS C 169 -3.86 -19.97 -13.25
N GLU C 170 -5.14 -19.67 -13.00
CA GLU C 170 -5.60 -19.39 -11.64
C GLU C 170 -5.55 -20.64 -10.73
N HIS C 171 -5.45 -21.82 -11.33
CA HIS C 171 -5.28 -23.08 -10.63
C HIS C 171 -3.84 -23.63 -10.76
N GLU C 172 -2.87 -22.71 -10.94
CA GLU C 172 -1.43 -23.00 -10.84
C GLU C 172 -0.75 -23.68 -12.04
N TYR C 173 -1.48 -23.86 -13.14
CA TYR C 173 -1.00 -24.63 -14.28
C TYR C 173 -0.94 -23.80 -15.55
N VAL C 174 0.04 -24.10 -16.40
CA VAL C 174 0.08 -23.62 -17.77
C VAL C 174 0.08 -24.82 -18.70
N HIS C 175 -0.43 -24.62 -19.91
CA HIS C 175 -0.63 -25.71 -20.83
C HIS C 175 0.58 -25.93 -21.75
N GLY C 176 1.09 -24.84 -22.34
CA GLY C 176 2.29 -24.88 -23.16
C GLY C 176 2.17 -25.45 -24.57
N ASP C 177 0.98 -25.88 -24.99
CA ASP C 177 0.84 -26.61 -26.26
C ASP C 177 -0.57 -26.48 -26.83
N ILE C 178 -1.09 -25.25 -26.81
CA ILE C 178 -2.35 -24.93 -27.43
C ILE C 178 -2.16 -25.03 -28.94
N LYS C 179 -3.07 -25.77 -29.58
CA LYS C 179 -3.15 -25.92 -31.03
C LYS C 179 -4.46 -26.62 -31.38
N ALA C 180 -4.82 -26.61 -32.65
CA ALA C 180 -6.12 -27.15 -33.11
C ALA C 180 -6.31 -28.63 -32.76
N SER C 181 -5.24 -29.44 -32.84
CA SER C 181 -5.36 -30.87 -32.55
C SER C 181 -5.63 -31.17 -31.06
N ASN C 182 -5.42 -30.20 -30.18
CA ASN C 182 -5.72 -30.33 -28.75
C ASN C 182 -6.99 -29.55 -28.36
N LEU C 183 -7.78 -29.16 -29.36
CA LEU C 183 -9.05 -28.48 -29.14
C LEU C 183 -10.11 -29.38 -29.75
N LEU C 184 -11.00 -29.87 -28.88
CA LEU C 184 -12.06 -30.82 -29.25
C LEU C 184 -13.42 -30.20 -28.94
N LEU C 185 -14.40 -30.54 -29.78
CA LEU C 185 -15.75 -30.05 -29.61
C LEU C 185 -16.54 -30.96 -28.66
N ASN C 186 -17.44 -30.35 -27.90
CA ASN C 186 -18.42 -31.09 -27.14
C ASN C 186 -19.17 -32.05 -28.09
N TYR C 187 -19.23 -33.31 -27.67
CA TYR C 187 -19.85 -34.37 -28.45
C TYR C 187 -21.30 -34.04 -28.87
N LYS C 188 -22.07 -33.44 -27.94
CA LYS C 188 -23.49 -33.09 -28.19
C LYS C 188 -23.72 -31.59 -28.47
N ASN C 189 -22.66 -30.79 -28.56
CA ASN C 189 -22.78 -29.36 -28.87
C ASN C 189 -21.54 -28.83 -29.66
N PRO C 190 -21.69 -28.62 -30.98
CA PRO C 190 -20.55 -28.13 -31.75
C PRO C 190 -20.15 -26.64 -31.55
N ASP C 191 -20.80 -25.91 -30.64
CA ASP C 191 -20.39 -24.53 -30.30
C ASP C 191 -19.50 -24.44 -29.06
N GLN C 192 -19.20 -25.57 -28.43
CA GLN C 192 -18.35 -25.58 -27.25
C GLN C 192 -17.05 -26.32 -27.51
N VAL C 193 -15.95 -25.60 -27.33
CA VAL C 193 -14.61 -26.12 -27.57
C VAL C 193 -13.90 -26.32 -26.25
N TYR C 194 -13.16 -27.42 -26.16
CA TYR C 194 -12.47 -27.81 -24.92
C TYR C 194 -10.98 -28.01 -25.21
N LEU C 195 -10.12 -27.65 -24.25
CA LEU C 195 -8.66 -27.84 -24.40
C LEU C 195 -8.25 -29.12 -23.71
N VAL C 196 -7.56 -30.00 -24.44
CA VAL C 196 -7.13 -31.29 -23.91
C VAL C 196 -5.60 -31.44 -23.89
N ASP C 197 -5.16 -32.53 -23.25
CA ASP C 197 -3.73 -32.90 -23.15
C ASP C 197 -2.98 -32.05 -22.11
N TYR C 198 -2.89 -32.60 -20.90
CA TYR C 198 -2.17 -31.98 -19.79
C TYR C 198 -1.01 -32.87 -19.34
N GLY C 199 -0.59 -33.81 -20.19
CA GLY C 199 0.49 -34.76 -19.86
C GLY C 199 1.85 -34.11 -19.71
N LEU C 200 2.06 -32.98 -20.39
CA LEU C 200 3.26 -32.16 -20.22
C LEU C 200 2.91 -30.76 -19.72
N ALA C 201 1.78 -30.63 -19.03
CA ALA C 201 1.37 -29.36 -18.45
C ALA C 201 2.33 -29.05 -17.31
N TYR C 202 2.43 -27.79 -16.93
CA TYR C 202 3.43 -27.39 -15.97
C TYR C 202 2.80 -26.60 -14.85
N ARG C 203 3.06 -27.04 -13.64
CA ARG C 203 2.67 -26.31 -12.45
C ARG C 203 3.62 -25.13 -12.18
N TYR C 204 3.34 -24.00 -12.81
CA TYR C 204 4.20 -22.81 -12.77
C TYR C 204 4.13 -22.06 -11.43
N CYS C 205 3.09 -22.30 -10.64
CA CYS C 205 2.84 -21.54 -9.42
C CYS C 205 2.37 -22.41 -8.24
N PRO C 206 3.12 -23.50 -7.90
CA PRO C 206 2.70 -24.38 -6.80
C PRO C 206 2.61 -23.64 -5.46
N GLU C 207 1.44 -23.75 -4.83
CA GLU C 207 1.09 -23.02 -3.60
C GLU C 207 1.26 -21.52 -3.66
N GLY C 208 1.05 -20.93 -4.84
CA GLY C 208 1.19 -19.49 -5.04
C GLY C 208 2.61 -18.94 -5.11
N VAL C 209 3.61 -19.81 -5.25
CA VAL C 209 5.02 -19.40 -5.42
C VAL C 209 5.45 -19.56 -6.91
N HIS C 210 5.54 -18.45 -7.64
CA HIS C 210 5.88 -18.50 -9.07
C HIS C 210 7.33 -18.97 -9.28
N LYS C 211 7.49 -19.88 -10.24
CA LYS C 211 8.82 -20.44 -10.56
C LYS C 211 9.72 -19.37 -11.15
N ALA C 212 11.04 -19.54 -11.00
CA ALA C 212 12.02 -18.56 -11.47
C ALA C 212 12.24 -18.64 -13.01
N TYR C 213 12.77 -17.56 -13.57
CA TYR C 213 13.12 -17.50 -15.00
C TYR C 213 14.35 -18.37 -15.24
N ALA C 214 14.17 -19.66 -15.57
CA ALA C 214 15.27 -20.66 -15.53
C ALA C 214 14.96 -21.99 -16.22
N ASP C 222 8.97 -29.10 -24.63
CA ASP C 222 9.25 -27.81 -25.28
C ASP C 222 8.11 -27.26 -26.19
N GLY C 223 6.91 -27.92 -26.15
CA GLY C 223 5.72 -27.48 -26.92
C GLY C 223 5.73 -27.96 -28.37
N THR C 224 4.96 -27.29 -29.25
CA THR C 224 4.96 -27.59 -30.68
C THR C 224 5.69 -26.44 -31.40
N ILE C 225 6.74 -26.77 -32.14
CA ILE C 225 7.76 -25.76 -32.51
C ILE C 225 7.23 -24.53 -33.25
N GLU C 226 6.29 -24.73 -34.19
CA GLU C 226 5.73 -23.59 -34.91
C GLU C 226 4.90 -22.63 -34.06
N PHE C 227 4.35 -23.12 -32.95
CA PHE C 227 3.46 -22.33 -32.08
C PHE C 227 4.06 -21.96 -30.74
N THR C 228 5.20 -22.55 -30.36
CA THR C 228 5.69 -22.42 -28.99
C THR C 228 6.22 -21.01 -28.69
N SER C 229 6.33 -20.71 -27.40
CA SER C 229 6.72 -19.40 -26.94
C SER C 229 8.25 -19.12 -27.04
N ILE C 230 8.58 -17.83 -27.13
CA ILE C 230 9.95 -17.37 -27.10
C ILE C 230 10.65 -17.88 -25.80
N ASP C 231 9.96 -17.77 -24.67
CA ASP C 231 10.41 -18.34 -23.40
C ASP C 231 10.86 -19.79 -23.53
N ALA C 232 10.02 -20.61 -24.18
CA ALA C 232 10.34 -22.03 -24.40
C ALA C 232 11.52 -22.23 -25.35
N HIS C 233 11.61 -21.38 -26.38
CA HIS C 233 12.77 -21.37 -27.27
C HIS C 233 14.07 -21.05 -26.54
N ASN C 234 14.01 -20.12 -25.58
CA ASN C 234 15.13 -19.78 -24.71
C ASN C 234 15.45 -20.81 -23.60
N GLY C 235 14.75 -21.93 -23.58
CA GLY C 235 15.08 -23.01 -22.66
C GLY C 235 14.62 -22.74 -21.24
N VAL C 236 13.61 -21.87 -21.04
CA VAL C 236 13.05 -21.68 -19.70
C VAL C 236 11.66 -22.31 -19.62
N ALA C 237 11.22 -22.50 -18.38
CA ALA C 237 9.96 -23.15 -18.09
C ALA C 237 8.87 -22.22 -18.59
N PRO C 238 7.78 -22.80 -19.12
CA PRO C 238 6.69 -21.99 -19.67
C PRO C 238 5.97 -21.22 -18.58
N SER C 239 5.51 -20.01 -18.87
CA SER C 239 4.67 -19.24 -17.92
C SER C 239 3.40 -18.80 -18.63
N ARG C 240 2.62 -17.98 -17.93
CA ARG C 240 1.33 -17.51 -18.42
C ARG C 240 1.41 -16.73 -19.73
N ARG C 241 2.37 -15.79 -19.85
CA ARG C 241 2.53 -15.07 -21.10
C ARG C 241 2.76 -15.98 -22.33
N GLY C 242 3.48 -17.08 -22.11
CA GLY C 242 3.77 -18.02 -23.19
C GLY C 242 2.51 -18.65 -23.77
N ASP C 243 1.59 -19.00 -22.87
CA ASP C 243 0.30 -19.53 -23.26
C ASP C 243 -0.44 -18.56 -24.15
N LEU C 244 -0.43 -17.28 -23.79
CA LEU C 244 -1.13 -16.25 -24.58
C LEU C 244 -0.42 -15.99 -25.92
N GLU C 245 0.90 -16.06 -25.89
CA GLU C 245 1.72 -15.99 -27.08
C GLU C 245 1.38 -17.13 -28.04
N ILE C 246 1.36 -18.38 -27.54
CA ILE C 246 0.96 -19.55 -28.34
C ILE C 246 -0.41 -19.33 -29.01
N LEU C 247 -1.39 -18.87 -28.24
CA LEU C 247 -2.71 -18.55 -28.80
C LEU C 247 -2.61 -17.52 -29.95
N GLY C 248 -1.78 -16.50 -29.75
CA GLY C 248 -1.53 -15.51 -30.81
C GLY C 248 -1.13 -16.13 -32.14
N TYR C 249 -0.17 -17.05 -32.10
CA TYR C 249 0.33 -17.71 -33.32
C TYR C 249 -0.75 -18.61 -33.91
N CYS C 250 -1.50 -19.32 -33.05
CA CYS C 250 -2.67 -20.07 -33.49
C CYS C 250 -3.71 -19.22 -34.26
N MET C 251 -4.00 -18.00 -33.80
CA MET C 251 -5.00 -17.13 -34.48
C MET C 251 -4.56 -16.80 -35.91
N ILE C 252 -3.27 -16.50 -36.05
CA ILE C 252 -2.69 -16.23 -37.37
C ILE C 252 -2.72 -17.46 -38.29
N GLN C 253 -2.23 -18.59 -37.81
CA GLN C 253 -2.36 -19.85 -38.56
C GLN C 253 -3.79 -20.10 -39.03
N TRP C 254 -4.75 -19.94 -38.11
CA TRP C 254 -6.15 -20.26 -38.41
C TRP C 254 -6.69 -19.29 -39.44
N LEU C 255 -6.42 -17.99 -39.26
CA LEU C 255 -6.93 -16.95 -40.14
C LEU C 255 -6.35 -17.00 -41.57
N THR C 256 -5.07 -17.35 -41.68
CA THR C 256 -4.33 -17.19 -42.95
C THR C 256 -3.81 -18.50 -43.56
N GLY C 257 -3.83 -19.59 -42.79
CA GLY C 257 -3.25 -20.85 -43.24
C GLY C 257 -1.74 -21.03 -43.10
N HIS C 258 -1.05 -20.02 -42.59
CA HIS C 258 0.42 -20.03 -42.57
C HIS C 258 1.00 -19.29 -41.38
N LEU C 259 2.26 -19.58 -41.10
CA LEU C 259 3.11 -18.79 -40.23
C LEU C 259 4.42 -18.54 -41.00
N PRO C 260 5.04 -17.34 -40.83
CA PRO C 260 6.27 -16.98 -41.58
C PRO C 260 7.42 -17.99 -41.51
N TRP C 261 7.56 -18.64 -40.34
CA TRP C 261 8.67 -19.55 -40.05
C TRP C 261 8.41 -21.00 -40.44
N GLU C 262 7.27 -21.28 -41.05
CA GLU C 262 6.83 -22.67 -41.36
C GLU C 262 7.74 -23.40 -42.36
N ASP C 263 8.47 -22.62 -43.16
CA ASP C 263 9.43 -23.14 -44.13
C ASP C 263 10.70 -23.81 -43.54
N ASN C 264 11.04 -23.58 -42.28
CA ASN C 264 12.26 -24.18 -41.72
C ASN C 264 12.14 -24.50 -40.22
N LEU C 265 11.18 -25.39 -39.95
CA LEU C 265 10.87 -25.78 -38.58
C LEU C 265 11.91 -26.75 -38.03
N LYS C 266 12.69 -27.37 -38.93
CA LYS C 266 13.87 -28.14 -38.55
C LYS C 266 15.04 -27.28 -38.01
N ASP C 267 14.93 -25.94 -38.11
CA ASP C 267 15.96 -24.98 -37.66
C ASP C 267 15.40 -24.14 -36.49
N PRO C 268 15.42 -24.67 -35.25
CA PRO C 268 14.83 -23.91 -34.14
C PRO C 268 15.42 -22.52 -33.88
N LYS C 269 16.71 -22.32 -34.13
CA LYS C 269 17.31 -20.98 -33.96
C LYS C 269 16.70 -19.95 -34.93
N TYR C 270 16.37 -20.39 -36.14
CA TYR C 270 15.65 -19.56 -37.12
C TYR C 270 14.22 -19.28 -36.68
N VAL C 271 13.52 -20.31 -36.19
CA VAL C 271 12.17 -20.13 -35.67
C VAL C 271 12.18 -19.10 -34.53
N ARG C 272 13.08 -19.24 -33.56
CA ARG C 272 13.16 -18.28 -32.45
C ARG C 272 13.46 -16.88 -32.97
N ASP C 273 14.47 -16.79 -33.83
CA ASP C 273 14.88 -15.51 -34.43
C ASP C 273 13.70 -14.77 -35.08
N SER C 274 12.95 -15.44 -35.96
CA SER C 274 11.77 -14.81 -36.59
C SER C 274 10.74 -14.35 -35.56
N LYS C 275 10.46 -15.18 -34.56
CA LYS C 275 9.50 -14.82 -33.51
C LYS C 275 9.95 -13.60 -32.73
N ILE C 276 11.21 -13.56 -32.33
CA ILE C 276 11.76 -12.39 -31.65
C ILE C 276 11.61 -11.12 -32.50
N ARG C 277 12.00 -11.21 -33.77
CA ARG C 277 11.92 -10.10 -34.71
C ARG C 277 10.51 -9.55 -34.86
N TYR C 278 9.57 -10.48 -35.07
CA TYR C 278 8.18 -10.16 -35.30
C TYR C 278 7.47 -9.70 -34.00
N ARG C 279 8.00 -10.08 -32.85
CA ARG C 279 7.55 -9.51 -31.56
C ARG C 279 8.00 -8.06 -31.42
N GLU C 280 9.25 -7.79 -31.78
CA GLU C 280 9.79 -6.43 -31.70
C GLU C 280 9.14 -5.50 -32.73
N ASN C 281 8.65 -6.05 -33.85
CA ASN C 281 8.01 -5.25 -34.92
C ASN C 281 6.74 -6.00 -35.35
N ILE C 282 5.68 -5.79 -34.58
CA ILE C 282 4.38 -6.46 -34.81
C ILE C 282 3.70 -5.99 -36.10
N ALA C 283 3.82 -4.72 -36.45
CA ALA C 283 3.31 -4.22 -37.76
C ALA C 283 3.85 -5.04 -38.94
N SER C 284 5.14 -5.39 -38.87
CA SER C 284 5.77 -6.19 -39.91
C SER C 284 5.23 -7.62 -39.93
N LEU C 285 4.88 -8.17 -38.78
CA LEU C 285 4.19 -9.47 -38.77
C LEU C 285 2.84 -9.41 -39.47
N MET C 286 2.04 -8.39 -39.16
CA MET C 286 0.71 -8.23 -39.77
C MET C 286 0.83 -8.02 -41.29
N ASP C 287 1.84 -7.25 -41.71
CA ASP C 287 2.13 -7.07 -43.13
C ASP C 287 2.57 -8.37 -43.83
N LYS C 288 3.41 -9.15 -43.16
CA LYS C 288 3.86 -10.44 -43.70
C LYS C 288 2.72 -11.44 -43.85
N CYS C 289 1.87 -11.54 -42.84
CA CYS C 289 0.85 -12.60 -42.75
C CYS C 289 -0.46 -12.30 -43.46
N PHE C 290 -0.79 -11.02 -43.59
CA PHE C 290 -2.07 -10.60 -44.17
C PHE C 290 -1.88 -9.72 -45.42
N PRO C 291 -2.72 -9.94 -46.46
CA PRO C 291 -2.76 -9.03 -47.60
C PRO C 291 -3.18 -7.63 -47.17
N ALA C 292 -2.79 -6.62 -47.96
CA ALA C 292 -3.12 -5.22 -47.68
C ALA C 292 -4.61 -5.06 -47.42
N ALA C 293 -4.92 -4.37 -46.32
CA ALA C 293 -6.28 -4.08 -45.85
C ALA C 293 -7.04 -5.25 -45.21
N ASN C 294 -6.39 -6.41 -45.06
CA ASN C 294 -7.00 -7.56 -44.38
C ASN C 294 -6.51 -7.78 -42.95
N ALA C 295 -5.46 -7.07 -42.49
CA ALA C 295 -4.93 -7.29 -41.13
C ALA C 295 -5.98 -6.90 -40.07
N PRO C 296 -6.50 -7.89 -39.33
CA PRO C 296 -7.44 -7.55 -38.25
C PRO C 296 -6.74 -6.86 -37.08
N GLY C 297 -7.20 -5.65 -36.76
CA GLY C 297 -6.56 -4.78 -35.76
C GLY C 297 -6.46 -5.38 -34.37
N GLU C 298 -7.44 -6.22 -34.03
CA GLU C 298 -7.48 -6.89 -32.73
C GLU C 298 -6.30 -7.86 -32.49
N ILE C 299 -5.85 -8.51 -33.57
CA ILE C 299 -4.75 -9.48 -33.48
C ILE C 299 -3.45 -8.76 -33.11
N ALA C 300 -3.22 -7.62 -33.74
CA ALA C 300 -2.06 -6.80 -33.43
C ALA C 300 -2.12 -6.23 -32.00
N LYS C 301 -3.27 -5.70 -31.62
CA LYS C 301 -3.46 -5.19 -30.26
C LYS C 301 -3.28 -6.31 -29.20
N TYR C 302 -3.79 -7.50 -29.48
CA TYR C 302 -3.60 -8.68 -28.62
C TYR C 302 -2.10 -8.96 -28.43
N MET C 303 -1.35 -9.03 -29.53
N MET C 303 -1.36 -9.04 -29.53
CA MET C 303 0.09 -9.31 -29.46
CA MET C 303 0.09 -9.30 -29.50
C MET C 303 0.89 -8.21 -28.78
C MET C 303 0.87 -8.21 -28.77
N GLU C 304 0.45 -6.95 -28.89
CA GLU C 304 1.11 -5.82 -28.19
C GLU C 304 0.90 -5.88 -26.69
N THR C 305 -0.31 -6.29 -26.29
CA THR C 305 -0.62 -6.43 -24.88
C THR C 305 0.17 -7.56 -24.26
N VAL C 306 0.25 -8.70 -24.96
CA VAL C 306 1.03 -9.87 -24.49
C VAL C 306 2.53 -9.54 -24.42
N LYS C 307 3.02 -8.79 -25.41
CA LYS C 307 4.40 -8.32 -25.44
C LYS C 307 4.82 -7.54 -24.20
N LEU C 308 3.88 -6.82 -23.61
CA LEU C 308 4.14 -6.03 -22.43
C LEU C 308 4.16 -6.83 -21.11
N LEU C 309 3.78 -8.10 -21.17
CA LEU C 309 3.78 -8.96 -19.95
C LEU C 309 5.19 -9.42 -19.58
N ASP C 310 5.55 -9.26 -18.30
CA ASP C 310 6.74 -9.89 -17.78
C ASP C 310 6.50 -11.39 -17.53
N TYR C 311 7.59 -12.11 -17.30
CA TYR C 311 7.57 -13.56 -17.14
C TYR C 311 6.64 -14.04 -16.02
N THR C 312 6.67 -13.35 -14.88
CA THR C 312 5.86 -13.70 -13.71
C THR C 312 4.55 -12.92 -13.57
N GLU C 313 4.20 -12.11 -14.57
CA GLU C 313 3.09 -11.18 -14.45
C GLU C 313 1.76 -11.86 -14.73
N LYS C 314 0.75 -11.51 -13.92
CA LYS C 314 -0.61 -11.95 -14.14
C LYS C 314 -1.22 -11.18 -15.34
N PRO C 315 -1.63 -11.90 -16.40
CA PRO C 315 -2.34 -11.22 -17.49
C PRO C 315 -3.67 -10.61 -17.01
N LEU C 316 -4.09 -9.53 -17.68
CA LEU C 316 -5.42 -8.95 -17.52
C LEU C 316 -6.34 -9.60 -18.58
N TYR C 317 -6.91 -10.73 -18.20
CA TYR C 317 -7.64 -11.60 -19.13
C TYR C 317 -8.89 -10.93 -19.70
N GLU C 318 -9.62 -10.16 -18.89
CA GLU C 318 -10.85 -9.49 -19.36
C GLU C 318 -10.53 -8.45 -20.45
N ASN C 319 -9.42 -7.73 -20.26
CA ASN C 319 -8.93 -6.78 -21.28
C ASN C 319 -8.54 -7.46 -22.58
N LEU C 320 -7.94 -8.65 -22.51
CA LEU C 320 -7.64 -9.42 -23.71
C LEU C 320 -8.90 -9.86 -24.43
N ARG C 321 -9.93 -10.27 -23.67
CA ARG C 321 -11.23 -10.58 -24.25
C ARG C 321 -11.89 -9.34 -24.87
N ASP C 322 -11.84 -8.19 -24.17
CA ASP C 322 -12.42 -6.94 -24.69
C ASP C 322 -11.76 -6.57 -26.02
N ILE C 323 -10.44 -6.75 -26.09
CA ILE C 323 -9.70 -6.52 -27.35
C ILE C 323 -10.29 -7.37 -28.47
N LEU C 324 -10.50 -8.66 -28.21
CA LEU C 324 -11.07 -9.55 -29.23
C LEU C 324 -12.53 -9.17 -29.55
N LEU C 325 -13.27 -8.64 -28.57
CA LEU C 325 -14.67 -8.23 -28.82
C LEU C 325 -14.79 -7.09 -29.81
N GLN C 326 -13.75 -6.24 -29.89
CA GLN C 326 -13.73 -5.14 -30.86
C GLN C 326 -13.66 -5.70 -32.28
N GLY C 327 -13.01 -6.85 -32.45
CA GLY C 327 -13.02 -7.59 -33.72
C GLY C 327 -14.42 -8.00 -34.16
N LEU C 328 -15.18 -8.53 -33.22
CA LEU C 328 -16.56 -8.91 -33.49
C LEU C 328 -17.44 -7.69 -33.85
N LYS C 329 -17.27 -6.57 -33.15
CA LYS C 329 -18.01 -5.34 -33.47
C LYS C 329 -17.67 -4.84 -34.85
N ALA C 330 -16.39 -4.95 -35.25
CA ALA C 330 -15.94 -4.53 -36.59
C ALA C 330 -16.57 -5.32 -37.74
N ILE C 331 -16.88 -6.60 -37.52
CA ILE C 331 -17.57 -7.44 -38.53
C ILE C 331 -19.09 -7.52 -38.29
N GLY C 332 -19.64 -6.57 -37.53
CA GLY C 332 -21.07 -6.47 -37.32
C GLY C 332 -21.68 -7.59 -36.51
N SER C 333 -20.91 -8.13 -35.57
CA SER C 333 -21.37 -9.25 -34.74
C SER C 333 -21.23 -8.89 -33.25
N LYS C 334 -21.44 -9.90 -32.42
CA LYS C 334 -21.30 -9.80 -30.97
C LYS C 334 -20.82 -11.16 -30.47
N ASP C 335 -20.47 -11.24 -29.19
CA ASP C 335 -20.14 -12.53 -28.57
C ASP C 335 -21.44 -13.30 -28.32
N ASP C 336 -21.85 -14.12 -29.28
CA ASP C 336 -23.10 -14.92 -29.19
C ASP C 336 -22.84 -16.42 -29.03
N GLY C 337 -21.60 -16.78 -28.72
CA GLY C 337 -21.23 -18.18 -28.56
C GLY C 337 -21.19 -19.05 -29.82
N LYS C 338 -21.49 -18.51 -31.00
CA LYS C 338 -21.56 -19.31 -32.23
C LYS C 338 -20.18 -19.43 -32.87
N LEU C 339 -19.70 -20.67 -33.02
CA LEU C 339 -18.37 -20.93 -33.59
C LEU C 339 -18.35 -20.93 -35.11
N ASP C 340 -19.49 -21.16 -35.75
CA ASP C 340 -19.64 -21.17 -37.20
C ASP C 340 -18.76 -22.21 -37.93
N LEU C 341 -18.68 -23.42 -37.40
CA LEU C 341 -17.85 -24.49 -38.01
C LEU C 341 -18.56 -25.27 -39.12
N GLN D 22 7.73 42.03 -19.51
CA GLN D 22 6.82 42.87 -20.33
C GLN D 22 5.34 42.72 -19.94
N PHE D 23 4.93 41.51 -19.54
CA PHE D 23 3.56 41.26 -19.06
C PHE D 23 3.39 41.74 -17.61
N ALA D 24 2.33 42.50 -17.34
CA ALA D 24 2.05 43.01 -15.99
C ALA D 24 1.55 41.90 -15.07
N VAL D 25 1.72 42.09 -13.75
CA VAL D 25 1.21 41.15 -12.75
C VAL D 25 -0.30 41.36 -12.59
N GLY D 26 -1.07 40.29 -12.81
CA GLY D 26 -2.53 40.37 -12.83
C GLY D 26 -3.13 40.50 -14.23
N GLU D 27 -2.30 40.58 -15.28
CA GLU D 27 -2.79 40.74 -16.66
C GLU D 27 -3.56 39.50 -17.12
N ILE D 28 -4.59 39.73 -17.94
CA ILE D 28 -5.51 38.67 -18.40
C ILE D 28 -5.21 38.24 -19.85
N ILE D 29 -5.17 36.92 -20.08
CA ILE D 29 -4.90 36.35 -21.41
C ILE D 29 -5.90 35.23 -21.74
N THR D 30 -6.15 35.06 -23.03
CA THR D 30 -7.18 34.16 -23.54
C THR D 30 -6.54 33.13 -24.49
N ASP D 31 -6.91 31.85 -24.31
CA ASP D 31 -6.33 30.75 -25.10
C ASP D 31 -7.25 30.32 -26.25
N MET D 32 -6.85 29.29 -27.00
CA MET D 32 -7.63 28.82 -28.16
C MET D 32 -8.95 28.09 -27.86
N ALA D 33 -9.17 27.72 -26.60
CA ALA D 33 -10.50 27.25 -26.15
C ALA D 33 -11.33 28.35 -25.50
N ALA D 34 -10.86 29.60 -25.56
CA ALA D 34 -11.51 30.77 -24.96
C ALA D 34 -11.50 30.83 -23.42
N ALA D 35 -10.63 30.03 -22.79
CA ALA D 35 -10.40 30.06 -21.34
C ALA D 35 -9.51 31.24 -21.00
N ALA D 36 -9.86 32.01 -19.97
CA ALA D 36 -9.05 33.11 -19.47
C ALA D 36 -8.04 32.63 -18.39
N TRP D 37 -6.84 33.22 -18.43
CA TRP D 37 -5.76 32.92 -17.47
C TRP D 37 -5.23 34.24 -16.91
N LYS D 38 -4.91 34.27 -15.60
CA LYS D 38 -4.31 35.46 -14.95
C LYS D 38 -2.82 35.21 -14.77
N VAL D 39 -2.00 36.23 -15.04
CA VAL D 39 -0.54 36.13 -14.96
C VAL D 39 -0.07 36.61 -13.60
N GLY D 40 0.75 35.78 -12.93
CA GLY D 40 1.40 36.16 -11.66
C GLY D 40 2.79 36.74 -11.86
N LEU D 41 3.63 36.64 -10.83
CA LEU D 41 5.00 37.14 -10.89
C LEU D 41 5.87 36.29 -11.80
N PRO D 42 6.91 36.88 -12.40
CA PRO D 42 7.84 36.10 -13.20
C PRO D 42 8.76 35.22 -12.35
N ILE D 43 9.35 34.20 -12.99
CA ILE D 43 10.35 33.33 -12.35
C ILE D 43 11.62 33.05 -13.20
N GLY D 44 11.51 32.93 -14.53
CA GLY D 44 12.70 32.77 -15.39
C GLY D 44 12.43 32.90 -16.88
N CYS D 50 10.75 34.22 -21.60
CA CYS D 50 10.29 34.51 -20.23
C CYS D 50 9.14 33.61 -19.75
N ILE D 51 9.13 33.34 -18.45
CA ILE D 51 8.18 32.41 -17.82
C ILE D 51 7.62 33.07 -16.56
N TYR D 52 6.28 33.05 -16.41
CA TYR D 52 5.59 33.60 -15.24
C TYR D 52 4.70 32.55 -14.60
N LEU D 53 4.37 32.75 -13.32
CA LEU D 53 3.34 31.95 -12.64
C LEU D 53 1.96 32.28 -13.21
N ALA D 54 1.04 31.33 -13.20
CA ALA D 54 -0.29 31.52 -13.80
C ALA D 54 -1.37 30.64 -13.16
N ASP D 55 -2.62 31.07 -13.29
CA ASP D 55 -3.77 30.28 -12.82
C ASP D 55 -5.03 30.65 -13.62
N MET D 56 -6.05 29.80 -13.54
CA MET D 56 -7.38 30.09 -14.11
C MET D 56 -7.85 31.42 -13.55
N ASN D 57 -8.34 32.29 -14.43
CA ASN D 57 -8.77 33.63 -14.02
C ASN D 57 -9.86 33.53 -12.96
N SER D 58 -9.77 34.40 -11.97
CA SER D 58 -10.75 34.47 -10.88
C SER D 58 -10.62 35.82 -10.16
N SER D 59 -11.47 36.02 -9.15
CA SER D 59 -11.43 37.21 -8.29
C SER D 59 -10.12 37.37 -7.46
N GLU D 60 -9.48 36.25 -7.13
CA GLU D 60 -8.23 36.24 -6.36
C GLU D 60 -7.03 36.40 -7.29
N SER D 61 -5.96 37.02 -6.80
CA SER D 61 -4.72 37.17 -7.57
C SER D 61 -3.92 35.86 -7.57
N VAL D 62 -2.90 35.81 -8.43
CA VAL D 62 -2.09 34.59 -8.59
C VAL D 62 -1.09 34.51 -7.43
N GLY D 63 -1.15 33.41 -6.68
CA GLY D 63 -0.26 33.21 -5.54
C GLY D 63 1.09 32.62 -5.90
N SER D 64 1.96 32.55 -4.89
CA SER D 64 3.26 31.89 -4.97
C SER D 64 3.14 30.37 -5.17
N ASP D 65 2.00 29.77 -4.79
CA ASP D 65 1.73 28.34 -5.01
C ASP D 65 0.81 28.05 -6.22
N ALA D 66 0.84 28.92 -7.22
CA ALA D 66 0.09 28.72 -8.45
C ALA D 66 0.39 27.35 -9.09
N PRO D 67 -0.64 26.64 -9.58
CA PRO D 67 -0.43 25.31 -10.16
C PRO D 67 0.06 25.31 -11.61
N CYS D 68 0.13 26.49 -12.23
CA CYS D 68 0.54 26.62 -13.64
C CYS D 68 1.58 27.71 -13.86
N VAL D 69 2.16 27.70 -15.05
CA VAL D 69 3.02 28.77 -15.54
C VAL D 69 2.61 29.15 -16.95
N VAL D 70 2.96 30.37 -17.34
CA VAL D 70 2.82 30.84 -18.72
C VAL D 70 4.21 31.14 -19.31
N LYS D 71 4.51 30.49 -20.44
CA LYS D 71 5.75 30.73 -21.16
C LYS D 71 5.39 31.67 -22.30
N VAL D 72 6.14 32.76 -22.41
CA VAL D 72 5.89 33.77 -23.42
C VAL D 72 7.05 34.01 -24.37
N GLU D 73 6.74 34.06 -25.65
CA GLU D 73 7.68 34.33 -26.72
C GLU D 73 7.04 35.22 -27.77
N PRO D 74 7.86 35.84 -28.60
CA PRO D 74 7.33 36.65 -29.69
C PRO D 74 6.61 35.74 -30.67
N SER D 75 5.62 36.30 -31.32
CA SER D 75 4.78 35.57 -32.25
C SER D 75 5.46 34.96 -33.45
N ASP D 76 6.60 35.50 -33.89
CA ASP D 76 7.24 34.98 -35.09
C ASP D 76 8.02 33.68 -34.91
N ASN D 77 7.23 32.60 -34.81
CA ASN D 77 7.71 31.23 -34.72
C ASN D 77 8.70 30.87 -33.61
N GLY D 78 9.77 30.20 -33.98
CA GLY D 78 10.77 29.81 -33.00
C GLY D 78 10.46 28.57 -32.18
N PRO D 79 11.14 28.48 -31.05
CA PRO D 79 11.02 27.35 -30.12
C PRO D 79 9.63 27.15 -29.54
N LEU D 80 8.91 28.20 -29.18
CA LEU D 80 7.58 28.04 -28.60
C LEU D 80 6.60 27.37 -29.55
N PHE D 81 6.62 27.78 -30.81
CA PHE D 81 5.78 27.16 -31.84
C PHE D 81 6.13 25.67 -32.00
N THR D 82 7.43 25.37 -32.00
CA THR D 82 7.92 23.98 -32.06
C THR D 82 7.37 23.15 -30.87
N GLU D 83 7.44 23.73 -29.67
CA GLU D 83 6.88 23.11 -28.47
C GLU D 83 5.37 22.87 -28.62
N LEU D 84 4.65 23.90 -29.06
CA LEU D 84 3.20 23.84 -29.21
C LEU D 84 2.78 22.64 -30.07
N LYS D 85 3.41 22.51 -31.24
CA LYS D 85 3.11 21.42 -32.17
C LYS D 85 3.48 20.07 -31.56
N PHE D 86 4.58 20.02 -30.80
CA PHE D 86 4.96 18.80 -30.10
C PHE D 86 3.87 18.37 -29.12
N TYR D 87 3.43 19.26 -28.23
CA TYR D 87 2.43 18.89 -27.24
C TYR D 87 1.06 18.51 -27.85
N GLN D 88 0.63 19.22 -28.89
CA GLN D 88 -0.66 18.94 -29.55
C GLN D 88 -0.68 17.61 -30.30
N ARG D 89 0.47 17.22 -30.83
CA ARG D 89 0.55 16.00 -31.66
C ARG D 89 0.85 14.77 -30.79
N ALA D 90 1.79 14.91 -29.86
CA ALA D 90 2.41 13.76 -29.16
C ALA D 90 2.18 13.67 -27.65
N ALA D 91 1.66 14.74 -27.04
CA ALA D 91 1.52 14.76 -25.59
C ALA D 91 0.20 15.34 -25.12
N LYS D 92 -0.90 14.95 -25.75
CA LYS D 92 -2.21 15.25 -25.19
C LYS D 92 -2.40 14.37 -23.91
N PRO D 93 -3.11 14.90 -22.89
CA PRO D 93 -3.32 14.16 -21.65
C PRO D 93 -3.76 12.70 -21.84
N GLU D 94 -4.67 12.44 -22.78
CA GLU D 94 -5.12 11.07 -23.08
C GLU D 94 -4.01 10.13 -23.61
N GLN D 95 -3.07 10.68 -24.38
CA GLN D 95 -1.95 9.88 -24.88
C GLN D 95 -1.04 9.48 -23.72
N ILE D 96 -0.80 10.43 -22.82
CA ILE D 96 0.03 10.21 -21.64
C ILE D 96 -0.60 9.17 -20.70
N GLN D 97 -1.90 9.33 -20.43
CA GLN D 97 -2.59 8.39 -19.54
C GLN D 97 -2.66 6.99 -20.12
N LYS D 98 -2.89 6.85 -21.42
CA LYS D 98 -2.87 5.53 -22.05
C LYS D 98 -1.51 4.84 -21.88
N TRP D 99 -0.45 5.62 -22.05
CA TRP D 99 0.90 5.10 -21.87
C TRP D 99 1.17 4.70 -20.42
N ILE D 100 0.78 5.54 -19.46
CA ILE D 100 0.96 5.26 -18.03
C ILE D 100 0.28 3.93 -17.63
N ARG D 101 -0.95 3.77 -18.12
CA ARG D 101 -1.76 2.57 -17.90
C ARG D 101 -1.13 1.33 -18.55
N THR D 102 -0.86 1.37 -19.86
CA THR D 102 -0.39 0.16 -20.58
C THR D 102 1.02 -0.28 -20.21
N ARG D 103 1.88 0.65 -19.81
CA ARG D 103 3.27 0.34 -19.43
CA ARG D 103 3.27 0.32 -19.43
C ARG D 103 3.40 0.13 -17.91
N LYS D 104 2.29 0.27 -17.19
CA LYS D 104 2.20 0.02 -15.76
C LYS D 104 3.16 0.92 -14.99
N LEU D 105 3.24 2.18 -15.41
CA LEU D 105 4.13 3.14 -14.78
C LEU D 105 3.47 3.77 -13.59
N LYS D 106 4.29 4.18 -12.64
CA LYS D 106 3.83 4.98 -11.50
C LYS D 106 3.51 6.40 -11.97
N TYR D 107 4.35 6.95 -12.85
CA TYR D 107 4.11 8.29 -13.43
C TYR D 107 4.86 8.37 -14.77
N LEU D 108 4.63 9.43 -15.54
CA LEU D 108 5.44 9.74 -16.72
C LEU D 108 5.81 11.22 -16.70
N GLY D 109 7.10 11.54 -16.79
CA GLY D 109 7.58 12.91 -16.62
C GLY D 109 7.53 13.78 -17.87
N VAL D 110 6.38 13.77 -18.54
CA VAL D 110 6.08 14.64 -19.66
C VAL D 110 5.06 15.62 -19.09
N PRO D 111 5.32 16.94 -19.16
CA PRO D 111 4.43 17.88 -18.49
C PRO D 111 3.06 17.95 -19.11
N LYS D 112 2.10 18.43 -18.34
CA LYS D 112 0.77 18.70 -18.83
C LYS D 112 0.74 20.09 -19.50
N TYR D 113 0.29 20.08 -20.76
CA TYR D 113 -0.01 21.29 -21.52
C TYR D 113 -1.49 21.62 -21.30
N TRP D 114 -1.76 22.83 -20.85
CA TRP D 114 -3.11 23.30 -20.50
C TRP D 114 -3.78 24.14 -21.59
N GLY D 115 -3.00 24.87 -22.38
CA GLY D 115 -3.58 25.71 -23.44
C GLY D 115 -2.56 26.70 -23.99
N SER D 116 -2.97 27.40 -25.04
CA SER D 116 -2.09 28.33 -25.74
C SER D 116 -2.88 29.42 -26.44
N GLY D 117 -2.22 30.54 -26.71
CA GLY D 117 -2.89 31.68 -27.33
C GLY D 117 -1.96 32.78 -27.79
N LEU D 118 -2.55 33.95 -28.01
CA LEU D 118 -1.84 35.17 -28.39
C LEU D 118 -2.20 36.28 -27.42
N HIS D 119 -1.32 37.27 -27.33
CA HIS D 119 -1.54 38.46 -26.53
C HIS D 119 -0.69 39.61 -27.06
N ASP D 120 -1.34 40.73 -27.36
CA ASP D 120 -0.68 41.91 -27.92
C ASP D 120 -0.42 42.91 -26.78
N LYS D 121 0.83 42.92 -26.27
CA LYS D 121 1.25 43.90 -25.24
C LYS D 121 2.18 44.94 -25.84
N ASN D 122 1.83 46.23 -25.67
CA ASN D 122 2.61 47.39 -26.18
C ASN D 122 2.68 47.54 -27.71
N GLY D 123 1.76 46.90 -28.44
CA GLY D 123 1.74 46.96 -29.91
C GLY D 123 2.42 45.80 -30.64
N LYS D 124 3.26 45.02 -29.94
CA LYS D 124 3.92 43.83 -30.51
C LYS D 124 3.14 42.56 -30.14
N SER D 125 3.18 41.55 -31.00
CA SER D 125 2.47 40.28 -30.77
C SER D 125 3.32 39.22 -30.06
N TYR D 126 2.72 38.53 -29.08
CA TYR D 126 3.37 37.44 -28.35
C TYR D 126 2.52 36.19 -28.39
N ARG D 127 3.18 35.04 -28.46
CA ARG D 127 2.54 33.74 -28.31
C ARG D 127 2.83 33.22 -26.90
N PHE D 128 1.91 32.43 -26.33
CA PHE D 128 2.08 31.93 -24.97
C PHE D 128 1.59 30.50 -24.82
N MET D 129 2.12 29.80 -23.83
CA MET D 129 1.71 28.44 -23.49
C MET D 129 1.54 28.31 -21.99
N ILE D 130 0.42 27.70 -21.57
CA ILE D 130 0.14 27.41 -20.18
C ILE D 130 0.60 25.97 -19.91
N MET D 131 1.50 25.79 -18.94
CA MET D 131 2.03 24.48 -18.55
C MET D 131 1.94 24.29 -17.04
N ASP D 132 2.06 23.04 -16.58
CA ASP D 132 2.24 22.73 -15.16
C ASP D 132 3.31 23.61 -14.51
N ARG D 133 3.05 24.06 -13.30
CA ARG D 133 4.09 24.61 -12.42
C ARG D 133 4.79 23.43 -11.73
N PHE D 134 6.13 23.41 -11.83
CA PHE D 134 6.95 22.41 -11.15
C PHE D 134 7.68 23.01 -9.94
N GLY D 135 8.48 22.19 -9.28
CA GLY D 135 9.39 22.64 -8.22
C GLY D 135 10.75 23.03 -8.80
N SER D 136 11.79 22.70 -8.06
CA SER D 136 13.16 23.01 -8.44
C SER D 136 13.64 22.23 -9.68
N ASP D 137 14.52 22.86 -10.46
CA ASP D 137 15.29 22.14 -11.49
C ASP D 137 16.43 21.34 -10.83
N LEU D 138 16.97 20.36 -11.55
CA LEU D 138 18.05 19.52 -11.02
C LEU D 138 19.43 20.22 -10.97
N GLN D 139 19.67 21.20 -11.85
CA GLN D 139 20.93 21.96 -11.85
C GLN D 139 21.16 22.73 -10.54
N LYS D 140 20.10 23.31 -9.95
CA LYS D 140 20.25 23.99 -8.64
C LYS D 140 20.66 23.02 -7.52
N ILE D 141 20.06 21.82 -7.52
CA ILE D 141 20.31 20.81 -6.50
C ILE D 141 21.71 20.18 -6.68
N TYR D 142 22.06 19.85 -7.91
CA TYR D 142 23.41 19.38 -8.27
C TYR D 142 24.51 20.33 -7.73
N GLU D 143 24.35 21.62 -8.03
CA GLU D 143 25.27 22.65 -7.55
C GLU D 143 25.30 22.78 -6.03
N ALA D 144 24.14 22.69 -5.39
CA ALA D 144 24.06 22.72 -3.92
C ALA D 144 24.66 21.45 -3.29
N ASN D 145 24.73 20.36 -4.05
CA ASN D 145 25.32 19.09 -3.62
C ASN D 145 26.79 18.95 -4.12
N ALA D 146 27.49 20.08 -4.31
CA ALA D 146 28.91 20.13 -4.76
C ALA D 146 29.18 19.49 -6.12
N LYS D 147 28.20 19.59 -7.02
CA LYS D 147 28.23 18.98 -8.34
C LYS D 147 28.46 17.48 -8.37
N ARG D 148 27.77 16.76 -7.48
CA ARG D 148 27.67 15.33 -7.59
C ARG D 148 26.20 14.91 -7.41
N PHE D 149 25.81 13.84 -8.08
CA PHE D 149 24.72 13.01 -7.62
C PHE D 149 25.28 11.62 -7.33
N SER D 150 24.75 10.95 -6.31
CA SER D 150 25.15 9.57 -5.99
C SER D 150 24.85 8.64 -7.15
N ARG D 151 25.56 7.52 -7.19
CA ARG D 151 25.29 6.50 -8.21
C ARG D 151 23.83 6.06 -8.18
N LYS D 152 23.29 5.83 -6.98
CA LYS D 152 21.85 5.55 -6.78
C LYS D 152 20.96 6.59 -7.49
N THR D 153 21.16 7.85 -7.16
CA THR D 153 20.40 8.96 -7.74
C THR D 153 20.44 9.01 -9.26
N VAL D 154 21.65 8.85 -9.80
CA VAL D 154 21.85 8.94 -11.24
C VAL D 154 21.10 7.82 -11.96
N LEU D 155 21.15 6.62 -11.41
CA LEU D 155 20.48 5.47 -12.02
C LEU D 155 18.95 5.58 -11.94
N GLN D 156 18.44 6.04 -10.79
CA GLN D 156 17.01 6.31 -10.63
C GLN D 156 16.51 7.42 -11.57
N LEU D 157 17.24 8.54 -11.64
CA LEU D 157 16.91 9.60 -12.60
C LEU D 157 16.87 9.06 -14.01
N SER D 158 17.90 8.31 -14.39
CA SER D 158 18.07 7.85 -15.75
C SER D 158 17.02 6.83 -16.20
N LEU D 159 16.58 5.97 -15.29
CA LEU D 159 15.47 5.05 -15.55
C LEU D 159 14.20 5.81 -15.92
N ARG D 160 13.90 6.85 -15.17
CA ARG D 160 12.73 7.69 -15.42
C ARG D 160 12.85 8.50 -16.70
N ILE D 161 14.07 8.95 -17.02
CA ILE D 161 14.32 9.65 -18.27
C ILE D 161 14.17 8.66 -19.46
N LEU D 162 14.63 7.42 -19.30
CA LEU D 162 14.36 6.39 -20.32
C LEU D 162 12.87 6.21 -20.61
N ASP D 163 12.04 6.27 -19.57
CA ASP D 163 10.58 6.20 -19.78
C ASP D 163 10.11 7.38 -20.67
N ILE D 164 10.60 8.59 -20.36
CA ILE D 164 10.21 9.80 -21.10
C ILE D 164 10.68 9.70 -22.54
N LEU D 165 11.95 9.30 -22.73
CA LEU D 165 12.48 9.20 -24.09
C LEU D 165 11.76 8.16 -24.95
N GLU D 166 11.50 6.97 -24.39
CA GLU D 166 10.76 5.94 -25.09
C GLU D 166 9.35 6.44 -25.51
N TYR D 167 8.67 7.13 -24.62
CA TYR D 167 7.39 7.72 -24.94
C TYR D 167 7.47 8.66 -26.14
N ILE D 168 8.30 9.71 -26.05
CA ILE D 168 8.36 10.72 -27.13
C ILE D 168 8.88 10.10 -28.44
N HIS D 169 9.85 9.18 -28.33
CA HIS D 169 10.37 8.47 -29.51
C HIS D 169 9.28 7.68 -30.22
N GLU D 170 8.47 6.97 -29.44
CA GLU D 170 7.35 6.20 -30.03
C GLU D 170 6.25 7.09 -30.54
N HIS D 171 6.24 8.38 -30.16
CA HIS D 171 5.36 9.38 -30.73
C HIS D 171 6.05 10.32 -31.75
N GLU D 172 7.03 9.77 -32.46
CA GLU D 172 7.79 10.42 -33.55
C GLU D 172 8.67 11.65 -33.24
N TYR D 173 9.04 11.86 -31.99
CA TYR D 173 9.86 13.01 -31.56
C TYR D 173 11.10 12.63 -30.74
N VAL D 174 12.14 13.46 -30.87
CA VAL D 174 13.33 13.40 -30.01
C VAL D 174 13.46 14.77 -29.39
N HIS D 175 14.09 14.81 -28.22
CA HIS D 175 14.19 16.04 -27.43
C HIS D 175 15.37 16.91 -27.82
N GLY D 176 16.55 16.29 -27.90
CA GLY D 176 17.78 16.95 -28.34
C GLY D 176 18.54 17.80 -27.33
N ASP D 177 18.04 17.90 -26.10
CA ASP D 177 18.62 18.82 -25.11
C ASP D 177 18.38 18.40 -23.67
N ILE D 178 18.55 17.11 -23.39
CA ILE D 178 18.46 16.59 -22.03
C ILE D 178 19.67 17.14 -21.23
N LYS D 179 19.37 17.71 -20.07
CA LYS D 179 20.37 18.22 -19.11
C LYS D 179 19.61 18.57 -17.82
N ALA D 180 20.36 18.75 -16.73
CA ALA D 180 19.78 18.98 -15.41
C ALA D 180 18.91 20.21 -15.32
N SER D 181 19.27 21.28 -16.02
CA SER D 181 18.44 22.49 -16.03
C SER D 181 17.07 22.34 -16.74
N ASN D 182 16.92 21.29 -17.57
CA ASN D 182 15.62 20.93 -18.18
C ASN D 182 14.94 19.71 -17.50
N LEU D 183 15.37 19.39 -16.28
CA LEU D 183 14.74 18.36 -15.48
C LEU D 183 14.21 18.99 -14.18
N LEU D 184 12.88 19.02 -14.05
CA LEU D 184 12.21 19.69 -12.94
C LEU D 184 11.43 18.64 -12.14
N LEU D 185 11.42 18.81 -10.81
CA LEU D 185 10.69 17.91 -9.93
C LEU D 185 9.23 18.33 -9.88
N ASN D 186 8.34 17.34 -9.73
CA ASN D 186 6.93 17.53 -9.41
C ASN D 186 6.84 18.42 -8.15
N TYR D 187 6.07 19.49 -8.23
CA TYR D 187 5.86 20.44 -7.13
C TYR D 187 5.32 19.74 -5.85
N LYS D 188 4.52 18.69 -6.06
CA LYS D 188 3.89 17.93 -4.99
C LYS D 188 4.61 16.61 -4.64
N ASN D 189 5.61 16.19 -5.43
CA ASN D 189 6.31 14.92 -5.19
C ASN D 189 7.78 15.01 -5.63
N PRO D 190 8.70 15.23 -4.66
CA PRO D 190 10.12 15.37 -5.05
C PRO D 190 10.81 14.12 -5.62
N ASP D 191 10.13 12.97 -5.65
CA ASP D 191 10.69 11.76 -6.29
C ASP D 191 10.27 11.57 -7.77
N GLN D 192 9.56 12.54 -8.34
CA GLN D 192 9.12 12.46 -9.73
C GLN D 192 9.78 13.58 -10.53
N VAL D 193 10.56 13.19 -11.55
CA VAL D 193 11.28 14.15 -12.36
C VAL D 193 10.67 14.23 -13.75
N TYR D 194 10.51 15.47 -14.23
CA TYR D 194 9.90 15.77 -15.52
C TYR D 194 10.95 16.38 -16.44
N LEU D 195 10.86 16.07 -17.73
CA LEU D 195 11.72 16.65 -18.77
C LEU D 195 10.94 17.76 -19.45
N VAL D 196 11.47 18.98 -19.43
CA VAL D 196 10.81 20.16 -19.99
C VAL D 196 11.58 20.76 -21.19
N ASP D 197 11.01 21.79 -21.80
CA ASP D 197 11.65 22.54 -22.91
C ASP D 197 11.86 21.69 -24.17
N TYR D 198 10.80 21.61 -24.96
CA TYR D 198 10.80 20.89 -26.23
C TYR D 198 11.05 21.86 -27.40
N GLY D 199 11.62 23.04 -27.11
CA GLY D 199 11.96 24.02 -28.17
C GLY D 199 12.93 23.54 -29.24
N LEU D 200 13.81 22.59 -28.90
CA LEU D 200 14.66 21.95 -29.92
C LEU D 200 14.15 20.60 -30.36
N ALA D 201 12.92 20.21 -29.99
CA ALA D 201 12.44 18.88 -30.30
C ALA D 201 12.21 18.78 -31.81
N TYR D 202 12.42 17.58 -32.33
CA TYR D 202 12.37 17.33 -33.74
C TYR D 202 11.50 16.11 -34.01
N ARG D 203 10.59 16.28 -34.97
CA ARG D 203 9.72 15.22 -35.36
C ARG D 203 10.51 14.38 -36.31
N TYR D 204 11.32 13.50 -35.78
CA TYR D 204 12.21 12.63 -36.54
C TYR D 204 11.65 11.59 -37.50
N CYS D 205 10.44 11.11 -37.23
N CYS D 205 10.46 11.05 -37.20
CA CYS D 205 9.86 10.07 -38.04
CA CYS D 205 9.85 10.09 -38.08
C CYS D 205 8.37 10.31 -38.28
C CYS D 205 8.36 10.33 -38.28
N PRO D 206 8.02 11.35 -39.03
CA PRO D 206 6.60 11.65 -39.30
C PRO D 206 5.90 10.47 -39.97
N GLU D 207 4.77 10.02 -39.45
CA GLU D 207 4.05 8.90 -40.06
C GLU D 207 4.86 7.60 -40.28
N GLY D 208 5.80 7.28 -39.40
CA GLY D 208 6.58 6.07 -39.54
C GLY D 208 7.70 6.03 -40.58
N VAL D 209 8.03 7.16 -41.17
CA VAL D 209 9.12 7.19 -42.14
C VAL D 209 10.22 7.98 -41.47
N HIS D 210 11.38 7.40 -41.31
CA HIS D 210 12.47 8.11 -40.66
C HIS D 210 13.10 9.15 -41.58
N LYS D 211 13.47 10.26 -41.05
CA LYS D 211 14.37 11.25 -41.68
C LYS D 211 15.70 10.60 -42.11
N ALA D 212 16.10 10.80 -43.36
CA ALA D 212 17.36 10.24 -43.88
C ALA D 212 18.58 10.96 -43.30
N TYR D 213 19.69 10.23 -43.17
CA TYR D 213 20.91 10.81 -42.67
C TYR D 213 21.42 11.86 -43.65
N ALA D 214 21.62 13.09 -43.20
CA ALA D 214 22.26 14.13 -44.02
C ALA D 214 22.87 15.23 -43.14
N ALA D 215 24.05 15.71 -43.53
CA ALA D 215 24.74 16.77 -42.80
C ALA D 215 24.39 18.11 -43.43
N ASP D 216 23.81 18.99 -42.64
CA ASP D 216 23.35 20.31 -43.04
C ASP D 216 24.20 21.34 -42.27
N PRO D 217 24.96 22.20 -42.97
CA PRO D 217 25.82 23.21 -42.26
C PRO D 217 25.07 24.12 -41.30
N LYS D 218 23.78 24.38 -41.58
CA LYS D 218 22.91 25.18 -40.71
C LYS D 218 22.60 24.55 -39.36
N ARG D 219 22.70 23.22 -39.25
CA ARG D 219 22.43 22.51 -37.98
C ARG D 219 23.63 22.29 -37.08
N CYS D 220 24.86 22.48 -37.60
CA CYS D 220 26.06 22.03 -36.89
C CYS D 220 26.12 22.62 -35.48
N HIS D 221 26.33 21.75 -34.51
CA HIS D 221 26.48 22.10 -33.09
C HIS D 221 25.19 22.65 -32.41
N ASP D 222 24.02 22.25 -32.91
CA ASP D 222 22.77 22.48 -32.18
C ASP D 222 22.75 21.66 -30.89
N GLY D 223 22.01 22.15 -29.92
CA GLY D 223 21.93 21.53 -28.61
C GLY D 223 22.84 22.27 -27.67
N THR D 224 23.06 21.71 -26.48
CA THR D 224 23.94 22.33 -25.50
C THR D 224 25.28 21.66 -25.72
N ILE D 225 26.30 22.46 -25.99
CA ILE D 225 27.55 21.97 -26.59
C ILE D 225 28.25 20.89 -25.76
N GLU D 226 28.23 21.01 -24.42
CA GLU D 226 28.92 20.00 -23.62
C GLU D 226 28.22 18.63 -23.61
N PHE D 227 26.91 18.62 -23.86
CA PHE D 227 26.10 17.37 -23.85
C PHE D 227 25.60 16.89 -25.20
N THR D 228 25.66 17.73 -26.25
CA THR D 228 24.97 17.41 -27.50
C THR D 228 25.65 16.21 -28.20
N SER D 229 24.95 15.65 -29.17
CA SER D 229 25.36 14.41 -29.82
C SER D 229 26.32 14.67 -30.94
N ILE D 230 27.09 13.64 -31.27
CA ILE D 230 28.02 13.71 -32.43
C ILE D 230 27.24 14.02 -33.69
N ASP D 231 26.06 13.41 -33.82
CA ASP D 231 25.17 13.73 -34.94
C ASP D 231 24.94 15.23 -35.01
N ALA D 232 24.56 15.84 -33.90
CA ALA D 232 24.27 17.28 -33.89
C ALA D 232 25.49 18.12 -34.21
N HIS D 233 26.66 17.72 -33.68
CA HIS D 233 27.93 18.38 -33.99
C HIS D 233 28.17 18.37 -35.49
N ASN D 234 27.82 17.25 -36.13
CA ASN D 234 28.00 17.07 -37.58
C ASN D 234 26.93 17.78 -38.44
N GLY D 235 25.96 18.45 -37.81
CA GLY D 235 24.84 19.07 -38.56
C GLY D 235 23.80 18.09 -39.06
N VAL D 236 23.72 16.93 -38.41
CA VAL D 236 22.70 15.93 -38.73
C VAL D 236 21.53 16.14 -37.79
N ALA D 237 20.32 16.10 -38.35
CA ALA D 237 19.08 16.25 -37.59
C ALA D 237 19.04 15.18 -36.50
N PRO D 238 18.63 15.54 -35.27
CA PRO D 238 18.74 14.61 -34.15
C PRO D 238 17.82 13.39 -34.32
N SER D 239 18.29 12.24 -33.87
CA SER D 239 17.50 11.02 -33.89
C SER D 239 17.60 10.35 -32.52
N ARG D 240 17.09 9.13 -32.43
CA ARG D 240 16.93 8.48 -31.14
C ARG D 240 18.27 8.19 -30.45
N ARG D 241 19.28 7.75 -31.21
CA ARG D 241 20.58 7.46 -30.61
C ARG D 241 21.17 8.72 -30.00
N GLY D 242 20.95 9.87 -30.63
CA GLY D 242 21.42 11.14 -30.07
C GLY D 242 20.90 11.44 -28.67
N ASP D 243 19.61 11.23 -28.45
CA ASP D 243 18.99 11.46 -27.13
C ASP D 243 19.64 10.57 -26.06
N LEU D 244 19.90 9.31 -26.42
CA LEU D 244 20.50 8.36 -25.50
C LEU D 244 21.96 8.72 -25.23
N GLU D 245 22.64 9.23 -26.25
CA GLU D 245 24.02 9.68 -26.12
C GLU D 245 24.10 10.88 -25.19
N ILE D 246 23.18 11.83 -25.35
CA ILE D 246 23.10 13.01 -24.50
C ILE D 246 22.91 12.59 -23.04
N LEU D 247 21.97 11.65 -22.78
CA LEU D 247 21.78 11.14 -21.43
C LEU D 247 23.10 10.53 -20.86
N GLY D 248 23.86 9.83 -21.70
CA GLY D 248 25.13 9.21 -21.28
C GLY D 248 26.11 10.24 -20.73
N TYR D 249 26.27 11.35 -21.47
CA TYR D 249 27.12 12.45 -21.07
C TYR D 249 26.61 13.08 -19.78
N CYS D 250 25.28 13.23 -19.67
CA CYS D 250 24.67 13.74 -18.44
C CYS D 250 25.00 12.85 -17.24
N MET D 251 24.83 11.54 -17.40
CA MET D 251 25.12 10.60 -16.31
C MET D 251 26.57 10.76 -15.82
N ILE D 252 27.52 10.86 -16.74
CA ILE D 252 28.93 10.99 -16.36
C ILE D 252 29.19 12.33 -15.66
N GLN D 253 28.64 13.42 -16.20
CA GLN D 253 28.71 14.75 -15.57
C GLN D 253 28.16 14.69 -14.16
N TRP D 254 27.03 14.03 -13.97
CA TRP D 254 26.41 13.90 -12.64
C TRP D 254 27.24 13.06 -11.67
N LEU D 255 27.75 11.94 -12.13
CA LEU D 255 28.55 11.05 -11.29
C LEU D 255 29.90 11.65 -10.84
N THR D 256 30.58 12.34 -11.77
CA THR D 256 31.98 12.76 -11.59
C THR D 256 32.21 14.27 -11.42
N GLY D 257 31.23 15.09 -11.77
CA GLY D 257 31.36 16.54 -11.71
C GLY D 257 31.96 17.19 -12.96
N HIS D 258 32.38 16.36 -13.93
CA HIS D 258 33.20 16.79 -15.06
C HIS D 258 32.89 16.00 -16.37
N LEU D 259 33.29 16.61 -17.49
CA LEU D 259 33.40 15.94 -18.79
C LEU D 259 34.81 16.27 -19.37
N PRO D 260 35.41 15.33 -20.14
CA PRO D 260 36.78 15.53 -20.68
C PRO D 260 36.97 16.79 -21.55
N TRP D 261 35.91 17.24 -22.22
CA TRP D 261 35.98 18.34 -23.17
C TRP D 261 35.55 19.69 -22.56
N GLU D 262 35.33 19.73 -21.24
CA GLU D 262 34.74 20.91 -20.58
C GLU D 262 35.64 22.17 -20.53
N ASP D 263 36.95 22.03 -20.78
CA ASP D 263 37.88 23.17 -20.72
C ASP D 263 38.12 23.89 -22.06
N ASN D 264 37.43 23.47 -23.11
CA ASN D 264 37.52 24.18 -24.38
C ASN D 264 36.20 24.04 -25.16
N LEU D 265 35.12 24.44 -24.49
CA LEU D 265 33.77 24.45 -25.08
C LEU D 265 33.56 25.61 -26.07
N LYS D 266 34.48 26.61 -26.05
CA LYS D 266 34.55 27.66 -27.07
C LYS D 266 35.05 27.14 -28.43
N ASP D 267 35.51 25.88 -28.51
CA ASP D 267 36.01 25.30 -29.76
C ASP D 267 35.16 24.08 -30.11
N PRO D 268 34.09 24.31 -30.91
CA PRO D 268 33.15 23.21 -31.14
C PRO D 268 33.75 22.01 -31.89
N LYS D 269 34.70 22.26 -32.79
CA LYS D 269 35.41 21.20 -33.47
C LYS D 269 36.10 20.27 -32.48
N TYR D 270 36.80 20.87 -31.52
CA TYR D 270 37.48 20.13 -30.46
C TYR D 270 36.50 19.29 -29.63
N VAL D 271 35.33 19.86 -29.31
CA VAL D 271 34.34 19.15 -28.55
C VAL D 271 33.85 17.91 -29.30
N ARG D 272 33.50 18.11 -30.58
CA ARG D 272 33.09 17.03 -31.48
C ARG D 272 34.14 15.93 -31.53
N ASP D 273 35.38 16.34 -31.85
CA ASP D 273 36.49 15.40 -32.07
C ASP D 273 36.78 14.60 -30.81
N SER D 274 36.71 15.25 -29.65
CA SER D 274 36.90 14.58 -28.37
C SER D 274 35.81 13.51 -28.08
N LYS D 275 34.55 13.84 -28.33
CA LYS D 275 33.48 12.84 -28.27
C LYS D 275 33.65 11.68 -29.26
N ILE D 276 34.05 11.97 -30.49
CA ILE D 276 34.31 10.91 -31.48
C ILE D 276 35.43 9.99 -31.01
N ARG D 277 36.50 10.55 -30.46
N ARG D 277 36.49 10.58 -30.46
CA ARG D 277 37.59 9.74 -29.89
CA ARG D 277 37.61 9.87 -29.86
C ARG D 277 37.11 8.86 -28.73
C ARG D 277 37.16 8.93 -28.73
N TYR D 278 36.33 9.45 -27.81
CA TYR D 278 35.82 8.68 -26.67
C TYR D 278 34.68 7.70 -26.99
N ARG D 279 34.03 7.85 -28.15
CA ARG D 279 33.15 6.82 -28.71
C ARG D 279 33.98 5.69 -29.31
N GLU D 280 35.03 6.05 -30.05
CA GLU D 280 35.91 5.04 -30.67
C GLU D 280 36.57 4.17 -29.59
N ASN D 281 37.00 4.77 -28.50
CA ASN D 281 37.62 4.03 -27.39
C ASN D 281 36.92 4.36 -26.07
N ILE D 282 35.91 3.57 -25.73
CA ILE D 282 35.11 3.78 -24.53
C ILE D 282 35.92 3.42 -23.26
N ALA D 283 36.77 2.41 -23.35
CA ALA D 283 37.71 2.12 -22.24
C ALA D 283 38.49 3.38 -21.83
N SER D 284 38.96 4.18 -22.81
CA SER D 284 39.70 5.41 -22.49
C SER D 284 38.79 6.49 -21.88
N LEU D 285 37.52 6.51 -22.27
CA LEU D 285 36.53 7.38 -21.62
C LEU D 285 36.38 7.06 -20.13
N MET D 286 36.22 5.78 -19.84
CA MET D 286 36.08 5.31 -18.46
C MET D 286 37.34 5.65 -17.65
N ASP D 287 38.52 5.43 -18.24
CA ASP D 287 39.81 5.76 -17.60
C ASP D 287 39.92 7.25 -17.28
N LYS D 288 39.48 8.07 -18.22
CA LYS D 288 39.58 9.51 -18.09
C LYS D 288 38.62 10.07 -17.05
N CYS D 289 37.38 9.56 -17.05
CA CYS D 289 36.32 10.11 -16.17
C CYS D 289 36.27 9.51 -14.76
N PHE D 290 36.69 8.25 -14.60
CA PHE D 290 36.58 7.54 -13.32
C PHE D 290 37.93 6.98 -12.86
N PRO D 291 38.18 6.94 -11.55
CA PRO D 291 39.31 6.15 -11.03
C PRO D 291 39.18 4.69 -11.40
N ALA D 292 40.31 4.01 -11.59
CA ALA D 292 40.31 2.57 -11.87
C ALA D 292 39.60 1.73 -10.79
N ALA D 293 39.68 2.15 -9.52
CA ALA D 293 39.03 1.42 -8.42
C ALA D 293 37.51 1.67 -8.28
N ASN D 294 36.97 2.67 -8.97
CA ASN D 294 35.51 2.88 -8.99
C ASN D 294 35.01 3.35 -10.36
N ALA D 295 34.96 2.40 -11.29
CA ALA D 295 34.42 2.58 -12.63
C ALA D 295 33.10 1.82 -12.73
N PRO D 296 31.96 2.53 -12.71
CA PRO D 296 30.67 1.81 -12.82
C PRO D 296 30.47 1.13 -14.18
N GLY D 297 30.49 -0.21 -14.19
CA GLY D 297 30.36 -1.01 -15.40
C GLY D 297 29.07 -0.79 -16.18
N GLU D 298 28.00 -0.39 -15.49
CA GLU D 298 26.75 -0.09 -16.17
C GLU D 298 26.89 1.12 -17.12
N ILE D 299 27.70 2.10 -16.76
CA ILE D 299 27.90 3.29 -17.60
C ILE D 299 28.66 2.90 -18.88
N ALA D 300 29.67 2.06 -18.73
CA ALA D 300 30.42 1.57 -19.87
C ALA D 300 29.51 0.80 -20.79
N LYS D 301 28.76 -0.16 -20.24
CA LYS D 301 27.80 -0.95 -21.04
C LYS D 301 26.78 -0.07 -21.75
N TYR D 302 26.30 0.95 -21.05
CA TYR D 302 25.36 1.91 -21.62
C TYR D 302 25.95 2.57 -22.86
N MET D 303 27.16 3.14 -22.69
CA MET D 303 27.82 3.87 -23.76
C MET D 303 28.16 2.95 -24.93
N GLU D 304 28.58 1.71 -24.66
CA GLU D 304 28.81 0.72 -25.73
C GLU D 304 27.53 0.42 -26.52
N THR D 305 26.42 0.33 -25.80
CA THR D 305 25.13 0.06 -26.42
C THR D 305 24.67 1.22 -27.30
N VAL D 306 24.87 2.45 -26.83
CA VAL D 306 24.56 3.63 -27.63
C VAL D 306 25.48 3.71 -28.88
N LYS D 307 26.76 3.34 -28.72
CA LYS D 307 27.74 3.26 -29.82
C LYS D 307 27.28 2.36 -30.98
N LEU D 308 26.71 1.20 -30.62
CA LEU D 308 26.18 0.25 -31.60
C LEU D 308 24.95 0.70 -32.39
N LEU D 309 24.24 1.73 -31.94
CA LEU D 309 23.04 2.20 -32.64
C LEU D 309 23.41 2.91 -33.94
N ASP D 310 22.75 2.51 -35.03
CA ASP D 310 22.74 3.28 -36.26
C ASP D 310 21.77 4.44 -36.17
N TYR D 311 21.97 5.41 -37.06
CA TYR D 311 21.18 6.64 -37.05
C TYR D 311 19.66 6.45 -37.05
N THR D 312 19.17 5.53 -37.88
CA THR D 312 17.75 5.24 -37.95
C THR D 312 17.30 4.12 -37.02
N GLU D 313 18.23 3.50 -36.28
CA GLU D 313 17.91 2.30 -35.49
C GLU D 313 17.00 2.54 -34.26
N LYS D 314 16.01 1.67 -34.09
CA LYS D 314 15.16 1.72 -32.90
C LYS D 314 15.96 1.12 -31.74
N PRO D 315 16.20 1.91 -30.67
CA PRO D 315 16.86 1.33 -29.49
C PRO D 315 16.07 0.18 -28.86
N LEU D 316 16.78 -0.80 -28.31
CA LEU D 316 16.16 -1.81 -27.46
C LEU D 316 16.14 -1.26 -26.05
N TYR D 317 15.05 -0.58 -25.73
CA TYR D 317 14.92 0.22 -24.50
C TYR D 317 14.98 -0.66 -23.22
N GLU D 318 14.44 -1.87 -23.31
CA GLU D 318 14.47 -2.82 -22.17
C GLU D 318 15.88 -3.27 -21.84
N ASN D 319 16.71 -3.46 -22.87
CA ASN D 319 18.13 -3.81 -22.70
C ASN D 319 18.87 -2.62 -21.99
N LEU D 320 18.49 -1.38 -22.30
CA LEU D 320 19.07 -0.19 -21.61
C LEU D 320 18.62 -0.09 -20.16
N ARG D 321 17.33 -0.33 -19.90
CA ARG D 321 16.81 -0.38 -18.52
C ARG D 321 17.53 -1.44 -17.71
N ASP D 322 17.66 -2.62 -18.27
CA ASP D 322 18.29 -3.76 -17.57
C ASP D 322 19.76 -3.46 -17.25
N ILE D 323 20.45 -2.78 -18.18
CA ILE D 323 21.82 -2.31 -17.93
C ILE D 323 21.87 -1.42 -16.69
N LEU D 324 20.99 -0.43 -16.60
CA LEU D 324 20.95 0.44 -15.40
C LEU D 324 20.46 -0.29 -14.13
N LEU D 325 19.52 -1.22 -14.27
CA LEU D 325 19.03 -2.00 -13.13
C LEU D 325 20.13 -2.87 -12.53
N GLN D 326 21.01 -3.44 -13.37
CA GLN D 326 22.18 -4.19 -12.90
C GLN D 326 23.12 -3.35 -12.06
N GLY D 327 23.24 -2.07 -12.41
CA GLY D 327 23.95 -1.09 -11.57
C GLY D 327 23.35 -0.99 -10.17
N LEU D 328 22.03 -0.85 -10.10
CA LEU D 328 21.33 -0.78 -8.81
C LEU D 328 21.54 -2.06 -7.98
N LYS D 329 21.40 -3.23 -8.61
CA LYS D 329 21.71 -4.51 -7.96
C LYS D 329 23.15 -4.55 -7.45
N ALA D 330 24.06 -4.03 -8.26
CA ALA D 330 25.49 -4.04 -7.94
C ALA D 330 25.87 -3.19 -6.73
N ILE D 331 25.16 -2.08 -6.51
CA ILE D 331 25.36 -1.28 -5.29
C ILE D 331 24.50 -1.74 -4.09
N GLY D 332 23.70 -2.80 -4.26
CA GLY D 332 22.89 -3.35 -3.17
C GLY D 332 21.58 -2.60 -2.96
N SER D 333 20.95 -2.20 -4.06
CA SER D 333 19.68 -1.47 -4.02
C SER D 333 18.73 -2.02 -5.10
N LYS D 334 17.67 -1.27 -5.37
CA LYS D 334 16.62 -1.68 -6.29
C LYS D 334 15.96 -0.44 -6.81
N ASP D 335 15.23 -0.58 -7.91
CA ASP D 335 14.34 0.48 -8.40
C ASP D 335 13.15 0.63 -7.45
N ASP D 336 13.36 1.41 -6.39
CA ASP D 336 12.31 1.75 -5.42
C ASP D 336 11.69 3.13 -5.68
N GLY D 337 11.96 3.71 -6.85
CA GLY D 337 11.44 5.04 -7.19
C GLY D 337 11.96 6.23 -6.39
N LYS D 338 12.91 6.01 -5.45
CA LYS D 338 13.44 7.07 -4.57
C LYS D 338 14.68 7.71 -5.21
N LEU D 339 14.61 9.01 -5.48
CA LEU D 339 15.70 9.75 -6.15
C LEU D 339 16.86 10.12 -5.21
N ASP D 340 16.57 10.30 -3.92
CA ASP D 340 17.56 10.55 -2.87
C ASP D 340 18.28 11.90 -3.03
N LEU D 341 17.52 12.97 -3.22
CA LEU D 341 18.10 14.31 -3.45
C LEU D 341 18.21 15.18 -2.18
C4 F8Y E . 28.59 2.52 30.42
C14 F8Y E . 28.03 3.08 37.16
C5 F8Y E . 29.37 3.47 31.02
C6 F8Y E . 29.70 3.33 32.37
C11 F8Y E . 28.23 5.21 38.51
C7 F8Y E . 30.35 4.92 34.20
C8 F8Y E . 29.42 4.99 36.32
C9 F8Y E . 30.13 6.20 36.59
C10 F8Y E . 30.96 6.66 35.56
C12 F8Y E . 29.20 6.33 38.86
C13 F8Y E . 26.80 5.74 38.43
N1 F8Y E . 30.49 4.32 32.98
N2 F8Y E . 29.54 4.37 35.13
C3 F8Y E . 28.10 1.41 31.12
N3 F8Y E . 31.05 6.05 34.38
C1 F8Y E . 29.22 2.23 33.09
C2 F8Y E . 28.44 1.30 32.45
F1 F8Y E . 28.29 2.64 29.11
O1 F8Y E . 27.33 0.47 30.53
F2 F8Y E . 27.97 0.24 33.16
N4 F8Y E . 28.58 4.44 37.30
N5 F8Y E . 30.00 6.83 37.86
O2 F8Y E . 29.24 6.76 40.00
C15 F8Y E . 26.73 3.01 36.38
C16 F8Y E . 30.78 8.05 38.15
C17 F8Y E . 32.20 7.78 38.41
C18 F8Y E . 33.34 7.53 38.57
S SO4 F . 7.23 12.65 49.87
O1 SO4 F . 8.21 12.46 48.78
O2 SO4 F . 7.60 13.84 50.68
O3 SO4 F . 7.23 11.46 50.76
O4 SO4 F . 5.88 12.86 49.30
S SO4 G . 48.22 -14.54 34.71
O1 SO4 G . 49.36 -15.49 34.73
O2 SO4 G . 48.72 -13.15 34.66
O3 SO4 G . 47.40 -14.71 35.94
O4 SO4 G . 47.39 -14.80 33.51
C ACT H . 23.22 2.32 10.35
O ACT H . 23.67 2.39 11.52
OXT ACT H . 22.41 3.17 9.92
CH3 ACT H . 23.66 1.21 9.45
C1 GOL I . 0.09 -1.32 26.98
O1 GOL I . 0.48 -2.40 26.14
C2 GOL I . 0.56 0.03 26.40
O2 GOL I . 0.18 1.13 27.25
C3 GOL I . 0.09 0.36 24.97
O3 GOL I . -0.44 -0.73 24.19
C4 F8Y J . -30.68 13.23 9.58
C14 F8Y J . -34.07 10.81 6.45
C5 F8Y J . -30.78 13.12 8.22
C6 F8Y J . -29.66 13.35 7.44
C11 F8Y J . -34.02 9.39 4.36
C7 F8Y J . -30.44 12.47 5.20
C8 F8Y J . -32.25 11.10 4.76
C9 F8Y J . -31.78 10.93 3.41
C10 F8Y J . -30.59 11.60 3.08
C12 F8Y J . -33.58 9.35 2.90
C13 F8Y J . -33.80 8.05 5.03
N1 F8Y J . -29.71 13.26 6.03
N2 F8Y J . -31.57 11.89 5.63
C3 F8Y J . -29.50 13.58 10.20
N3 F8Y J . -29.94 12.35 3.96
C1 F8Y J . -28.45 13.71 8.04
C2 F8Y J . -28.39 13.82 9.41
F1 F8Y J . -31.78 13.00 10.34
O1 F8Y J . -29.43 13.68 11.55
F2 F8Y J . -27.23 14.16 10.00
N4 F8Y J . -33.41 10.47 5.17
N5 F8Y J . -32.50 10.09 2.51
O2 F8Y J . -34.18 8.63 2.12
C15 F8Y J . -34.93 12.05 6.38
C16 F8Y J . -32.02 9.95 1.11
C17 F8Y J . -32.26 11.13 0.29
C18 F8Y J . -32.47 12.07 -0.40
S SO4 K . -11.04 15.93 21.05
O1 SO4 K . -10.32 15.22 22.12
O2 SO4 K . -10.12 16.85 20.35
O3 SO4 K . -11.56 14.95 20.06
O4 SO4 K . -12.15 16.74 21.62
S SO4 L . -27.88 -4.02 37.42
O1 SO4 L . -26.54 -4.11 36.80
O2 SO4 L . -28.14 -2.61 37.80
O3 SO4 L . -27.90 -4.90 38.61
O4 SO4 L . -28.92 -4.47 36.47
S SO4 M . -40.88 -13.72 8.94
O1 SO4 M . -39.93 -12.58 9.05
O2 SO4 M . -40.82 -14.28 7.56
O3 SO4 M . -42.25 -13.24 9.21
O4 SO4 M . -40.52 -14.77 9.91
CL CL N . -21.30 -20.53 16.76
CL CL O . -26.02 20.51 28.51
S SO4 P . -10.08 -3.15 -37.75
O1 SO4 P . -8.88 -2.29 -37.66
O2 SO4 P . -9.76 -4.51 -38.24
O3 SO4 P . -11.02 -2.52 -38.68
O4 SO4 P . -10.69 -3.20 -36.40
S SO4 Q . -2.96 -22.35 -49.13
O1 SO4 Q . -1.72 -23.07 -49.51
O2 SO4 Q . -2.64 -20.93 -48.83
O3 SO4 Q . -3.93 -22.42 -50.23
O4 SO4 Q . -3.55 -23.00 -47.92
S SO4 R . -11.18 -24.03 -6.19
O1 SO4 R . -9.77 -24.49 -6.24
O2 SO4 R . -11.60 -23.54 -7.53
O3 SO4 R . -12.05 -25.15 -5.76
O4 SO4 R . -11.30 -22.93 -5.19
C4 F8Y S . 7.31 23.61 -18.57
C14 F8Y S . 12.03 27.41 -14.93
C5 F8Y S . 7.04 23.96 -17.28
C6 F8Y S . 7.87 24.87 -16.63
C11 F8Y S . 12.45 27.21 -12.44
C7 F8Y S . 8.30 25.63 -14.24
C8 F8Y S . 10.24 26.53 -13.39
C9 F8Y S . 9.72 26.45 -12.07
C10 F8Y S . 8.40 25.93 -11.97
C12 F8Y S . 11.72 27.44 -11.12
C13 F8Y S . 13.39 26.04 -12.36
N1 F8Y S . 7.53 25.21 -15.29
N2 F8Y S . 9.53 26.12 -14.45
C3 F8Y S . 8.39 24.14 -19.26
N3 F8Y S . 7.72 25.52 -13.03
C1 F8Y S . 8.95 25.43 -17.30
C2 F8Y S . 9.20 25.05 -18.60
F1 F8Y S . 6.52 22.71 -19.19
O1 F8Y S . 8.66 23.77 -20.54
F2 F8Y S . 10.26 25.58 -19.24
N4 F8Y S . 11.52 27.04 -13.59
N5 F8Y S . 10.49 26.88 -10.96
O2 F8Y S . 12.26 28.10 -10.24
C15 F8Y S . 11.77 28.84 -15.30
C16 F8Y S . 9.94 26.78 -9.59
C17 F8Y S . 9.01 27.86 -9.25
C18 F8Y S . 8.24 28.71 -8.99
S SO4 T . -1.50 7.44 -28.97
O1 SO4 T . -0.50 7.34 -27.89
O2 SO4 T . -1.24 8.62 -29.81
O3 SO4 T . -1.45 6.20 -29.78
O4 SO4 T . -2.84 7.58 -28.34
S SO4 U . 35.54 18.90 -8.15
O1 SO4 U . 36.31 20.15 -8.22
O2 SO4 U . 36.27 17.82 -8.85
O3 SO4 U . 34.22 19.12 -8.78
O4 SO4 U . 35.33 18.53 -6.73
C ACT V . 28.13 6.16 -37.36
O ACT V . 29.14 6.02 -36.64
OXT ACT V . 27.65 7.29 -37.65
CH3 ACT V . 27.48 4.93 -37.89
CL CL W . 14.13 18.81 -41.91
CL CL X . 6.16 20.39 -38.39
#